data_2Z86
#
_entry.id   2Z86
#
_cell.length_a   84.092
_cell.length_b   219.829
_cell.length_c   85.856
_cell.angle_alpha   90.00
_cell.angle_beta   103.07
_cell.angle_gamma   90.00
#
_symmetry.space_group_name_H-M   'P 1 21 1'
#
loop_
_entity.id
_entity.type
_entity.pdbx_description
1 polymer 'Chondroitin synthase'
2 non-polymer "URIDINE-5'-DIPHOSPHATE-GLUCURONIC ACID"
3 non-polymer 'MANGANESE (II) ION'
4 non-polymer "URIDINE-5'-DIPHOSPHATE"
5 water water
#
_entity_poly.entity_id   1
_entity_poly.type   'polypeptide(L)'
_entity_poly.pdbx_seq_one_letter_code
;KAVIDIDAATKIMCSNAKAISLNEVEKNEIISKYREITAKKSERAELKEVEPIPLDWPSDLTLPPLPESTNDYVWAGKRK
ELDDYPRKQLIIDGLSIVIPTYNRAKILAITLACLCNQKTIYDYEVIVADDGSKENIEEIVREFESLLNIKYVRQKDYGY
QLCAVRNLGLRAAKYNYVAILDCDMAPNPLWVQSYMELLAVDDNVALIGPRKYIDTSKHTYLDFLSQKSLINEIPEIITN
NQVAGKVEQNKSVDWRIEHFKNTDNLRLCNTPFRFFSGGNVAFAKKWLFRAGWFDEEFTHWGGEDNEFGYRLYREGCYFR
SVEGAMAYHQEPPGKENETDRAAGKNITVQLLQQKVPYFYRKKEKIESATLKRVPLVSIYIPAYNCSKYIVRCVESALNQ
TITDLEVCICDDGSTDDTLRILQEHYANHPRVRFISQKNKGIGSASNTAVRLCRGFYIGQLDSDDFLEPDAVELCLDEFR
KDLSLACVYTTNRNIDREGNLISNGYNWPIYSREKLTSAMICHHFRMFTARAWNLTEGFNESISNAVDYDMYLKLSEVGP
FKHINKICYNRVLHGENTSIKKLDIQKENHFKVVNESLSRLGIKKYKYSPLTNLNECRKYTWEKI
;
_entity_poly.pdbx_strand_id   A,B,C,D
#
loop_
_chem_comp.id
_chem_comp.type
_chem_comp.name
_chem_comp.formula
MN non-polymer 'MANGANESE (II) ION' 'Mn 2'
UDP RNA linking URIDINE-5'-DIPHOSPHATE 'C9 H14 N2 O12 P2'
UGA non-polymer 'URIDINE-5'-DIPHOSPHATE-GLUCURONIC ACID' 'C15 H22 N2 O18 P2'
#
# COMPACT_ATOMS: atom_id res chain seq x y z
N ILE A 4 -34.34 29.11 -3.77
CA ILE A 4 -33.90 27.93 -2.99
C ILE A 4 -35.08 27.40 -2.19
N ASP A 5 -36.22 28.07 -2.34
CA ASP A 5 -37.43 27.70 -1.62
C ASP A 5 -38.12 26.47 -2.23
N ILE A 6 -39.10 25.93 -1.52
CA ILE A 6 -39.86 24.77 -2.00
C ILE A 6 -41.23 25.23 -2.45
N ASP A 7 -41.95 24.38 -3.16
CA ASP A 7 -43.28 24.70 -3.67
C ASP A 7 -44.25 25.08 -2.56
N ALA A 8 -45.25 25.89 -2.92
CA ALA A 8 -46.25 26.37 -1.97
C ALA A 8 -47.00 25.25 -1.27
N ALA A 9 -47.51 24.30 -2.05
CA ALA A 9 -48.27 23.18 -1.50
C ALA A 9 -47.54 22.47 -0.36
N THR A 10 -46.42 21.83 -0.70
CA THR A 10 -45.65 21.09 0.29
C THR A 10 -45.42 21.92 1.56
N LYS A 11 -45.25 23.23 1.40
CA LYS A 11 -45.02 24.10 2.55
C LYS A 11 -46.27 24.17 3.41
N ILE A 12 -47.41 24.33 2.75
CA ILE A 12 -48.70 24.40 3.45
C ILE A 12 -48.93 23.12 4.24
N MET A 13 -48.83 21.98 3.55
CA MET A 13 -49.05 20.68 4.17
C MET A 13 -48.22 20.48 5.43
N CYS A 14 -46.97 20.90 5.40
CA CYS A 14 -46.09 20.76 6.56
C CYS A 14 -46.63 21.60 7.71
N SER A 15 -47.05 22.83 7.40
CA SER A 15 -47.59 23.71 8.42
C SER A 15 -48.85 23.10 9.04
N ASN A 16 -49.75 22.62 8.19
CA ASN A 16 -50.99 21.99 8.65
C ASN A 16 -50.65 20.93 9.69
N ALA A 17 -49.66 20.09 9.36
CA ALA A 17 -49.23 19.03 10.26
C ALA A 17 -48.43 19.59 11.42
N LYS A 18 -48.35 20.92 11.49
CA LYS A 18 -47.63 21.61 12.55
C LYS A 18 -46.22 21.10 12.75
N ALA A 19 -45.42 21.17 11.69
CA ALA A 19 -44.03 20.73 11.73
C ALA A 19 -43.12 21.87 11.34
N ILE A 20 -43.74 23.03 11.06
CA ILE A 20 -43.03 24.26 10.71
C ILE A 20 -43.97 25.39 11.11
N SER A 21 -43.43 26.44 11.73
CA SER A 21 -44.29 27.53 12.14
C SER A 21 -44.62 28.51 11.03
N LEU A 22 -45.90 28.87 10.94
CA LEU A 22 -46.39 29.82 9.96
C LEU A 22 -47.61 30.52 10.54
N ASN A 23 -47.53 31.83 10.75
CA ASN A 23 -48.65 32.58 11.30
C ASN A 23 -49.77 32.70 10.28
N GLU A 24 -50.99 32.85 10.77
CA GLU A 24 -52.17 32.96 9.90
C GLU A 24 -52.00 33.93 8.74
N VAL A 25 -50.99 34.80 8.78
CA VAL A 25 -50.79 35.74 7.68
C VAL A 25 -49.94 35.11 6.58
N GLU A 26 -48.89 34.40 6.97
CA GLU A 26 -48.03 33.75 5.99
C GLU A 26 -48.72 32.50 5.48
N LYS A 27 -49.32 31.75 6.40
CA LYS A 27 -50.03 30.53 6.05
C LYS A 27 -50.93 30.81 4.85
N ASN A 28 -51.72 31.87 4.94
CA ASN A 28 -52.63 32.21 3.86
C ASN A 28 -52.06 33.10 2.76
N GLU A 29 -50.79 33.49 2.88
CA GLU A 29 -50.18 34.28 1.82
C GLU A 29 -49.57 33.24 0.91
N ILE A 30 -49.24 32.10 1.51
CA ILE A 30 -48.67 30.99 0.78
C ILE A 30 -49.81 30.22 0.14
N ILE A 31 -50.95 30.17 0.82
CA ILE A 31 -52.12 29.49 0.28
C ILE A 31 -52.61 30.25 -0.94
N SER A 32 -52.66 31.57 -0.83
CA SER A 32 -53.11 32.40 -1.93
C SER A 32 -52.18 32.17 -3.11
N LYS A 33 -50.88 32.14 -2.85
CA LYS A 33 -49.88 31.93 -3.89
C LYS A 33 -50.05 30.56 -4.56
N TYR A 34 -50.40 29.55 -3.78
CA TYR A 34 -50.61 28.19 -4.31
C TYR A 34 -51.83 28.15 -5.24
N ARG A 35 -52.84 28.92 -4.89
CA ARG A 35 -54.06 29.02 -5.66
C ARG A 35 -53.82 29.64 -7.04
N GLU A 36 -53.13 30.77 -7.08
CA GLU A 36 -52.91 31.41 -8.37
C GLU A 36 -52.06 30.56 -9.29
N ILE A 37 -51.07 29.88 -8.72
CA ILE A 37 -50.15 29.03 -9.48
C ILE A 37 -50.74 27.74 -10.03
N THR A 38 -51.91 27.32 -9.53
CA THR A 38 -52.55 26.11 -10.04
C THR A 38 -53.91 26.43 -10.61
N ALA A 39 -54.13 27.71 -10.90
CA ALA A 39 -55.40 28.19 -11.42
C ALA A 39 -55.68 27.91 -12.89
N LYS A 40 -54.66 27.99 -13.74
CA LYS A 40 -54.89 27.76 -15.16
C LYS A 40 -55.41 26.37 -15.44
N LYS A 41 -56.44 26.29 -16.26
CA LYS A 41 -57.03 25.01 -16.61
C LYS A 41 -56.47 24.56 -17.96
N SER A 42 -56.69 23.30 -18.30
CA SER A 42 -56.17 22.80 -19.56
C SER A 42 -57.02 23.20 -20.74
N GLU A 43 -56.35 23.47 -21.85
CA GLU A 43 -57.00 23.84 -23.09
C GLU A 43 -57.43 22.53 -23.78
N ARG A 44 -58.64 22.52 -24.33
CA ARG A 44 -59.10 21.34 -25.01
C ARG A 44 -58.55 21.30 -26.42
N ALA A 45 -58.09 20.12 -26.83
CA ALA A 45 -57.52 19.92 -28.15
C ALA A 45 -58.66 19.87 -29.14
N GLU A 46 -58.36 19.66 -30.41
CA GLU A 46 -59.44 19.59 -31.40
C GLU A 46 -59.71 18.16 -31.84
N LEU A 47 -60.97 17.85 -32.08
CA LEU A 47 -61.40 16.52 -32.48
C LEU A 47 -61.69 16.43 -33.98
N LYS A 48 -62.00 15.22 -34.44
CA LYS A 48 -62.31 14.99 -35.84
C LYS A 48 -63.07 13.68 -36.00
N GLU A 49 -63.75 13.51 -37.13
CA GLU A 49 -64.54 12.30 -37.40
C GLU A 49 -63.69 11.04 -37.57
N VAL A 50 -63.12 10.54 -36.49
CA VAL A 50 -62.29 9.35 -36.60
C VAL A 50 -63.12 8.10 -36.40
N GLU A 51 -62.60 6.98 -36.89
CA GLU A 51 -63.27 5.71 -36.75
C GLU A 51 -62.44 4.95 -35.71
N PRO A 52 -63.10 4.33 -34.72
CA PRO A 52 -62.39 3.58 -33.68
C PRO A 52 -61.33 2.62 -34.23
N ILE A 53 -61.80 1.51 -34.79
CA ILE A 53 -60.92 0.50 -35.37
C ILE A 53 -60.42 0.98 -36.74
N PRO A 54 -59.10 0.89 -36.97
CA PRO A 54 -58.56 1.31 -38.26
C PRO A 54 -59.34 0.62 -39.38
N LEU A 55 -59.34 1.21 -40.57
CA LEU A 55 -60.04 0.62 -41.69
C LEU A 55 -59.42 -0.69 -42.15
N ASP A 56 -58.12 -0.67 -42.43
CA ASP A 56 -57.42 -1.85 -42.91
C ASP A 56 -57.05 -2.85 -41.81
N TRP A 57 -57.87 -2.91 -40.76
CA TRP A 57 -57.62 -3.86 -39.68
C TRP A 57 -58.11 -5.23 -40.14
N PRO A 58 -57.21 -6.24 -40.12
CA PRO A 58 -57.55 -7.60 -40.55
C PRO A 58 -58.92 -8.06 -40.04
N SER A 59 -59.79 -8.38 -40.98
CA SER A 59 -61.16 -8.83 -40.69
C SER A 59 -61.30 -10.13 -39.89
N ASP A 60 -60.26 -10.96 -39.90
CA ASP A 60 -60.28 -12.23 -39.17
C ASP A 60 -59.35 -12.23 -37.95
N LEU A 61 -58.58 -11.16 -37.80
CA LEU A 61 -57.65 -11.03 -36.69
C LEU A 61 -58.41 -10.50 -35.46
N THR A 62 -58.31 -11.22 -34.36
CA THR A 62 -59.02 -10.83 -33.13
C THR A 62 -58.14 -10.71 -31.88
N LEU A 63 -58.05 -9.50 -31.36
CA LEU A 63 -57.26 -9.22 -30.17
C LEU A 63 -57.83 -9.93 -28.96
N PRO A 64 -57.00 -10.69 -28.25
CA PRO A 64 -57.45 -11.41 -27.05
C PRO A 64 -58.15 -10.49 -26.06
N PRO A 65 -59.43 -10.76 -25.78
CA PRO A 65 -60.25 -9.97 -24.85
C PRO A 65 -59.52 -9.56 -23.57
N LEU A 66 -59.88 -8.39 -23.05
CA LEU A 66 -59.26 -7.88 -21.82
C LEU A 66 -59.98 -8.57 -20.66
N PRO A 67 -59.57 -8.30 -19.41
CA PRO A 67 -60.26 -8.95 -18.30
C PRO A 67 -61.63 -8.30 -18.12
N GLU A 68 -62.50 -8.91 -17.32
CA GLU A 68 -63.83 -8.36 -17.09
C GLU A 68 -63.72 -7.22 -16.07
N SER A 69 -62.65 -7.26 -15.27
CA SER A 69 -62.40 -6.24 -14.26
C SER A 69 -60.94 -6.39 -13.81
N THR A 70 -60.47 -5.45 -13.00
CA THR A 70 -59.09 -5.51 -12.52
C THR A 70 -58.80 -6.83 -11.84
N ASN A 71 -59.84 -7.48 -11.33
CA ASN A 71 -59.67 -8.75 -10.63
C ASN A 71 -60.29 -9.96 -11.32
N ASP A 72 -60.06 -10.12 -12.62
CA ASP A 72 -60.63 -11.27 -13.35
C ASP A 72 -59.66 -12.45 -13.37
N TYR A 73 -59.66 -13.26 -12.32
CA TYR A 73 -58.75 -14.42 -12.27
C TYR A 73 -59.02 -15.43 -13.38
N VAL A 74 -60.24 -15.45 -13.88
CA VAL A 74 -60.57 -16.35 -14.97
C VAL A 74 -59.76 -15.86 -16.16
N TRP A 75 -59.86 -14.57 -16.43
CA TRP A 75 -59.10 -13.96 -17.53
C TRP A 75 -57.62 -14.23 -17.30
N ALA A 76 -57.20 -14.14 -16.04
CA ALA A 76 -55.81 -14.38 -15.68
C ALA A 76 -55.45 -15.82 -16.07
N GLY A 77 -56.34 -16.75 -15.76
CA GLY A 77 -56.10 -18.14 -16.11
C GLY A 77 -55.76 -18.35 -17.58
N LYS A 78 -56.64 -17.90 -18.47
CA LYS A 78 -56.45 -18.06 -19.92
C LYS A 78 -55.27 -17.27 -20.49
N ARG A 79 -54.51 -16.62 -19.63
CA ARG A 79 -53.34 -15.85 -20.04
C ARG A 79 -52.18 -16.84 -19.86
N LYS A 80 -51.19 -16.81 -20.74
CA LYS A 80 -50.07 -17.76 -20.64
C LYS A 80 -48.82 -17.24 -21.36
N GLU A 81 -47.70 -17.95 -21.21
CA GLU A 81 -46.44 -17.60 -21.88
C GLU A 81 -45.18 -18.34 -21.46
N LEU A 82 -44.65 -17.97 -20.30
CA LEU A 82 -43.40 -18.52 -19.75
C LEU A 82 -42.25 -18.29 -20.73
N LEU A 90 -42.62 -25.16 -8.64
CA LEU A 90 -43.89 -25.72 -9.09
C LEU A 90 -44.26 -26.96 -8.27
N ILE A 91 -43.90 -26.95 -6.99
CA ILE A 91 -44.20 -28.10 -6.13
C ILE A 91 -45.20 -27.80 -5.02
N ILE A 92 -46.24 -28.63 -4.96
CA ILE A 92 -47.30 -28.51 -3.97
C ILE A 92 -47.02 -29.47 -2.82
N ASP A 93 -46.25 -29.01 -1.84
CA ASP A 93 -45.87 -29.81 -0.68
C ASP A 93 -46.92 -29.86 0.44
N GLY A 94 -47.56 -28.73 0.70
CA GLY A 94 -48.58 -28.66 1.74
C GLY A 94 -49.06 -27.25 2.01
N LEU A 95 -49.87 -27.13 3.06
CA LEU A 95 -50.42 -25.85 3.47
C LEU A 95 -50.02 -25.62 4.93
N SER A 96 -49.47 -24.45 5.23
CA SER A 96 -49.07 -24.12 6.59
C SER A 96 -50.22 -23.29 7.18
N ILE A 97 -50.83 -23.82 8.24
CA ILE A 97 -51.97 -23.16 8.86
C ILE A 97 -51.61 -22.39 10.12
N VAL A 98 -51.52 -21.07 9.98
CA VAL A 98 -51.17 -20.18 11.08
C VAL A 98 -52.42 -19.79 11.85
N ILE A 99 -52.45 -20.10 13.14
CA ILE A 99 -53.60 -19.81 13.98
C ILE A 99 -53.30 -18.81 15.10
N PRO A 100 -53.50 -17.52 14.82
CA PRO A 100 -53.27 -16.44 15.79
C PRO A 100 -54.19 -16.71 16.96
N THR A 101 -53.62 -16.85 18.14
CA THR A 101 -54.42 -17.15 19.32
C THR A 101 -54.10 -16.29 20.54
N TYR A 102 -55.15 -15.76 21.15
CA TYR A 102 -54.98 -14.97 22.36
C TYR A 102 -55.91 -15.64 23.35
N ASN A 103 -55.32 -16.59 24.07
CA ASN A 103 -55.97 -17.45 25.07
C ASN A 103 -57.49 -17.61 25.12
N ARG A 104 -57.98 -18.46 24.23
CA ARG A 104 -59.39 -18.80 24.19
C ARG A 104 -59.33 -20.31 24.08
N ALA A 105 -58.49 -20.86 24.96
CA ALA A 105 -58.19 -22.28 25.09
C ALA A 105 -59.23 -23.28 24.60
N LYS A 106 -60.26 -23.51 25.42
CA LYS A 106 -61.30 -24.46 25.06
C LYS A 106 -61.78 -24.29 23.62
N ILE A 107 -61.98 -23.05 23.20
CA ILE A 107 -62.42 -22.74 21.82
C ILE A 107 -61.34 -23.13 20.83
N LEU A 108 -60.08 -22.84 21.16
CA LEU A 108 -58.98 -23.21 20.28
C LEU A 108 -59.02 -24.70 20.05
N ALA A 109 -59.07 -25.45 21.14
CA ALA A 109 -59.11 -26.91 21.07
C ALA A 109 -60.19 -27.38 20.10
N ILE A 110 -61.30 -26.64 20.07
CA ILE A 110 -62.42 -26.96 19.22
C ILE A 110 -62.06 -26.84 17.75
N THR A 111 -61.38 -25.75 17.40
CA THR A 111 -60.96 -25.54 16.03
C THR A 111 -59.95 -26.64 15.67
N LEU A 112 -58.97 -26.83 16.56
CA LEU A 112 -57.96 -27.87 16.37
C LEU A 112 -58.66 -29.17 16.11
N ALA A 113 -59.66 -29.48 16.94
CA ALA A 113 -60.44 -30.69 16.78
C ALA A 113 -60.95 -30.75 15.33
N CYS A 114 -61.66 -29.70 14.91
CA CYS A 114 -62.20 -29.64 13.56
C CYS A 114 -61.14 -29.80 12.50
N LEU A 115 -59.89 -29.51 12.84
CA LEU A 115 -58.80 -29.64 11.88
C LEU A 115 -58.36 -31.09 11.71
N CYS A 116 -58.56 -31.89 12.76
CA CYS A 116 -58.18 -33.30 12.70
C CYS A 116 -59.08 -34.03 11.70
N ASN A 117 -60.33 -33.58 11.60
CA ASN A 117 -61.31 -34.19 10.72
C ASN A 117 -61.30 -33.67 9.29
N GLN A 118 -60.16 -33.16 8.85
CA GLN A 118 -60.07 -32.64 7.50
C GLN A 118 -60.04 -33.76 6.48
N LYS A 119 -60.78 -33.59 5.40
CA LYS A 119 -60.83 -34.58 4.34
C LYS A 119 -60.11 -34.01 3.13
N THR A 120 -58.80 -34.21 3.08
CA THR A 120 -58.00 -33.69 1.98
C THR A 120 -56.92 -34.67 1.55
N ILE A 121 -56.31 -34.36 0.41
CA ILE A 121 -55.24 -35.17 -0.15
C ILE A 121 -53.89 -34.51 0.09
N TYR A 122 -53.93 -33.22 0.48
CA TYR A 122 -52.70 -32.47 0.75
C TYR A 122 -52.26 -32.50 2.20
N ASP A 123 -50.96 -32.42 2.43
CA ASP A 123 -50.43 -32.41 3.78
C ASP A 123 -50.68 -31.01 4.31
N TYR A 124 -50.68 -30.86 5.63
CA TYR A 124 -50.88 -29.55 6.22
C TYR A 124 -50.46 -29.53 7.65
N GLU A 125 -49.64 -28.53 8.01
CA GLU A 125 -49.19 -28.41 9.38
C GLU A 125 -50.05 -27.35 10.06
N VAL A 126 -49.98 -27.33 11.38
CA VAL A 126 -50.76 -26.37 12.14
C VAL A 126 -49.84 -25.64 13.10
N ILE A 127 -49.71 -24.34 12.89
CA ILE A 127 -48.88 -23.51 13.76
C ILE A 127 -49.80 -22.63 14.60
N VAL A 128 -49.83 -22.88 15.90
CA VAL A 128 -50.65 -22.08 16.79
C VAL A 128 -49.80 -20.88 17.17
N ALA A 129 -50.27 -19.69 16.75
CA ALA A 129 -49.55 -18.46 17.01
C ALA A 129 -50.10 -17.75 18.24
N ASP A 130 -49.50 -18.05 19.38
CA ASP A 130 -49.91 -17.49 20.65
C ASP A 130 -49.30 -16.09 20.91
N ASP A 131 -50.15 -15.07 20.85
CA ASP A 131 -49.73 -13.69 21.10
C ASP A 131 -49.64 -13.36 22.59
N GLY A 132 -48.78 -14.08 23.30
CA GLY A 132 -48.63 -13.85 24.73
C GLY A 132 -49.85 -14.12 25.61
N SER A 133 -50.53 -15.24 25.36
CA SER A 133 -51.72 -15.60 26.13
C SER A 133 -51.40 -15.83 27.60
N LYS A 134 -52.36 -15.58 28.49
CA LYS A 134 -52.12 -15.80 29.90
C LYS A 134 -52.56 -17.21 30.26
N GLU A 135 -53.56 -17.72 29.54
CA GLU A 135 -54.04 -19.08 29.77
C GLU A 135 -52.98 -19.98 29.17
N ASN A 136 -52.75 -21.15 29.75
CA ASN A 136 -51.73 -22.04 29.22
C ASN A 136 -52.16 -22.74 27.93
N ILE A 137 -51.82 -22.13 26.80
CA ILE A 137 -52.15 -22.64 25.47
C ILE A 137 -51.28 -23.82 25.08
N GLU A 138 -50.02 -23.78 25.49
CA GLU A 138 -49.08 -24.85 25.19
C GLU A 138 -49.68 -26.18 25.62
N GLU A 139 -50.41 -26.13 26.73
CA GLU A 139 -51.04 -27.31 27.32
C GLU A 139 -51.98 -28.09 26.40
N ILE A 140 -52.86 -27.40 25.70
CA ILE A 140 -53.81 -28.09 24.83
C ILE A 140 -53.23 -28.47 23.49
N VAL A 141 -52.10 -27.87 23.12
CA VAL A 141 -51.47 -28.21 21.84
C VAL A 141 -50.84 -29.58 22.01
N ARG A 142 -50.22 -29.82 23.15
CA ARG A 142 -49.60 -31.11 23.41
C ARG A 142 -50.71 -32.15 23.41
N GLU A 143 -51.88 -31.72 23.87
CA GLU A 143 -53.06 -32.57 23.92
C GLU A 143 -53.47 -33.08 22.53
N PHE A 144 -52.79 -32.61 21.50
CA PHE A 144 -53.10 -33.01 20.11
C PHE A 144 -51.90 -33.55 19.34
N GLU A 145 -50.70 -33.43 19.90
CA GLU A 145 -49.50 -33.87 19.20
C GLU A 145 -49.59 -35.15 18.37
N SER A 146 -50.46 -36.08 18.76
CA SER A 146 -50.60 -37.33 18.02
C SER A 146 -51.56 -37.24 16.84
N LEU A 147 -52.58 -36.40 16.99
CA LEU A 147 -53.58 -36.22 15.96
C LEU A 147 -53.21 -35.22 14.87
N LEU A 148 -52.22 -34.38 15.14
CA LEU A 148 -51.84 -33.38 14.15
C LEU A 148 -50.38 -33.06 14.02
N ASN A 149 -49.99 -32.63 12.83
CA ASN A 149 -48.63 -32.21 12.58
C ASN A 149 -48.65 -30.78 13.11
N ILE A 150 -48.83 -30.65 14.41
CA ILE A 150 -48.93 -29.35 15.04
C ILE A 150 -47.65 -28.82 15.68
N LYS A 151 -47.39 -27.55 15.40
CA LYS A 151 -46.23 -26.86 15.93
C LYS A 151 -46.78 -25.78 16.85
N TYR A 152 -45.97 -25.31 17.79
CA TYR A 152 -46.42 -24.27 18.71
C TYR A 152 -45.45 -23.09 18.71
N VAL A 153 -45.99 -21.91 18.52
CA VAL A 153 -45.18 -20.70 18.48
C VAL A 153 -45.76 -19.64 19.41
N ARG A 154 -44.89 -18.96 20.15
CA ARG A 154 -45.34 -17.96 21.10
C ARG A 154 -44.40 -16.76 21.25
N GLN A 155 -44.99 -15.60 21.49
CA GLN A 155 -44.23 -14.37 21.70
C GLN A 155 -44.77 -13.74 22.98
N LYS A 156 -43.96 -12.95 23.65
CA LYS A 156 -44.39 -12.31 24.89
C LYS A 156 -45.58 -11.40 24.65
N ASP A 157 -46.25 -11.02 25.74
CA ASP A 157 -47.41 -10.14 25.67
C ASP A 157 -47.05 -8.68 25.76
N TYR A 158 -47.29 -7.94 24.69
CA TYR A 158 -46.99 -6.52 24.69
C TYR A 158 -48.09 -5.74 24.02
N GLY A 159 -49.32 -6.20 24.23
CA GLY A 159 -50.46 -5.52 23.65
C GLY A 159 -51.14 -6.30 22.55
N TYR A 160 -51.99 -5.61 21.80
CA TYR A 160 -52.72 -6.23 20.71
C TYR A 160 -51.75 -6.38 19.55
N GLN A 161 -50.98 -7.45 19.56
CA GLN A 161 -50.01 -7.68 18.51
C GLN A 161 -50.42 -8.74 17.51
N LEU A 162 -51.64 -8.59 17.00
CA LEU A 162 -52.17 -9.53 16.03
C LEU A 162 -51.23 -9.67 14.83
N CYS A 163 -50.72 -8.53 14.35
CA CYS A 163 -49.83 -8.52 13.20
C CYS A 163 -48.49 -9.18 13.45
N ALA A 164 -47.90 -8.88 14.59
CA ALA A 164 -46.63 -9.45 14.94
C ALA A 164 -46.70 -10.97 14.95
N VAL A 165 -47.72 -11.51 15.62
CA VAL A 165 -47.89 -12.97 15.74
C VAL A 165 -48.14 -13.64 14.39
N ARG A 166 -49.03 -13.08 13.58
CA ARG A 166 -49.29 -13.65 12.27
C ARG A 166 -47.99 -13.79 11.49
N ASN A 167 -47.10 -12.80 11.62
CA ASN A 167 -45.82 -12.82 10.91
C ASN A 167 -44.82 -13.83 11.49
N LEU A 168 -44.97 -14.12 12.77
CA LEU A 168 -44.11 -15.09 13.46
C LEU A 168 -44.49 -16.48 12.96
N GLY A 169 -45.79 -16.74 12.99
CA GLY A 169 -46.33 -18.01 12.53
C GLY A 169 -46.04 -18.19 11.06
N LEU A 170 -46.17 -17.11 10.29
CA LEU A 170 -45.89 -17.17 8.87
C LEU A 170 -44.40 -17.43 8.60
N ARG A 171 -43.54 -16.89 9.45
CA ARG A 171 -42.11 -17.12 9.30
C ARG A 171 -41.83 -18.59 9.62
N ALA A 172 -42.52 -19.11 10.62
CA ALA A 172 -42.37 -20.51 11.06
C ALA A 172 -42.86 -21.52 10.01
N ALA A 173 -43.85 -21.11 9.21
CA ALA A 173 -44.43 -21.97 8.17
C ALA A 173 -43.36 -22.56 7.27
N LYS A 174 -43.46 -23.86 6.99
CA LYS A 174 -42.47 -24.53 6.15
C LYS A 174 -42.86 -24.82 4.71
N TYR A 175 -44.15 -24.72 4.39
CA TYR A 175 -44.62 -25.01 3.03
C TYR A 175 -44.77 -23.77 2.14
N ASN A 176 -44.86 -23.97 0.82
CA ASN A 176 -44.99 -22.87 -0.13
C ASN A 176 -46.36 -22.17 -0.11
N TYR A 177 -47.26 -22.69 0.71
CA TYR A 177 -48.60 -22.15 0.81
C TYR A 177 -49.00 -21.99 2.26
N VAL A 178 -49.62 -20.87 2.58
CA VAL A 178 -50.03 -20.58 3.94
C VAL A 178 -51.51 -20.21 4.01
N ALA A 179 -52.09 -20.33 5.19
CA ALA A 179 -53.49 -19.98 5.40
C ALA A 179 -53.57 -19.40 6.81
N ILE A 180 -54.31 -18.31 6.96
CA ILE A 180 -54.46 -17.68 8.27
C ILE A 180 -55.85 -18.07 8.75
N LEU A 181 -55.94 -18.44 10.03
CA LEU A 181 -57.20 -18.89 10.62
C LEU A 181 -57.26 -18.60 12.12
N ASP A 182 -58.07 -17.63 12.51
CA ASP A 182 -58.20 -17.29 13.93
C ASP A 182 -58.52 -18.54 14.74
N CYS A 183 -58.13 -18.52 16.02
CA CYS A 183 -58.36 -19.64 16.94
C CYS A 183 -59.83 -19.95 17.14
N ASP A 184 -60.68 -18.96 16.89
CA ASP A 184 -62.12 -19.11 17.06
C ASP A 184 -62.82 -19.48 15.77
N MET A 185 -62.04 -19.73 14.72
CA MET A 185 -62.60 -20.06 13.42
C MET A 185 -62.55 -21.54 13.11
N ALA A 186 -63.59 -22.25 13.51
CA ALA A 186 -63.66 -23.69 13.28
C ALA A 186 -63.92 -23.98 11.81
N PRO A 187 -62.99 -24.69 11.15
CA PRO A 187 -63.09 -25.03 9.74
C PRO A 187 -63.94 -26.26 9.46
N ASN A 188 -64.64 -26.25 8.32
CA ASN A 188 -65.46 -27.39 7.95
C ASN A 188 -64.48 -28.45 7.42
N PRO A 189 -64.95 -29.69 7.23
CA PRO A 189 -64.15 -30.83 6.74
C PRO A 189 -63.49 -30.72 5.35
N LEU A 190 -63.93 -29.78 4.54
CA LEU A 190 -63.33 -29.62 3.21
C LEU A 190 -62.66 -28.27 3.03
N TRP A 191 -62.23 -27.70 4.15
CA TRP A 191 -61.56 -26.39 4.19
C TRP A 191 -60.19 -26.47 3.51
N VAL A 192 -59.30 -27.29 4.08
CA VAL A 192 -57.96 -27.48 3.55
C VAL A 192 -57.99 -27.83 2.07
N GLN A 193 -58.84 -28.80 1.73
CA GLN A 193 -59.00 -29.27 0.37
C GLN A 193 -59.45 -28.19 -0.58
N SER A 194 -60.44 -27.41 -0.17
CA SER A 194 -60.94 -26.35 -1.02
C SER A 194 -59.87 -25.29 -1.34
N TYR A 195 -58.93 -25.06 -0.43
CA TYR A 195 -57.88 -24.10 -0.70
C TYR A 195 -56.82 -24.68 -1.64
N MET A 196 -56.14 -25.72 -1.19
CA MET A 196 -55.11 -26.36 -2.00
C MET A 196 -55.60 -26.73 -3.40
N GLU A 197 -56.88 -27.05 -3.52
CA GLU A 197 -57.43 -27.38 -4.82
C GLU A 197 -57.23 -26.23 -5.79
N LEU A 198 -57.48 -25.02 -5.30
CA LEU A 198 -57.37 -23.78 -6.08
C LEU A 198 -55.96 -23.24 -6.24
N LEU A 199 -55.22 -23.18 -5.14
CA LEU A 199 -53.86 -22.67 -5.18
C LEU A 199 -53.01 -23.51 -6.11
N ALA A 200 -53.33 -24.80 -6.16
CA ALA A 200 -52.60 -25.72 -7.02
C ALA A 200 -52.71 -25.28 -8.48
N VAL A 201 -53.88 -24.79 -8.86
CA VAL A 201 -54.09 -24.35 -10.23
C VAL A 201 -53.47 -22.99 -10.54
N ASP A 202 -53.48 -22.08 -9.56
CA ASP A 202 -52.92 -20.75 -9.75
C ASP A 202 -52.50 -20.12 -8.44
N ASP A 203 -51.20 -20.04 -8.22
CA ASP A 203 -50.69 -19.45 -7.00
C ASP A 203 -50.64 -17.93 -7.11
N ASN A 204 -51.33 -17.39 -8.13
CA ASN A 204 -51.38 -15.95 -8.36
C ASN A 204 -52.67 -15.30 -7.87
N VAL A 205 -53.51 -16.09 -7.21
CA VAL A 205 -54.77 -15.58 -6.70
C VAL A 205 -54.95 -15.92 -5.23
N ALA A 206 -55.18 -14.91 -4.40
CA ALA A 206 -55.38 -15.11 -2.97
C ALA A 206 -56.80 -15.64 -2.79
N LEU A 207 -57.00 -16.46 -1.77
CA LEU A 207 -58.32 -17.04 -1.55
C LEU A 207 -58.96 -16.61 -0.22
N ILE A 208 -60.24 -16.22 -0.30
CA ILE A 208 -61.01 -15.77 0.86
C ILE A 208 -62.13 -16.76 1.23
N GLY A 209 -62.20 -17.09 2.52
CA GLY A 209 -63.22 -18.02 2.99
C GLY A 209 -64.35 -17.37 3.77
N PRO A 210 -65.62 -17.70 3.45
CA PRO A 210 -66.79 -17.14 4.13
C PRO A 210 -66.88 -17.69 5.54
N ARG A 211 -67.59 -16.97 6.39
CA ARG A 211 -67.76 -17.40 7.77
C ARG A 211 -69.23 -17.41 8.14
N LYS A 212 -69.55 -18.18 9.17
CA LYS A 212 -70.91 -18.27 9.71
C LYS A 212 -70.75 -18.05 11.20
N TYR A 213 -71.86 -18.01 11.93
CA TYR A 213 -71.78 -17.80 13.36
C TYR A 213 -72.44 -18.95 14.11
N ILE A 214 -71.84 -19.31 15.26
CA ILE A 214 -72.36 -20.41 16.07
C ILE A 214 -71.94 -20.29 17.54
N ASP A 215 -72.72 -20.93 18.41
CA ASP A 215 -72.43 -20.94 19.84
C ASP A 215 -71.90 -22.32 20.13
N THR A 216 -70.64 -22.39 20.54
CA THR A 216 -70.01 -23.65 20.83
C THR A 216 -70.01 -23.93 22.34
N SER A 217 -70.71 -23.09 23.09
CA SER A 217 -70.79 -23.21 24.54
C SER A 217 -71.19 -24.58 25.06
N LYS A 218 -72.15 -25.20 24.38
CA LYS A 218 -72.64 -26.51 24.81
C LYS A 218 -71.88 -27.67 24.16
N HIS A 219 -70.59 -27.46 23.91
CA HIS A 219 -69.77 -28.48 23.29
C HIS A 219 -68.30 -28.30 23.66
N THR A 220 -67.68 -29.38 24.13
CA THR A 220 -66.26 -29.34 24.47
C THR A 220 -65.59 -29.81 23.20
N TYR A 221 -64.26 -29.89 23.21
CA TYR A 221 -63.58 -30.33 22.01
C TYR A 221 -63.85 -31.82 21.76
N LEU A 222 -64.04 -32.56 22.85
CA LEU A 222 -64.32 -34.00 22.78
C LEU A 222 -65.48 -34.33 21.86
N ASP A 223 -66.49 -33.47 21.89
CA ASP A 223 -67.70 -33.66 21.07
C ASP A 223 -67.39 -33.69 19.58
N PHE A 224 -66.61 -32.72 19.11
CA PHE A 224 -66.27 -32.61 17.71
C PHE A 224 -65.33 -33.69 17.20
N LEU A 225 -64.51 -34.23 18.09
CA LEU A 225 -63.56 -35.26 17.71
C LEU A 225 -64.21 -36.58 17.28
N SER A 226 -65.23 -37.03 18.00
CA SER A 226 -65.90 -38.29 17.67
C SER A 226 -67.02 -38.09 16.64
N GLN A 227 -67.53 -36.87 16.58
CA GLN A 227 -68.61 -36.54 15.65
C GLN A 227 -68.09 -35.52 14.64
N LYS A 228 -67.27 -36.00 13.71
CA LYS A 228 -66.70 -35.15 12.69
C LYS A 228 -67.69 -34.68 11.63
N SER A 229 -68.65 -33.88 12.07
CA SER A 229 -69.67 -33.33 11.20
C SER A 229 -70.55 -32.39 12.01
N LEU A 230 -70.38 -32.47 13.33
CA LEU A 230 -71.15 -31.63 14.24
C LEU A 230 -71.03 -30.16 13.89
N ILE A 231 -69.94 -29.80 13.21
CA ILE A 231 -69.69 -28.41 12.81
C ILE A 231 -70.64 -27.93 11.73
N ASN A 232 -71.03 -28.82 10.83
CA ASN A 232 -71.93 -28.46 9.74
C ASN A 232 -73.37 -28.57 10.19
N GLU A 233 -73.59 -28.73 11.50
CA GLU A 233 -74.94 -28.88 12.02
C GLU A 233 -75.47 -27.81 12.97
N ILE A 234 -74.68 -27.45 14.00
CA ILE A 234 -75.10 -26.43 14.95
C ILE A 234 -75.69 -25.20 14.22
N PRO A 235 -76.80 -24.66 14.74
CA PRO A 235 -77.50 -23.49 14.17
C PRO A 235 -76.66 -22.23 14.01
N GLU A 236 -77.20 -21.09 14.45
CA GLU A 236 -76.50 -19.80 14.37
C GLU A 236 -77.00 -18.78 15.39
N SER A 252 -77.41 -13.49 12.30
CA SER A 252 -76.09 -12.96 11.93
C SER A 252 -75.52 -13.63 10.68
N VAL A 253 -75.29 -12.82 9.65
CA VAL A 253 -74.73 -13.31 8.40
C VAL A 253 -73.47 -12.54 8.01
N ASP A 254 -72.47 -13.28 7.51
CA ASP A 254 -71.21 -12.69 7.08
C ASP A 254 -71.52 -11.65 5.99
N TRP A 255 -71.57 -10.39 6.39
CA TRP A 255 -71.90 -9.31 5.46
C TRP A 255 -71.31 -9.45 4.07
N ARG A 256 -70.16 -10.08 3.97
CA ARG A 256 -69.50 -10.24 2.68
C ARG A 256 -70.21 -11.23 1.76
N ILE A 257 -70.74 -12.31 2.32
CA ILE A 257 -71.40 -13.35 1.53
C ILE A 257 -72.27 -12.88 0.36
N GLU A 258 -73.11 -11.88 0.58
CA GLU A 258 -73.93 -11.40 -0.52
C GLU A 258 -73.01 -10.78 -1.56
N HIS A 259 -72.20 -9.82 -1.14
CA HIS A 259 -71.25 -9.18 -2.05
C HIS A 259 -70.53 -10.22 -2.89
N PHE A 260 -70.32 -11.42 -2.32
CA PHE A 260 -69.62 -12.50 -3.00
C PHE A 260 -70.31 -13.10 -4.20
N LYS A 261 -71.55 -13.57 -4.03
CA LYS A 261 -72.26 -14.18 -5.16
C LYS A 261 -72.62 -13.17 -6.25
N ASN A 262 -72.87 -11.91 -5.86
CA ASN A 262 -73.22 -10.87 -6.82
C ASN A 262 -72.06 -10.48 -7.74
N THR A 263 -70.84 -10.74 -7.30
CA THR A 263 -69.66 -10.41 -8.08
C THR A 263 -68.98 -11.67 -8.60
N ASP A 264 -69.74 -12.76 -8.70
CA ASP A 264 -69.20 -14.03 -9.17
C ASP A 264 -67.93 -14.39 -8.43
N ASN A 265 -68.03 -14.34 -7.10
CA ASN A 265 -66.89 -14.66 -6.23
C ASN A 265 -65.72 -13.70 -6.46
N LEU A 266 -66.02 -12.41 -6.31
CA LEU A 266 -65.04 -11.32 -6.47
C LEU A 266 -64.52 -11.11 -7.90
N ARG A 267 -64.78 -12.06 -8.77
CA ARG A 267 -64.32 -11.99 -10.15
C ARG A 267 -64.61 -10.64 -10.82
N LEU A 268 -65.61 -9.92 -10.31
CA LEU A 268 -66.00 -8.64 -10.88
C LEU A 268 -65.75 -7.50 -9.92
N CYS A 269 -64.94 -7.76 -8.90
CA CYS A 269 -64.64 -6.75 -7.90
C CYS A 269 -63.36 -5.99 -8.28
N ASN A 270 -63.34 -4.69 -8.03
CA ASN A 270 -62.17 -3.87 -8.31
C ASN A 270 -61.54 -3.43 -6.98
N THR A 271 -62.17 -3.85 -5.89
CA THR A 271 -61.70 -3.52 -4.56
C THR A 271 -61.70 -4.75 -3.66
N PRO A 272 -61.25 -5.92 -4.17
CA PRO A 272 -61.20 -7.20 -3.46
C PRO A 272 -60.57 -7.23 -2.06
N PHE A 273 -59.63 -6.33 -1.80
CA PHE A 273 -58.99 -6.27 -0.49
C PHE A 273 -59.97 -5.86 0.62
N ARG A 274 -61.10 -5.28 0.22
CA ARG A 274 -62.09 -4.88 1.20
C ARG A 274 -62.76 -6.10 1.82
N PHE A 275 -62.63 -7.24 1.15
CA PHE A 275 -63.22 -8.49 1.62
C PHE A 275 -62.20 -9.52 2.10
N PHE A 276 -60.94 -9.08 2.25
CA PHE A 276 -59.87 -9.96 2.70
C PHE A 276 -59.76 -10.02 4.23
N SER A 277 -60.75 -10.63 4.88
CA SER A 277 -60.73 -10.75 6.32
C SER A 277 -59.61 -11.70 6.76
N GLY A 278 -58.81 -11.24 7.72
CA GLY A 278 -57.67 -12.03 8.18
C GLY A 278 -57.96 -13.22 9.08
N GLY A 279 -59.23 -13.57 9.23
CA GLY A 279 -59.59 -14.69 10.08
C GLY A 279 -59.62 -16.02 9.36
N ASN A 280 -59.65 -15.95 8.02
CA ASN A 280 -59.70 -17.15 7.20
C ASN A 280 -59.38 -16.84 5.75
N VAL A 281 -58.11 -16.98 5.38
CA VAL A 281 -57.65 -16.75 4.02
C VAL A 281 -56.45 -17.65 3.74
N ALA A 282 -56.18 -17.91 2.45
CA ALA A 282 -55.06 -18.76 2.05
C ALA A 282 -54.39 -18.14 0.84
N PHE A 283 -53.08 -18.32 0.72
CA PHE A 283 -52.34 -17.78 -0.41
C PHE A 283 -50.92 -18.32 -0.52
N ALA A 284 -50.33 -18.16 -1.70
CA ALA A 284 -48.96 -18.62 -1.95
C ALA A 284 -47.97 -17.77 -1.14
N LYS A 285 -47.09 -18.44 -0.40
CA LYS A 285 -46.11 -17.74 0.43
C LYS A 285 -45.19 -16.79 -0.32
N LYS A 286 -45.12 -16.94 -1.63
CA LYS A 286 -44.27 -16.06 -2.44
C LYS A 286 -44.75 -14.60 -2.43
N TRP A 287 -45.99 -14.40 -2.03
CA TRP A 287 -46.60 -13.08 -1.97
C TRP A 287 -46.16 -12.25 -0.76
N LEU A 288 -45.75 -12.93 0.30
CA LEU A 288 -45.29 -12.24 1.49
C LEU A 288 -44.04 -11.46 1.10
N PHE A 289 -43.20 -12.09 0.30
CA PHE A 289 -41.96 -11.46 -0.10
C PHE A 289 -42.14 -10.43 -1.21
N ARG A 290 -43.12 -10.64 -2.08
CA ARG A 290 -43.41 -9.70 -3.16
C ARG A 290 -44.13 -8.45 -2.65
N ALA A 291 -45.06 -8.65 -1.72
CA ALA A 291 -45.85 -7.54 -1.19
C ALA A 291 -45.54 -7.14 0.25
N GLY A 292 -44.86 -7.99 0.99
CA GLY A 292 -44.55 -7.66 2.36
C GLY A 292 -45.43 -8.39 3.34
N TRP A 293 -45.29 -8.08 4.62
CA TRP A 293 -46.05 -8.73 5.66
C TRP A 293 -47.08 -7.79 6.28
N PHE A 294 -47.78 -8.29 7.30
CA PHE A 294 -48.79 -7.51 7.98
C PHE A 294 -48.14 -6.36 8.70
N ASP A 295 -48.68 -5.16 8.50
CA ASP A 295 -48.16 -3.94 9.11
C ASP A 295 -48.28 -3.98 10.63
N GLU A 296 -47.15 -4.14 11.31
CA GLU A 296 -47.14 -4.21 12.77
C GLU A 296 -47.46 -2.89 13.47
N GLU A 297 -47.86 -1.90 12.70
CA GLU A 297 -48.23 -0.60 13.27
C GLU A 297 -49.70 -0.64 13.68
N PHE A 298 -50.47 -1.52 13.04
CA PHE A 298 -51.90 -1.66 13.32
C PHE A 298 -52.19 -2.23 14.71
N THR A 299 -51.77 -1.48 15.73
CA THR A 299 -51.98 -1.90 17.12
C THR A 299 -53.38 -1.54 17.63
N HIS A 300 -53.75 -0.26 17.60
CA HIS A 300 -55.08 0.13 18.08
C HIS A 300 -56.08 0.29 16.95
N TRP A 301 -55.90 -0.40 15.83
CA TRP A 301 -56.84 -0.19 14.74
C TRP A 301 -57.55 -1.35 14.11
N GLY A 302 -56.90 -1.99 13.16
CA GLY A 302 -57.52 -3.08 12.45
C GLY A 302 -57.55 -2.56 11.04
N GLY A 303 -58.00 -3.36 10.08
CA GLY A 303 -58.01 -2.88 8.71
C GLY A 303 -56.67 -3.27 8.14
N GLU A 304 -55.86 -3.92 8.99
CA GLU A 304 -54.56 -4.40 8.58
C GLU A 304 -54.77 -5.47 7.50
N ASP A 305 -55.98 -6.03 7.45
CA ASP A 305 -56.34 -7.04 6.46
C ASP A 305 -56.46 -6.33 5.13
N ASN A 306 -57.28 -5.29 5.15
CA ASN A 306 -57.51 -4.50 3.96
C ASN A 306 -56.24 -3.83 3.50
N GLU A 307 -55.33 -3.56 4.43
CA GLU A 307 -54.06 -2.92 4.06
C GLU A 307 -53.09 -3.95 3.50
N PHE A 308 -53.05 -5.13 4.13
CA PHE A 308 -52.16 -6.18 3.64
C PHE A 308 -52.65 -6.60 2.27
N GLY A 309 -53.94 -6.80 2.13
CA GLY A 309 -54.50 -7.20 0.85
C GLY A 309 -54.45 -6.09 -0.18
N TYR A 310 -54.35 -4.84 0.29
CA TYR A 310 -54.27 -3.72 -0.62
C TYR A 310 -52.91 -3.77 -1.28
N ARG A 311 -51.93 -4.23 -0.52
CA ARG A 311 -50.57 -4.33 -1.04
C ARG A 311 -50.46 -5.51 -2.00
N LEU A 312 -51.15 -6.61 -1.71
CA LEU A 312 -51.14 -7.77 -2.59
C LEU A 312 -51.80 -7.31 -3.88
N TYR A 313 -52.90 -6.57 -3.73
CA TYR A 313 -53.62 -6.06 -4.88
C TYR A 313 -52.69 -5.27 -5.79
N ARG A 314 -52.15 -4.16 -5.28
CA ARG A 314 -51.29 -3.37 -6.15
C ARG A 314 -50.09 -4.11 -6.71
N GLU A 315 -49.63 -5.17 -6.04
CA GLU A 315 -48.47 -5.89 -6.57
C GLU A 315 -48.86 -6.97 -7.58
N GLY A 316 -50.11 -6.94 -8.03
CA GLY A 316 -50.58 -7.88 -9.02
C GLY A 316 -51.29 -9.13 -8.53
N CYS A 317 -51.51 -9.25 -7.22
CA CYS A 317 -52.18 -10.42 -6.69
C CYS A 317 -53.66 -10.33 -6.96
N TYR A 318 -54.29 -11.50 -7.04
CA TYR A 318 -55.73 -11.59 -7.30
C TYR A 318 -56.49 -12.10 -6.07
N PHE A 319 -57.81 -12.03 -6.13
CA PHE A 319 -58.66 -12.47 -5.03
C PHE A 319 -59.84 -13.28 -5.55
N ARG A 320 -60.08 -14.41 -4.88
CA ARG A 320 -61.19 -15.31 -5.22
C ARG A 320 -61.84 -15.81 -3.93
N SER A 321 -63.16 -15.69 -3.82
CA SER A 321 -63.84 -16.17 -2.61
C SER A 321 -64.13 -17.66 -2.76
N VAL A 322 -63.80 -18.44 -1.74
CA VAL A 322 -63.98 -19.88 -1.78
C VAL A 322 -65.18 -20.38 -0.98
N GLU A 323 -66.11 -21.01 -1.68
CA GLU A 323 -67.32 -21.55 -1.07
C GLU A 323 -66.99 -22.65 -0.05
N GLY A 324 -66.24 -23.66 -0.48
CA GLY A 324 -65.88 -24.74 0.41
C GLY A 324 -64.94 -24.36 1.54
N ALA A 325 -64.49 -23.10 1.54
CA ALA A 325 -63.56 -22.62 2.57
C ALA A 325 -64.33 -22.09 3.77
N MET A 326 -65.59 -22.48 3.87
CA MET A 326 -66.48 -22.06 4.95
C MET A 326 -65.97 -22.45 6.35
N ALA A 327 -65.99 -21.47 7.25
CA ALA A 327 -65.57 -21.67 8.62
C ALA A 327 -66.63 -21.06 9.53
N TYR A 328 -66.65 -21.49 10.79
CA TYR A 328 -67.63 -21.01 11.76
C TYR A 328 -67.02 -20.21 12.90
N HIS A 329 -67.42 -18.95 12.99
CA HIS A 329 -66.92 -18.03 14.00
C HIS A 329 -67.62 -18.25 15.33
N GLN A 330 -66.93 -18.94 16.24
CA GLN A 330 -67.45 -19.23 17.57
C GLN A 330 -67.50 -17.94 18.41
N GLU A 331 -68.62 -17.69 19.06
CA GLU A 331 -68.75 -16.47 19.87
C GLU A 331 -67.80 -16.45 21.08
N PRO A 332 -67.25 -15.26 21.38
CA PRO A 332 -66.32 -15.01 22.48
C PRO A 332 -66.93 -15.11 23.89
N PRO A 333 -66.35 -15.96 24.76
CA PRO A 333 -66.83 -16.14 26.13
C PRO A 333 -66.70 -14.88 26.98
N GLN A 350 -59.94 5.26 11.57
CA GLN A 350 -59.83 4.43 10.37
C GLN A 350 -58.63 4.91 9.55
N LEU A 351 -57.45 4.80 10.16
CA LEU A 351 -56.21 5.24 9.53
C LEU A 351 -55.62 4.32 8.44
N LEU A 352 -56.48 3.94 7.50
CA LEU A 352 -56.09 3.16 6.34
C LEU A 352 -55.84 4.36 5.44
N GLN A 353 -56.46 5.46 5.83
CA GLN A 353 -56.37 6.75 5.15
C GLN A 353 -54.90 7.04 4.90
N GLN A 354 -54.08 6.64 5.85
CA GLN A 354 -52.64 6.84 5.78
C GLN A 354 -51.92 5.81 4.92
N LYS A 355 -52.48 4.61 4.79
CA LYS A 355 -51.77 3.60 4.01
C LYS A 355 -52.37 3.03 2.73
N VAL A 356 -53.65 3.24 2.49
CA VAL A 356 -54.29 2.73 1.28
C VAL A 356 -54.88 3.90 0.50
N PRO A 357 -54.22 4.32 -0.57
CA PRO A 357 -54.73 5.45 -1.35
C PRO A 357 -55.82 5.08 -2.36
N TYR A 358 -55.66 3.92 -2.99
CA TYR A 358 -56.59 3.45 -4.01
C TYR A 358 -58.09 3.63 -3.83
N PHE A 359 -58.65 3.23 -2.70
CA PHE A 359 -60.10 3.35 -2.57
C PHE A 359 -60.61 4.14 -1.37
N TYR A 360 -59.91 4.00 -0.25
CA TYR A 360 -60.30 4.65 0.99
C TYR A 360 -60.07 6.15 1.06
N ARG A 361 -58.80 6.53 0.93
CA ARG A 361 -58.45 7.94 1.04
C ARG A 361 -59.35 8.90 0.28
N LYS A 362 -59.96 9.81 1.03
CA LYS A 362 -60.83 10.83 0.48
C LYS A 362 -60.00 12.12 0.37
N LYS A 363 -60.14 12.81 -0.75
CA LYS A 363 -59.39 14.04 -0.97
C LYS A 363 -59.68 15.12 0.08
N GLU A 364 -58.63 15.77 0.56
CA GLU A 364 -58.76 16.81 1.57
C GLU A 364 -58.36 18.18 1.05
N LYS A 365 -58.96 19.23 1.59
CA LYS A 365 -58.64 20.59 1.19
C LYS A 365 -57.17 20.88 1.51
N ILE A 366 -56.63 21.90 0.86
CA ILE A 366 -55.23 22.27 1.05
C ILE A 366 -54.96 22.74 2.47
N GLU A 367 -55.82 23.63 2.96
CA GLU A 367 -55.69 24.17 4.31
C GLU A 367 -55.85 23.11 5.36
N SER A 368 -56.27 21.92 4.93
CA SER A 368 -56.45 20.79 5.83
C SER A 368 -55.48 19.69 5.43
N ALA A 369 -55.07 19.73 4.17
CA ALA A 369 -54.16 18.74 3.60
C ALA A 369 -52.86 18.58 4.36
N THR A 370 -52.45 17.33 4.49
CA THR A 370 -51.22 16.98 5.17
C THR A 370 -50.63 15.80 4.42
N LEU A 371 -49.30 15.73 4.35
CA LEU A 371 -48.64 14.64 3.62
C LEU A 371 -49.16 13.31 4.11
N LYS A 372 -49.14 12.32 3.22
CA LYS A 372 -49.60 10.99 3.57
C LYS A 372 -48.45 10.02 3.60
N ARG A 373 -48.58 9.02 4.47
CA ARG A 373 -47.55 7.99 4.62
C ARG A 373 -47.28 7.37 3.25
N VAL A 374 -48.35 6.94 2.59
CA VAL A 374 -48.28 6.35 1.27
C VAL A 374 -49.06 7.30 0.38
N PRO A 375 -48.38 8.01 -0.52
CA PRO A 375 -49.06 8.95 -1.41
C PRO A 375 -50.00 8.29 -2.41
N LEU A 376 -50.93 9.07 -2.94
CA LEU A 376 -51.90 8.60 -3.91
C LEU A 376 -51.31 8.56 -5.32
N VAL A 377 -50.66 9.65 -5.72
CA VAL A 377 -50.04 9.77 -7.03
C VAL A 377 -48.51 9.77 -6.96
N SER A 378 -47.87 9.17 -7.97
CA SER A 378 -46.42 9.10 -8.04
C SER A 378 -46.01 9.37 -9.47
N ILE A 379 -45.30 10.47 -9.70
CA ILE A 379 -44.83 10.82 -11.04
C ILE A 379 -43.41 10.29 -11.17
N TYR A 380 -43.19 9.39 -12.13
CA TYR A 380 -41.87 8.82 -12.32
C TYR A 380 -41.11 9.58 -13.40
N ILE A 381 -39.87 9.96 -13.10
CA ILE A 381 -39.07 10.68 -14.08
C ILE A 381 -37.73 9.99 -14.36
N PRO A 382 -37.44 9.74 -15.65
CA PRO A 382 -36.21 9.11 -16.16
C PRO A 382 -35.33 10.25 -16.72
N ALA A 383 -34.35 10.68 -15.95
CA ALA A 383 -33.50 11.79 -16.36
C ALA A 383 -32.05 11.48 -16.75
N TYR A 384 -31.62 12.11 -17.84
CA TYR A 384 -30.26 11.96 -18.34
C TYR A 384 -29.91 13.25 -19.07
N ASN A 385 -28.81 13.88 -18.66
CA ASN A 385 -28.36 15.12 -19.27
C ASN A 385 -29.53 16.09 -19.44
N CYS A 386 -30.16 16.43 -18.32
CA CYS A 386 -31.30 17.33 -18.32
C CYS A 386 -31.07 18.47 -17.35
N SER A 387 -29.83 18.94 -17.32
CA SER A 387 -29.42 20.04 -16.46
C SER A 387 -30.35 21.25 -16.49
N LYS A 388 -30.55 21.82 -17.66
CA LYS A 388 -31.38 23.00 -17.78
C LYS A 388 -32.89 22.84 -17.66
N TYR A 389 -33.39 21.61 -17.67
CA TYR A 389 -34.83 21.43 -17.62
C TYR A 389 -35.42 20.73 -16.40
N ILE A 390 -34.62 19.93 -15.70
CA ILE A 390 -35.14 19.17 -14.58
C ILE A 390 -35.97 19.93 -13.54
N VAL A 391 -35.51 21.11 -13.14
CA VAL A 391 -36.24 21.89 -12.15
C VAL A 391 -37.64 22.27 -12.64
N ARG A 392 -37.71 22.93 -13.79
CA ARG A 392 -38.99 23.32 -14.35
C ARG A 392 -39.86 22.07 -14.41
N CYS A 393 -39.23 20.96 -14.79
CA CYS A 393 -39.93 19.68 -14.91
C CYS A 393 -40.54 19.22 -13.60
N VAL A 394 -39.71 19.08 -12.58
CA VAL A 394 -40.16 18.62 -11.27
C VAL A 394 -41.15 19.59 -10.63
N GLU A 395 -40.90 20.89 -10.78
CA GLU A 395 -41.78 21.88 -10.19
C GLU A 395 -43.15 21.85 -10.87
N SER A 396 -43.18 21.58 -12.17
CA SER A 396 -44.46 21.53 -12.86
C SER A 396 -45.30 20.41 -12.29
N ALA A 397 -44.66 19.47 -11.61
CA ALA A 397 -45.35 18.34 -10.99
C ALA A 397 -45.75 18.63 -9.54
N LEU A 398 -44.87 19.28 -8.80
CA LEU A 398 -45.19 19.59 -7.41
C LEU A 398 -46.32 20.62 -7.34
N ASN A 399 -46.43 21.42 -8.39
CA ASN A 399 -47.46 22.45 -8.43
C ASN A 399 -48.69 21.97 -9.17
N GLN A 400 -49.26 20.89 -8.67
CA GLN A 400 -50.45 20.32 -9.27
C GLN A 400 -51.66 20.55 -8.39
N THR A 401 -52.83 20.44 -9.01
CA THR A 401 -54.09 20.58 -8.31
C THR A 401 -54.09 19.49 -7.24
N ILE A 402 -53.58 18.32 -7.58
CA ILE A 402 -53.52 17.24 -6.61
C ILE A 402 -52.18 17.33 -5.90
N THR A 403 -52.22 17.54 -4.59
CA THR A 403 -50.99 17.65 -3.81
C THR A 403 -50.61 16.35 -3.12
N ASP A 404 -51.48 15.35 -3.24
CA ASP A 404 -51.24 14.06 -2.64
C ASP A 404 -50.48 13.20 -3.64
N LEU A 405 -49.21 13.55 -3.87
CA LEU A 405 -48.38 12.81 -4.80
C LEU A 405 -46.93 12.98 -4.45
N GLU A 406 -46.08 12.27 -5.19
CA GLU A 406 -44.64 12.32 -4.99
C GLU A 406 -43.96 12.21 -6.35
N VAL A 407 -42.70 12.64 -6.42
CA VAL A 407 -41.93 12.58 -7.65
C VAL A 407 -40.70 11.74 -7.41
N CYS A 408 -40.50 10.74 -8.25
CA CYS A 408 -39.37 9.84 -8.13
C CYS A 408 -38.53 9.94 -9.38
N ILE A 409 -37.25 10.24 -9.22
CA ILE A 409 -36.39 10.39 -10.37
C ILE A 409 -35.23 9.42 -10.40
N CYS A 410 -34.79 9.06 -11.59
CA CYS A 410 -33.65 8.16 -11.74
C CYS A 410 -32.57 8.85 -12.56
N ASP A 411 -31.43 9.11 -11.94
CA ASP A 411 -30.32 9.73 -12.66
C ASP A 411 -29.59 8.61 -13.41
N ASP A 412 -29.92 8.47 -14.69
CA ASP A 412 -29.37 7.44 -15.55
C ASP A 412 -27.92 7.69 -16.00
N GLY A 413 -27.04 7.96 -15.05
CA GLY A 413 -25.65 8.21 -15.38
C GLY A 413 -25.50 9.49 -16.19
N SER A 414 -26.19 10.55 -15.77
CA SER A 414 -26.10 11.82 -16.47
C SER A 414 -24.66 12.32 -16.52
N THR A 415 -24.24 12.86 -17.66
CA THR A 415 -22.88 13.35 -17.77
C THR A 415 -22.76 14.80 -17.31
N ASP A 416 -23.80 15.59 -17.54
CA ASP A 416 -23.76 16.98 -17.08
C ASP A 416 -24.03 16.95 -15.58
N ASP A 417 -24.29 18.11 -14.99
CA ASP A 417 -24.49 18.12 -13.56
C ASP A 417 -25.94 18.09 -13.10
N THR A 418 -26.67 17.16 -13.69
CA THR A 418 -28.06 16.94 -13.35
C THR A 418 -28.13 16.54 -11.88
N LEU A 419 -27.34 15.52 -11.52
CA LEU A 419 -27.32 15.03 -10.16
C LEU A 419 -27.05 16.11 -9.11
N ARG A 420 -26.20 17.08 -9.44
CA ARG A 420 -25.86 18.16 -8.51
C ARG A 420 -27.07 19.08 -8.30
N ILE A 421 -27.75 19.37 -9.41
CA ILE A 421 -28.95 20.20 -9.39
C ILE A 421 -29.98 19.46 -8.52
N LEU A 422 -30.19 18.18 -8.83
CA LEU A 422 -31.13 17.34 -8.09
C LEU A 422 -30.83 17.35 -6.60
N GLN A 423 -29.54 17.32 -6.26
CA GLN A 423 -29.12 17.31 -4.86
C GLN A 423 -29.33 18.63 -4.12
N GLU A 424 -28.94 19.75 -4.74
CA GLU A 424 -29.11 21.03 -4.07
C GLU A 424 -30.52 21.58 -4.14
N HIS A 425 -31.38 20.95 -4.93
CA HIS A 425 -32.77 21.39 -5.06
C HIS A 425 -33.74 20.50 -4.28
N TYR A 426 -33.62 19.18 -4.46
CA TYR A 426 -34.52 18.21 -3.83
C TYR A 426 -33.94 17.20 -2.87
N ALA A 427 -32.67 17.35 -2.48
CA ALA A 427 -32.09 16.38 -1.55
C ALA A 427 -33.02 16.15 -0.35
N ASN A 428 -33.17 17.17 0.49
CA ASN A 428 -34.01 17.07 1.69
C ASN A 428 -35.47 17.47 1.48
N HIS A 429 -36.01 17.22 0.29
CA HIS A 429 -37.40 17.55 -0.02
C HIS A 429 -38.24 16.32 0.34
N PRO A 430 -39.37 16.53 1.07
CA PRO A 430 -40.28 15.46 1.49
C PRO A 430 -41.20 14.82 0.45
N ARG A 431 -41.32 15.42 -0.73
CA ARG A 431 -42.18 14.88 -1.78
C ARG A 431 -41.45 14.51 -3.06
N VAL A 432 -40.11 14.56 -3.04
CA VAL A 432 -39.29 14.23 -4.21
C VAL A 432 -38.15 13.30 -3.84
N ARG A 433 -37.96 12.24 -4.62
CA ARG A 433 -36.90 11.26 -4.37
C ARG A 433 -36.20 10.86 -5.66
N PHE A 434 -34.86 10.85 -5.62
CA PHE A 434 -34.07 10.45 -6.78
C PHE A 434 -33.05 9.39 -6.39
N ILE A 435 -32.54 8.68 -7.38
CA ILE A 435 -31.55 7.64 -7.17
C ILE A 435 -30.71 7.60 -8.42
N SER A 436 -29.40 7.49 -8.27
CA SER A 436 -28.54 7.48 -9.44
C SER A 436 -28.04 6.09 -9.82
N GLN A 437 -27.66 5.92 -11.09
CA GLN A 437 -27.16 4.65 -11.59
C GLN A 437 -26.38 4.93 -12.86
N LYS A 438 -25.77 3.89 -13.42
CA LYS A 438 -25.01 4.02 -14.65
C LYS A 438 -25.99 4.09 -15.80
N ASN A 439 -25.68 4.88 -16.82
CA ASN A 439 -26.58 5.00 -17.96
C ASN A 439 -26.85 3.63 -18.58
N LYS A 440 -27.99 3.04 -18.25
CA LYS A 440 -28.36 1.74 -18.80
C LYS A 440 -29.43 1.94 -19.88
N GLY A 441 -29.71 3.19 -20.22
CA GLY A 441 -30.71 3.44 -21.22
C GLY A 441 -32.01 3.91 -20.61
N ILE A 442 -32.91 4.37 -21.46
CA ILE A 442 -34.21 4.87 -21.06
C ILE A 442 -35.14 3.85 -20.37
N GLY A 443 -35.26 2.65 -20.93
CA GLY A 443 -36.11 1.63 -20.32
C GLY A 443 -35.69 1.35 -18.89
N SER A 444 -34.40 1.10 -18.69
CA SER A 444 -33.84 0.82 -17.37
C SER A 444 -34.07 1.98 -16.40
N ALA A 445 -33.88 3.20 -16.88
CA ALA A 445 -34.08 4.38 -16.04
C ALA A 445 -35.54 4.38 -15.56
N SER A 446 -36.44 4.06 -16.49
CA SER A 446 -37.87 4.00 -16.19
C SER A 446 -38.19 2.97 -15.12
N ASN A 447 -37.72 1.74 -15.30
CA ASN A 447 -37.97 0.70 -14.32
C ASN A 447 -37.50 1.14 -12.94
N THR A 448 -36.25 1.58 -12.87
CA THR A 448 -35.69 2.04 -11.60
C THR A 448 -36.59 3.14 -11.04
N ALA A 449 -37.07 4.01 -11.94
CA ALA A 449 -37.93 5.13 -11.58
C ALA A 449 -39.27 4.67 -11.03
N VAL A 450 -39.86 3.67 -11.67
CA VAL A 450 -41.14 3.14 -11.25
C VAL A 450 -41.09 2.22 -10.03
N ARG A 451 -40.00 1.47 -9.85
CA ARG A 451 -39.92 0.58 -8.69
C ARG A 451 -39.67 1.40 -7.42
N LEU A 452 -39.27 2.65 -7.63
CA LEU A 452 -38.96 3.59 -6.56
C LEU A 452 -40.27 4.22 -6.05
N CYS A 453 -41.26 4.28 -6.94
CA CYS A 453 -42.57 4.85 -6.63
C CYS A 453 -43.23 4.04 -5.54
N ARG A 454 -44.02 4.72 -4.72
CA ARG A 454 -44.74 4.09 -3.63
C ARG A 454 -46.24 4.22 -3.81
N GLY A 455 -46.68 5.24 -4.54
CA GLY A 455 -48.09 5.47 -4.76
C GLY A 455 -48.80 4.42 -5.60
N PHE A 456 -50.09 4.61 -5.81
CA PHE A 456 -50.87 3.67 -6.60
C PHE A 456 -51.04 4.10 -8.05
N TYR A 457 -51.19 5.40 -8.26
CA TYR A 457 -51.34 5.92 -9.62
C TYR A 457 -50.02 6.53 -10.05
N ILE A 458 -49.44 5.99 -11.12
CA ILE A 458 -48.17 6.48 -11.60
C ILE A 458 -48.33 7.31 -12.85
N GLY A 459 -47.55 8.39 -12.94
CA GLY A 459 -47.58 9.26 -14.09
C GLY A 459 -46.19 9.32 -14.67
N GLN A 460 -46.11 9.55 -15.99
CA GLN A 460 -44.82 9.65 -16.66
C GLN A 460 -44.53 11.09 -17.06
N LEU A 461 -43.38 11.60 -16.65
CA LEU A 461 -43.00 12.96 -16.98
C LEU A 461 -41.53 12.90 -17.36
N ASP A 462 -41.20 13.02 -18.63
CA ASP A 462 -39.79 12.97 -18.99
C ASP A 462 -39.06 14.24 -18.52
N SER A 463 -37.81 14.05 -18.11
CA SER A 463 -36.99 15.13 -17.56
C SER A 463 -36.84 16.42 -18.37
N ASP A 464 -37.31 16.43 -19.61
CA ASP A 464 -37.15 17.62 -20.42
C ASP A 464 -38.46 18.30 -20.80
N ASP A 465 -39.58 17.68 -20.42
CA ASP A 465 -40.91 18.21 -20.70
C ASP A 465 -41.50 18.74 -19.37
N PHE A 466 -42.71 19.28 -19.40
CA PHE A 466 -43.33 19.75 -18.17
C PHE A 466 -44.86 19.70 -18.25
N LEU A 467 -45.50 19.50 -17.10
CA LEU A 467 -46.97 19.41 -16.98
C LEU A 467 -47.71 20.72 -16.76
N GLU A 468 -49.03 20.64 -16.91
CA GLU A 468 -49.93 21.77 -16.68
C GLU A 468 -50.47 21.54 -15.27
N PRO A 469 -50.79 22.61 -14.52
CA PRO A 469 -51.31 22.54 -13.15
C PRO A 469 -52.57 21.73 -12.84
N ASP A 470 -53.09 21.00 -13.83
CA ASP A 470 -54.29 20.20 -13.59
C ASP A 470 -54.33 18.89 -14.35
N ALA A 471 -53.18 18.48 -14.88
CA ALA A 471 -53.06 17.23 -15.64
C ALA A 471 -53.35 16.02 -14.76
N VAL A 472 -52.68 15.93 -13.62
CA VAL A 472 -52.89 14.82 -12.71
C VAL A 472 -54.36 14.71 -12.33
N GLU A 473 -54.95 15.84 -11.97
CA GLU A 473 -56.35 15.90 -11.58
C GLU A 473 -57.28 15.36 -12.66
N LEU A 474 -57.10 15.80 -13.90
CA LEU A 474 -57.95 15.33 -14.99
C LEU A 474 -57.90 13.81 -15.12
N CYS A 475 -56.70 13.25 -15.21
CA CYS A 475 -56.54 11.81 -15.33
C CYS A 475 -57.14 11.09 -14.13
N LEU A 476 -56.96 11.69 -12.96
CA LEU A 476 -57.47 11.10 -11.73
C LEU A 476 -58.99 10.97 -11.80
N ASP A 477 -59.62 11.97 -12.40
CA ASP A 477 -61.06 11.96 -12.52
C ASP A 477 -61.53 10.76 -13.34
N GLU A 478 -60.85 10.46 -14.43
CA GLU A 478 -61.25 9.32 -15.25
C GLU A 478 -61.04 8.02 -14.50
N PHE A 479 -59.98 7.95 -13.70
CA PHE A 479 -59.67 6.75 -12.92
C PHE A 479 -60.73 6.50 -11.85
N ARG A 480 -61.14 7.56 -11.19
CA ARG A 480 -62.16 7.44 -10.15
C ARG A 480 -63.50 7.08 -10.78
N LYS A 481 -63.66 7.32 -12.08
CA LYS A 481 -64.91 7.03 -12.78
C LYS A 481 -65.04 5.59 -13.30
N ASP A 482 -63.92 4.96 -13.65
CA ASP A 482 -63.95 3.59 -14.12
C ASP A 482 -62.81 2.85 -13.43
N LEU A 483 -63.09 2.34 -12.24
CA LEU A 483 -62.07 1.64 -11.48
C LEU A 483 -61.52 0.40 -12.17
N SER A 484 -61.87 0.23 -13.44
CA SER A 484 -61.40 -0.92 -14.23
C SER A 484 -60.20 -0.49 -15.08
N LEU A 485 -60.08 0.81 -15.29
CA LEU A 485 -59.01 1.42 -16.07
C LEU A 485 -57.57 1.10 -15.66
N ALA A 486 -56.74 0.82 -16.67
CA ALA A 486 -55.34 0.51 -16.50
C ALA A 486 -54.52 1.75 -16.87
N CYS A 487 -55.09 2.59 -17.72
CA CYS A 487 -54.40 3.81 -18.16
C CYS A 487 -55.30 4.88 -18.75
N VAL A 488 -54.96 6.14 -18.47
CA VAL A 488 -55.70 7.25 -19.03
C VAL A 488 -54.63 8.24 -19.44
N TYR A 489 -54.74 8.73 -20.67
CA TYR A 489 -53.76 9.66 -21.19
C TYR A 489 -54.44 10.87 -21.83
N THR A 490 -53.77 12.02 -21.74
CA THR A 490 -54.30 13.25 -22.31
C THR A 490 -53.50 13.47 -23.58
N THR A 491 -53.53 14.71 -24.09
CA THR A 491 -52.75 15.02 -25.28
C THR A 491 -51.71 16.05 -24.81
N ASN A 492 -51.07 16.73 -25.75
CA ASN A 492 -50.00 17.66 -25.40
C ASN A 492 -49.81 18.72 -26.46
N ARG A 493 -48.73 19.49 -26.32
CA ARG A 493 -48.39 20.49 -27.30
C ARG A 493 -46.88 20.39 -27.51
N ASN A 494 -46.41 20.82 -28.68
CA ASN A 494 -44.98 20.75 -28.97
C ASN A 494 -44.30 22.04 -28.60
N ILE A 495 -43.25 21.91 -27.78
CA ILE A 495 -42.48 23.04 -27.30
C ILE A 495 -41.05 23.08 -27.80
N ASP A 496 -40.51 24.29 -27.74
CA ASP A 496 -39.15 24.61 -28.15
C ASP A 496 -38.21 24.31 -26.98
N ARG A 497 -36.93 24.07 -27.27
CA ARG A 497 -35.95 23.81 -26.22
C ARG A 497 -35.67 25.11 -25.47
N GLU A 498 -36.30 26.19 -25.94
CA GLU A 498 -36.17 27.51 -25.34
C GLU A 498 -37.50 27.91 -24.69
N GLY A 499 -38.57 27.19 -25.05
CA GLY A 499 -39.88 27.50 -24.50
C GLY A 499 -40.91 27.83 -25.56
N ASN A 500 -40.47 28.50 -26.63
CA ASN A 500 -41.32 28.90 -27.75
C ASN A 500 -42.33 27.80 -28.16
N LEU A 501 -43.52 28.20 -28.61
CA LEU A 501 -44.52 27.24 -29.03
C LEU A 501 -44.30 26.74 -30.46
N ILE A 502 -44.12 25.44 -30.64
CA ILE A 502 -43.93 24.91 -31.98
C ILE A 502 -45.26 24.52 -32.63
N SER A 503 -46.06 23.73 -31.94
CA SER A 503 -47.34 23.28 -32.51
C SER A 503 -48.12 22.40 -31.53
N ASN A 504 -49.41 22.23 -31.78
CA ASN A 504 -50.19 21.36 -30.90
C ASN A 504 -49.78 19.95 -31.23
N GLY A 505 -49.89 19.05 -30.26
CA GLY A 505 -49.50 17.67 -30.49
C GLY A 505 -50.51 16.88 -31.29
N TYR A 506 -50.08 15.70 -31.72
CA TYR A 506 -50.90 14.78 -32.49
C TYR A 506 -52.00 14.33 -31.55
N ASN A 507 -53.23 14.26 -32.04
CA ASN A 507 -54.32 13.84 -31.18
C ASN A 507 -55.34 12.95 -31.85
N TRP A 508 -55.38 11.70 -31.44
CA TRP A 508 -56.36 10.77 -31.98
C TRP A 508 -57.41 10.75 -30.87
N PRO A 509 -58.59 11.33 -31.13
CA PRO A 509 -59.77 11.47 -30.25
C PRO A 509 -60.28 10.28 -29.41
N ILE A 510 -60.42 9.11 -30.02
CA ILE A 510 -60.96 7.94 -29.32
C ILE A 510 -59.96 6.78 -29.23
N TYR A 511 -59.77 6.23 -28.04
CA TYR A 511 -58.85 5.13 -27.90
C TYR A 511 -59.46 3.79 -28.28
N SER A 512 -58.62 2.89 -28.78
CA SER A 512 -59.03 1.53 -29.15
C SER A 512 -57.77 0.68 -29.22
N ARG A 513 -57.86 -0.57 -28.79
CA ARG A 513 -56.71 -1.46 -28.81
C ARG A 513 -56.22 -1.64 -30.23
N GLU A 514 -57.15 -1.68 -31.17
CA GLU A 514 -56.80 -1.85 -32.57
C GLU A 514 -56.08 -0.62 -33.14
N LYS A 515 -56.43 0.57 -32.67
CA LYS A 515 -55.76 1.76 -33.19
C LYS A 515 -54.35 1.89 -32.61
N LEU A 516 -54.16 1.45 -31.36
CA LEU A 516 -52.85 1.52 -30.74
C LEU A 516 -51.92 0.49 -31.37
N THR A 517 -52.46 -0.68 -31.71
CA THR A 517 -51.66 -1.73 -32.33
C THR A 517 -51.33 -1.37 -33.78
N SER A 518 -51.74 -0.18 -34.20
CA SER A 518 -51.48 0.28 -35.56
C SER A 518 -50.58 1.50 -35.57
N ALA A 519 -50.70 2.33 -34.54
CA ALA A 519 -49.91 3.55 -34.44
C ALA A 519 -49.90 4.08 -33.00
N MET A 520 -48.77 4.65 -32.59
CA MET A 520 -48.65 5.18 -31.24
C MET A 520 -49.62 6.33 -31.06
N ILE A 521 -50.79 6.04 -30.52
CA ILE A 521 -51.82 7.06 -30.31
C ILE A 521 -51.93 7.44 -28.84
N CYS A 522 -51.15 6.77 -28.01
CA CYS A 522 -51.17 7.06 -26.59
C CYS A 522 -50.27 8.29 -26.36
N HIS A 523 -50.81 9.45 -26.73
CA HIS A 523 -50.13 10.74 -26.61
C HIS A 523 -49.70 10.94 -25.17
N HIS A 524 -48.88 11.95 -24.91
CA HIS A 524 -48.46 12.10 -23.52
C HIS A 524 -49.28 12.99 -22.81
N PHE A 525 -49.74 12.93 -21.62
CA PHE A 525 -49.18 12.60 -20.43
C PHE A 525 -49.82 11.27 -20.07
N ARG A 526 -49.09 10.20 -19.72
CA ARG A 526 -49.82 9.00 -19.46
C ARG A 526 -49.79 8.84 -17.97
N MET A 527 -50.84 8.25 -17.44
CA MET A 527 -50.97 7.99 -16.02
C MET A 527 -51.55 6.58 -15.97
N PHE A 528 -50.76 5.63 -15.48
CA PHE A 528 -51.21 4.25 -15.41
C PHE A 528 -51.16 3.75 -13.98
N THR A 529 -52.07 2.85 -13.68
CA THR A 529 -52.19 2.28 -12.35
C THR A 529 -51.02 1.36 -12.00
N ALA A 530 -50.59 1.41 -10.74
CA ALA A 530 -49.48 0.58 -10.30
C ALA A 530 -49.76 -0.90 -10.56
N ARG A 531 -50.95 -1.36 -10.18
CA ARG A 531 -51.34 -2.75 -10.38
C ARG A 531 -51.19 -3.22 -11.83
N ALA A 532 -51.71 -2.43 -12.76
CA ALA A 532 -51.63 -2.80 -14.18
C ALA A 532 -50.19 -3.04 -14.62
N TRP A 533 -49.31 -2.14 -14.19
CA TRP A 533 -47.89 -2.22 -14.51
C TRP A 533 -47.32 -3.54 -13.98
N ASN A 534 -47.67 -3.89 -12.75
CA ASN A 534 -47.18 -5.13 -12.14
C ASN A 534 -47.76 -6.41 -12.77
N LEU A 535 -48.58 -6.24 -13.80
CA LEU A 535 -49.14 -7.38 -14.49
C LEU A 535 -48.40 -7.50 -15.80
N THR A 536 -47.42 -6.62 -16.00
CA THR A 536 -46.63 -6.64 -17.22
C THR A 536 -45.17 -6.91 -16.89
N GLU A 537 -44.33 -6.90 -17.92
CA GLU A 537 -42.90 -7.16 -17.77
C GLU A 537 -42.09 -5.87 -17.64
N GLY A 538 -42.75 -4.81 -17.18
CA GLY A 538 -42.06 -3.53 -17.01
C GLY A 538 -41.58 -2.94 -18.31
N PHE A 539 -40.53 -2.12 -18.24
CA PHE A 539 -39.97 -1.49 -19.42
C PHE A 539 -38.94 -2.36 -20.10
N ASN A 540 -38.80 -2.16 -21.41
CA ASN A 540 -37.85 -2.88 -22.24
C ASN A 540 -36.49 -2.20 -22.09
N GLU A 541 -35.55 -2.92 -21.52
CA GLU A 541 -34.22 -2.36 -21.30
C GLU A 541 -33.23 -2.67 -22.43
N SER A 542 -33.73 -3.14 -23.57
CA SER A 542 -32.85 -3.46 -24.68
C SER A 542 -33.03 -2.55 -25.91
N ILE A 543 -34.22 -1.97 -26.09
CA ILE A 543 -34.46 -1.08 -27.24
C ILE A 543 -34.02 0.35 -26.93
N SER A 544 -33.49 1.04 -27.95
CA SER A 544 -33.02 2.42 -27.77
C SER A 544 -34.10 3.49 -27.92
N ASN A 545 -35.30 3.05 -28.29
CA ASN A 545 -36.43 3.94 -28.45
C ASN A 545 -37.63 3.07 -28.78
N ALA A 546 -38.82 3.66 -28.62
CA ALA A 546 -40.11 3.02 -28.81
C ALA A 546 -40.42 2.44 -27.43
N VAL A 547 -39.57 2.77 -26.46
CA VAL A 547 -39.72 2.30 -25.09
C VAL A 547 -41.09 2.65 -24.55
N ASP A 548 -41.65 3.76 -25.02
CA ASP A 548 -42.97 4.18 -24.58
C ASP A 548 -44.08 3.41 -25.31
N TYR A 549 -43.96 3.32 -26.64
CA TYR A 549 -44.93 2.61 -27.45
C TYR A 549 -44.98 1.16 -26.96
N ASP A 550 -43.83 0.67 -26.50
CA ASP A 550 -43.70 -0.70 -25.99
C ASP A 550 -44.45 -0.90 -24.67
N MET A 551 -44.27 0.03 -23.74
CA MET A 551 -44.92 -0.04 -22.43
C MET A 551 -46.44 -0.06 -22.50
N TYR A 552 -46.99 0.98 -23.12
CA TYR A 552 -48.42 1.13 -23.28
C TYR A 552 -49.02 0.03 -24.14
N LEU A 553 -48.15 -0.68 -24.85
CA LEU A 553 -48.60 -1.81 -25.64
C LEU A 553 -48.77 -2.95 -24.63
N LYS A 554 -47.78 -3.12 -23.74
CA LYS A 554 -47.85 -4.15 -22.69
C LYS A 554 -49.00 -3.84 -21.72
N LEU A 555 -49.29 -2.56 -21.55
CA LEU A 555 -50.36 -2.14 -20.65
C LEU A 555 -51.75 -2.19 -21.29
N SER A 556 -51.79 -2.16 -22.60
CA SER A 556 -53.05 -2.20 -23.36
C SER A 556 -53.63 -3.61 -23.43
N GLU A 557 -52.88 -4.58 -22.93
CA GLU A 557 -53.30 -5.97 -22.93
C GLU A 557 -53.96 -6.34 -21.61
N VAL A 558 -53.54 -5.64 -20.55
CA VAL A 558 -54.04 -5.89 -19.21
C VAL A 558 -55.33 -5.17 -18.86
N GLY A 559 -55.56 -4.03 -19.49
CA GLY A 559 -56.78 -3.30 -19.19
C GLY A 559 -57.19 -2.18 -20.13
N PRO A 560 -58.42 -1.68 -19.97
CA PRO A 560 -59.01 -0.60 -20.77
C PRO A 560 -58.40 0.77 -20.51
N PHE A 561 -58.06 1.47 -21.58
CA PHE A 561 -57.48 2.82 -21.49
C PHE A 561 -58.58 3.85 -21.72
N LYS A 562 -58.35 5.08 -21.29
CA LYS A 562 -59.31 6.16 -21.49
C LYS A 562 -58.57 7.41 -21.93
N HIS A 563 -59.00 7.98 -23.05
CA HIS A 563 -58.36 9.17 -23.55
C HIS A 563 -59.13 10.44 -23.16
N ILE A 564 -58.39 11.50 -22.87
CA ILE A 564 -58.91 12.80 -22.51
C ILE A 564 -58.39 13.78 -23.55
N ASN A 565 -59.29 14.49 -24.21
CA ASN A 565 -58.87 15.41 -25.24
C ASN A 565 -58.56 16.81 -24.76
N LYS A 566 -57.45 16.91 -24.05
CA LYS A 566 -56.99 18.19 -23.53
C LYS A 566 -55.47 18.20 -23.49
N ILE A 567 -54.89 19.40 -23.67
CA ILE A 567 -53.44 19.57 -23.67
C ILE A 567 -52.95 19.82 -22.24
N CYS A 568 -52.38 18.78 -21.64
CA CYS A 568 -51.91 18.88 -20.27
C CYS A 568 -50.41 18.72 -20.19
N TYR A 569 -49.78 18.51 -21.34
CA TYR A 569 -48.35 18.26 -21.41
C TYR A 569 -47.66 19.16 -22.45
N ASN A 570 -46.39 19.41 -22.19
CA ASN A 570 -45.54 20.25 -23.03
C ASN A 570 -44.31 19.42 -23.35
N ARG A 571 -44.17 19.00 -24.61
CA ARG A 571 -43.02 18.20 -25.01
C ARG A 571 -42.05 18.93 -25.92
N VAL A 572 -40.77 18.93 -25.52
CA VAL A 572 -39.72 19.60 -26.28
C VAL A 572 -39.20 18.69 -27.40
N LEU A 573 -38.91 19.31 -28.54
CA LEU A 573 -38.38 18.61 -29.70
C LEU A 573 -37.02 19.24 -29.99
N HIS A 574 -36.14 18.50 -30.67
CA HIS A 574 -34.81 19.01 -30.99
C HIS A 574 -34.45 18.78 -32.47
N SER A 579 -28.67 14.07 -36.46
CA SER A 579 -27.82 14.14 -37.64
C SER A 579 -27.50 12.77 -38.24
N ILE A 580 -28.24 11.74 -37.82
CA ILE A 580 -27.97 10.41 -38.35
C ILE A 580 -29.01 9.97 -39.39
N LYS A 581 -28.77 8.81 -39.98
CA LYS A 581 -29.66 8.23 -40.98
C LYS A 581 -29.64 6.72 -40.77
N LYS A 582 -28.76 6.29 -39.87
CA LYS A 582 -28.60 4.88 -39.50
C LYS A 582 -29.33 4.73 -38.16
N LEU A 583 -29.35 5.82 -37.39
CA LEU A 583 -30.02 5.85 -36.09
C LEU A 583 -31.51 5.95 -36.33
N ASP A 584 -31.89 6.48 -37.49
CA ASP A 584 -33.30 6.60 -37.85
C ASP A 584 -33.71 5.25 -38.42
N ILE A 585 -32.72 4.50 -38.87
CA ILE A 585 -32.98 3.18 -39.41
C ILE A 585 -33.47 2.31 -38.25
N GLN A 586 -32.66 2.23 -37.19
CA GLN A 586 -33.00 1.44 -36.01
C GLN A 586 -34.25 1.98 -35.32
N LYS A 587 -34.59 3.23 -35.59
CA LYS A 587 -35.79 3.85 -35.01
C LYS A 587 -37.06 3.24 -35.59
N GLU A 588 -37.11 3.08 -36.91
CA GLU A 588 -38.28 2.48 -37.54
C GLU A 588 -38.28 0.97 -37.31
N ASN A 589 -37.12 0.45 -36.89
CA ASN A 589 -37.00 -0.98 -36.61
C ASN A 589 -37.74 -1.26 -35.32
N HIS A 590 -37.37 -0.53 -34.28
CA HIS A 590 -37.97 -0.67 -32.96
C HIS A 590 -39.49 -0.44 -32.96
N PHE A 591 -39.95 0.50 -33.78
CA PHE A 591 -41.37 0.78 -33.86
C PHE A 591 -42.09 -0.49 -34.29
N LYS A 592 -41.49 -1.19 -35.25
CA LYS A 592 -42.04 -2.43 -35.78
C LYS A 592 -41.85 -3.59 -34.81
N VAL A 593 -40.64 -3.74 -34.29
CA VAL A 593 -40.34 -4.79 -33.33
C VAL A 593 -41.37 -4.79 -32.22
N VAL A 594 -41.51 -3.64 -31.58
CA VAL A 594 -42.45 -3.43 -30.47
C VAL A 594 -43.88 -3.90 -30.77
N ASN A 595 -44.39 -3.54 -31.94
CA ASN A 595 -45.74 -3.91 -32.31
C ASN A 595 -45.96 -5.41 -32.43
N GLU A 596 -44.95 -6.16 -32.89
CA GLU A 596 -45.11 -7.60 -33.01
C GLU A 596 -44.70 -8.34 -31.73
N SER A 597 -43.91 -7.69 -30.88
CA SER A 597 -43.52 -8.32 -29.62
C SER A 597 -44.85 -8.44 -28.90
N LEU A 598 -45.76 -7.55 -29.27
CA LEU A 598 -47.10 -7.51 -28.71
C LEU A 598 -47.82 -8.81 -29.08
N SER A 599 -47.17 -9.61 -29.93
CA SER A 599 -47.70 -10.90 -30.35
C SER A 599 -47.80 -11.79 -29.13
N ARG A 600 -47.24 -11.33 -28.00
CA ARG A 600 -47.28 -12.08 -26.75
C ARG A 600 -48.74 -12.32 -26.36
N LEU A 601 -49.61 -12.12 -27.34
CA LEU A 601 -51.04 -12.33 -27.19
C LEU A 601 -51.39 -13.58 -27.98
N GLY A 602 -50.38 -14.41 -28.24
CA GLY A 602 -50.60 -15.64 -28.97
C GLY A 602 -51.11 -15.47 -30.40
N ILE A 603 -50.63 -14.45 -31.11
CA ILE A 603 -51.05 -14.22 -32.48
C ILE A 603 -49.91 -14.52 -33.45
N LYS A 604 -50.10 -15.51 -34.31
CA LYS A 604 -49.05 -15.88 -35.27
C LYS A 604 -49.46 -15.68 -36.73
N LYS A 605 -50.76 -15.74 -37.03
CA LYS A 605 -51.23 -15.58 -38.40
C LYS A 605 -50.96 -14.23 -39.05
N TYR A 606 -50.45 -13.27 -38.28
CA TYR A 606 -50.17 -11.95 -38.84
C TYR A 606 -48.84 -11.31 -38.43
N LYS A 607 -48.37 -10.41 -39.28
CA LYS A 607 -47.12 -9.69 -39.06
C LYS A 607 -47.35 -8.22 -39.38
N TYR A 608 -47.07 -7.34 -38.44
CA TYR A 608 -47.24 -5.91 -38.65
C TYR A 608 -45.99 -5.43 -39.41
N SER A 609 -46.03 -5.55 -40.73
CA SER A 609 -44.90 -5.18 -41.57
C SER A 609 -44.94 -3.80 -42.20
N PRO A 610 -43.76 -3.20 -42.44
CA PRO A 610 -43.67 -1.86 -43.05
C PRO A 610 -44.22 -1.85 -44.47
N LEU A 611 -44.83 -0.73 -44.84
CA LEU A 611 -45.37 -0.55 -46.18
C LEU A 611 -44.24 -0.04 -47.08
N THR A 612 -43.13 0.34 -46.46
CA THR A 612 -41.97 0.87 -47.16
C THR A 612 -40.74 0.75 -46.27
N ASN A 613 -39.58 1.01 -46.84
CA ASN A 613 -38.34 0.97 -46.06
C ASN A 613 -37.84 2.40 -46.00
N LEU A 614 -38.76 3.33 -45.73
CA LEU A 614 -38.44 4.74 -45.64
C LEU A 614 -38.44 5.19 -44.18
N ASN A 615 -37.24 5.43 -43.65
CA ASN A 615 -37.02 5.88 -42.27
C ASN A 615 -38.18 6.59 -41.59
N GLU A 616 -38.49 7.80 -42.04
CA GLU A 616 -39.55 8.62 -41.47
C GLU A 616 -40.97 8.04 -41.57
N CYS A 617 -41.22 7.20 -42.57
CA CYS A 617 -42.55 6.61 -42.75
C CYS A 617 -42.88 5.49 -41.77
N ARG A 618 -44.11 5.52 -41.26
CA ARG A 618 -44.55 4.51 -40.33
C ARG A 618 -45.78 3.80 -40.86
N LYS A 619 -45.99 3.90 -42.17
CA LYS A 619 -47.13 3.24 -42.80
C LYS A 619 -46.91 1.74 -42.67
N TYR A 620 -48.01 1.02 -42.47
CA TYR A 620 -47.94 -0.41 -42.27
C TYR A 620 -48.75 -1.23 -43.26
N THR A 621 -48.71 -2.53 -43.05
CA THR A 621 -49.43 -3.49 -43.86
C THR A 621 -49.38 -4.82 -43.12
N TRP A 622 -50.53 -5.47 -42.99
CA TRP A 622 -50.57 -6.75 -42.30
C TRP A 622 -50.32 -7.89 -43.29
N GLU A 623 -49.19 -8.58 -43.14
CA GLU A 623 -48.90 -9.69 -44.02
C GLU A 623 -49.17 -11.01 -43.33
N LYS A 624 -49.88 -11.89 -44.02
CA LYS A 624 -50.25 -13.20 -43.51
C LYS A 624 -49.08 -14.18 -43.48
N ILE A 625 -49.27 -15.30 -42.80
CA ILE A 625 -48.24 -16.34 -42.69
C ILE A 625 -48.88 -17.73 -42.69
N LYS B 1 -30.27 -59.14 -33.83
CA LYS B 1 -30.95 -58.69 -32.57
C LYS B 1 -30.02 -57.72 -31.83
N ALA B 2 -30.29 -56.42 -31.95
CA ALA B 2 -29.46 -55.38 -31.32
C ALA B 2 -29.83 -55.02 -29.87
N VAL B 3 -29.27 -53.89 -29.41
CA VAL B 3 -29.51 -53.40 -28.05
C VAL B 3 -28.71 -52.12 -27.74
N ILE B 4 -28.88 -51.57 -26.54
CA ILE B 4 -28.18 -50.36 -26.09
C ILE B 4 -27.81 -50.49 -24.61
N ASP B 5 -26.55 -50.20 -24.28
CA ASP B 5 -26.04 -50.33 -22.91
C ASP B 5 -25.80 -49.01 -22.19
N ILE B 6 -25.35 -49.13 -20.95
CA ILE B 6 -24.99 -47.99 -20.14
C ILE B 6 -23.56 -48.34 -19.70
N ASP B 7 -22.68 -47.34 -19.65
CA ASP B 7 -21.28 -47.56 -19.30
C ASP B 7 -21.02 -48.63 -18.26
N ALA B 8 -19.85 -49.25 -18.38
CA ALA B 8 -19.42 -50.33 -17.49
C ALA B 8 -19.36 -49.94 -16.03
N ALA B 9 -18.61 -48.86 -15.74
CA ALA B 9 -18.46 -48.40 -14.36
C ALA B 9 -19.78 -48.31 -13.62
N THR B 10 -20.74 -47.62 -14.23
CA THR B 10 -22.05 -47.42 -13.64
C THR B 10 -22.81 -48.73 -13.45
N LYS B 11 -22.57 -49.71 -14.33
CA LYS B 11 -23.23 -51.00 -14.24
C LYS B 11 -22.59 -51.76 -13.09
N ILE B 12 -21.28 -51.58 -12.96
CA ILE B 12 -20.49 -52.24 -11.92
C ILE B 12 -20.72 -51.71 -10.49
N MET B 13 -20.95 -50.41 -10.35
CA MET B 13 -21.18 -49.81 -9.03
C MET B 13 -22.53 -50.21 -8.48
N CYS B 14 -23.52 -50.28 -9.38
CA CYS B 14 -24.87 -50.66 -9.01
C CYS B 14 -24.88 -52.12 -8.59
N SER B 15 -23.95 -52.89 -9.16
CA SER B 15 -23.82 -54.30 -8.84
C SER B 15 -23.15 -54.48 -7.49
N ASN B 16 -22.01 -53.82 -7.31
CA ASN B 16 -21.29 -53.87 -6.04
C ASN B 16 -22.17 -53.37 -4.91
N ALA B 17 -23.23 -52.65 -5.26
CA ALA B 17 -24.15 -52.09 -4.27
C ALA B 17 -25.34 -53.00 -3.95
N LYS B 18 -25.47 -54.10 -4.70
CA LYS B 18 -26.58 -55.04 -4.50
C LYS B 18 -27.91 -54.36 -4.83
N ALA B 19 -27.85 -53.36 -5.69
CA ALA B 19 -29.03 -52.62 -6.11
C ALA B 19 -29.43 -53.25 -7.43
N ILE B 20 -28.50 -54.02 -7.96
CA ILE B 20 -28.66 -54.70 -9.22
C ILE B 20 -27.85 -55.99 -9.09
N SER B 21 -28.15 -57.00 -9.90
CA SER B 21 -27.39 -58.23 -9.80
C SER B 21 -26.88 -58.70 -11.16
N LEU B 22 -25.61 -59.09 -11.18
CA LEU B 22 -24.96 -59.58 -12.39
C LEU B 22 -24.44 -60.96 -12.06
N ASN B 23 -24.48 -61.87 -13.03
CA ASN B 23 -23.94 -63.19 -12.78
C ASN B 23 -22.43 -62.96 -12.91
N GLU B 24 -21.64 -63.84 -12.30
CA GLU B 24 -20.20 -63.66 -12.35
C GLU B 24 -19.64 -63.51 -13.77
N VAL B 25 -20.18 -64.27 -14.71
CA VAL B 25 -19.72 -64.20 -16.10
C VAL B 25 -19.90 -62.79 -16.67
N GLU B 26 -21.13 -62.32 -16.69
CA GLU B 26 -21.46 -61.00 -17.22
C GLU B 26 -20.69 -59.87 -16.53
N LYS B 27 -20.52 -60.00 -15.22
CA LYS B 27 -19.81 -58.98 -14.46
C LYS B 27 -18.34 -58.96 -14.84
N ASN B 28 -17.71 -60.13 -14.92
CA ASN B 28 -16.31 -60.18 -15.29
C ASN B 28 -16.10 -59.56 -16.67
N GLU B 29 -17.11 -59.71 -17.53
CA GLU B 29 -17.10 -59.16 -18.88
C GLU B 29 -16.98 -57.64 -18.84
N ILE B 30 -17.86 -57.03 -18.05
CA ILE B 30 -17.90 -55.59 -17.93
C ILE B 30 -16.71 -55.00 -17.20
N ILE B 31 -16.13 -55.75 -16.26
CA ILE B 31 -14.98 -55.24 -15.52
C ILE B 31 -13.76 -55.12 -16.44
N SER B 32 -13.45 -56.20 -17.14
CA SER B 32 -12.31 -56.22 -18.04
C SER B 32 -12.52 -55.22 -19.15
N LYS B 33 -13.79 -54.99 -19.50
CA LYS B 33 -14.09 -54.04 -20.55
C LYS B 33 -13.66 -52.67 -20.05
N TYR B 34 -14.06 -52.37 -18.81
CA TYR B 34 -13.73 -51.11 -18.15
C TYR B 34 -12.22 -51.02 -18.01
N ARG B 35 -11.60 -52.15 -17.70
CA ARG B 35 -10.17 -52.21 -17.53
C ARG B 35 -9.41 -51.78 -18.78
N GLU B 36 -9.90 -52.17 -19.95
CA GLU B 36 -9.22 -51.81 -21.19
C GLU B 36 -9.68 -50.47 -21.75
N ILE B 37 -10.98 -50.23 -21.67
CA ILE B 37 -11.57 -48.99 -22.15
C ILE B 37 -10.89 -47.81 -21.44
N THR B 38 -10.29 -48.07 -20.28
CA THR B 38 -9.58 -47.06 -19.51
C THR B 38 -8.17 -47.52 -19.18
N ALA B 39 -7.45 -48.04 -20.17
CA ALA B 39 -6.09 -48.51 -19.96
C ALA B 39 -5.09 -47.49 -20.50
N LYS B 40 -5.50 -46.75 -21.50
CA LYS B 40 -4.66 -45.73 -22.10
C LYS B 40 -4.12 -44.78 -21.02
N LYS B 41 -3.31 -43.82 -21.44
CA LYS B 41 -2.75 -42.81 -20.55
C LYS B 41 -2.49 -41.58 -21.41
N SER B 42 -2.69 -40.40 -20.83
CA SER B 42 -2.48 -39.19 -21.58
C SER B 42 -1.03 -39.04 -21.96
N GLU B 43 -0.78 -38.66 -23.21
CA GLU B 43 0.57 -38.45 -23.72
C GLU B 43 1.00 -37.05 -23.29
N ARG B 44 2.20 -36.92 -22.75
CA ARG B 44 2.65 -35.61 -22.31
C ARG B 44 3.17 -34.77 -23.47
N ALA B 45 2.73 -33.52 -23.55
CA ALA B 45 3.17 -32.62 -24.59
C ALA B 45 4.61 -32.21 -24.26
N GLU B 46 5.28 -31.55 -25.20
CA GLU B 46 6.65 -31.13 -24.92
C GLU B 46 6.76 -29.65 -24.57
N LEU B 47 7.49 -29.40 -23.49
CA LEU B 47 7.73 -28.05 -22.99
C LEU B 47 8.60 -27.25 -23.94
N LYS B 48 8.55 -25.92 -23.80
CA LYS B 48 9.32 -25.04 -24.65
C LYS B 48 10.04 -24.04 -23.76
N GLU B 49 10.71 -23.07 -24.38
CA GLU B 49 11.44 -22.03 -23.66
C GLU B 49 10.64 -21.55 -22.46
N VAL B 50 11.10 -21.92 -21.28
CA VAL B 50 10.41 -21.52 -20.05
C VAL B 50 10.47 -20.01 -19.82
N GLU B 51 9.53 -19.28 -20.42
CA GLU B 51 9.44 -17.83 -20.27
C GLU B 51 8.28 -17.52 -19.32
N PRO B 52 8.53 -17.62 -17.99
CA PRO B 52 7.55 -17.36 -16.93
C PRO B 52 6.58 -16.22 -17.17
N ILE B 53 7.08 -14.99 -17.16
CA ILE B 53 6.23 -13.84 -17.36
C ILE B 53 6.55 -13.04 -18.61
N PRO B 54 5.52 -12.55 -19.31
CA PRO B 54 5.69 -11.76 -20.52
C PRO B 54 6.61 -10.54 -20.35
N LEU B 55 7.65 -10.47 -21.15
CA LEU B 55 8.60 -9.36 -21.10
C LEU B 55 7.90 -8.04 -21.36
N ASP B 56 6.85 -8.10 -22.18
CA ASP B 56 6.08 -6.91 -22.52
C ASP B 56 5.11 -6.51 -21.41
N TRP B 57 5.13 -7.29 -20.32
CA TRP B 57 4.27 -7.01 -19.18
C TRP B 57 4.78 -5.78 -18.45
N PRO B 58 3.93 -4.74 -18.34
CA PRO B 58 4.30 -3.48 -17.67
C PRO B 58 5.19 -3.66 -16.43
N SER B 59 5.99 -2.62 -16.16
CA SER B 59 6.92 -2.65 -15.03
C SER B 59 6.27 -2.03 -13.81
N ASP B 60 5.24 -1.23 -14.04
CA ASP B 60 4.51 -0.57 -12.95
C ASP B 60 3.16 -1.27 -12.78
N LEU B 61 3.07 -2.51 -13.24
CA LEU B 61 1.80 -3.25 -13.15
C LEU B 61 1.84 -4.48 -12.25
N THR B 62 0.97 -4.47 -11.24
CA THR B 62 0.86 -5.58 -10.31
C THR B 62 -0.59 -5.94 -10.08
N LEU B 63 -0.90 -7.22 -10.25
CA LEU B 63 -2.25 -7.70 -10.05
C LEU B 63 -2.48 -7.93 -8.56
N PRO B 64 -3.68 -7.56 -8.06
CA PRO B 64 -3.99 -7.75 -6.64
C PRO B 64 -3.63 -9.19 -6.24
N PRO B 65 -2.88 -9.37 -5.14
CA PRO B 65 -2.45 -10.69 -4.65
C PRO B 65 -3.58 -11.71 -4.48
N LEU B 66 -3.27 -12.98 -4.66
CA LEU B 66 -4.27 -14.02 -4.50
C LEU B 66 -4.45 -14.25 -3.01
N PRO B 67 -5.59 -14.84 -2.60
CA PRO B 67 -5.78 -15.08 -1.16
C PRO B 67 -4.72 -16.06 -0.69
N GLU B 68 -4.31 -15.95 0.57
CA GLU B 68 -3.30 -16.85 1.09
C GLU B 68 -3.97 -18.16 1.45
N SER B 69 -5.26 -18.28 1.16
CA SER B 69 -6.02 -19.49 1.48
C SER B 69 -7.42 -19.48 0.88
N THR B 70 -8.03 -20.66 0.78
CA THR B 70 -9.37 -20.77 0.23
C THR B 70 -10.32 -20.06 1.19
N ASN B 71 -9.87 -19.91 2.44
CA ASN B 71 -10.66 -19.28 3.49
C ASN B 71 -10.13 -17.92 3.98
N ASP B 72 -9.14 -17.35 3.27
CA ASP B 72 -8.56 -16.05 3.61
C ASP B 72 -9.62 -14.95 3.63
N TYR B 73 -10.36 -14.84 4.73
CA TYR B 73 -11.41 -13.81 4.83
C TYR B 73 -10.83 -12.40 4.81
N VAL B 74 -9.53 -12.29 5.00
CA VAL B 74 -8.87 -10.99 4.96
C VAL B 74 -8.82 -10.59 3.50
N TRP B 75 -8.30 -11.49 2.66
CA TRP B 75 -8.20 -11.24 1.24
C TRP B 75 -9.57 -10.99 0.66
N ALA B 76 -10.58 -11.65 1.21
CA ALA B 76 -11.93 -11.49 0.70
C ALA B 76 -12.43 -10.09 1.00
N GLY B 77 -12.10 -9.59 2.18
CA GLY B 77 -12.52 -8.27 2.60
C GLY B 77 -12.16 -7.17 1.65
N LYS B 78 -10.88 -7.10 1.28
CA LYS B 78 -10.42 -6.08 0.34
C LYS B 78 -10.93 -6.49 -1.03
N ARG B 79 -11.92 -5.76 -1.55
CA ARG B 79 -12.47 -6.13 -2.85
C ARG B 79 -13.59 -5.19 -3.34
N LYS B 80 -13.73 -5.11 -4.67
CA LYS B 80 -14.74 -4.26 -5.28
C LYS B 80 -16.08 -4.97 -5.51
N LYS B 88 -24.54 -0.44 -1.92
CA LYS B 88 -24.51 -1.83 -1.51
C LYS B 88 -24.65 -2.00 -0.01
N GLN B 89 -25.19 -0.98 0.65
CA GLN B 89 -25.37 -1.05 2.10
C GLN B 89 -26.45 -2.06 2.46
N LEU B 90 -26.21 -2.81 3.54
CA LEU B 90 -27.15 -3.83 4.02
C LEU B 90 -27.87 -3.23 5.23
N ILE B 91 -28.91 -3.92 5.70
CA ILE B 91 -29.64 -3.44 6.87
C ILE B 91 -29.29 -4.27 8.09
N ILE B 92 -28.37 -3.75 8.90
CA ILE B 92 -28.00 -4.46 10.12
C ILE B 92 -29.15 -4.25 11.10
N ASP B 93 -30.15 -5.12 11.04
CA ASP B 93 -31.33 -5.02 11.90
C ASP B 93 -31.14 -5.61 13.29
N GLY B 94 -30.78 -6.89 13.36
CA GLY B 94 -30.58 -7.53 14.65
C GLY B 94 -29.89 -8.88 14.57
N LEU B 95 -29.98 -9.66 15.64
CA LEU B 95 -29.37 -10.98 15.66
C LEU B 95 -30.34 -11.96 16.31
N SER B 96 -30.88 -12.87 15.52
CA SER B 96 -31.83 -13.88 16.01
C SER B 96 -31.07 -15.09 16.50
N ILE B 97 -31.09 -15.28 17.81
CA ILE B 97 -30.40 -16.40 18.42
C ILE B 97 -31.37 -17.55 18.55
N VAL B 98 -31.06 -18.65 17.88
CA VAL B 98 -31.90 -19.83 17.93
C VAL B 98 -31.22 -20.79 18.88
N ILE B 99 -31.94 -21.19 19.93
CA ILE B 99 -31.41 -22.09 20.94
C ILE B 99 -32.14 -23.44 20.91
N PRO B 100 -31.50 -24.48 20.33
CA PRO B 100 -32.12 -25.81 20.27
C PRO B 100 -32.22 -26.32 21.68
N THR B 101 -33.41 -26.77 22.09
CA THR B 101 -33.59 -27.23 23.44
C THR B 101 -34.34 -28.55 23.59
N TYR B 102 -33.92 -29.32 24.60
CA TYR B 102 -34.52 -30.61 24.91
C TYR B 102 -34.30 -31.02 26.38
N ASN B 103 -35.33 -30.84 27.21
CA ASN B 103 -35.30 -31.24 28.61
C ASN B 103 -34.16 -30.76 29.53
N ARG B 104 -33.83 -29.48 29.54
CA ARG B 104 -32.76 -29.06 30.44
C ARG B 104 -33.17 -27.72 31.02
N ALA B 105 -34.44 -27.65 31.41
CA ALA B 105 -35.05 -26.44 31.96
C ALA B 105 -34.12 -25.58 32.80
N LYS B 106 -33.56 -26.15 33.85
CA LYS B 106 -32.67 -25.43 34.74
C LYS B 106 -31.42 -24.96 34.01
N ILE B 107 -30.90 -25.79 33.12
CA ILE B 107 -29.71 -25.41 32.36
C ILE B 107 -30.05 -24.34 31.32
N LEU B 108 -31.23 -24.46 30.69
CA LEU B 108 -31.66 -23.48 29.71
C LEU B 108 -31.84 -22.16 30.43
N ALA B 109 -32.35 -22.22 31.65
CA ALA B 109 -32.59 -21.02 32.44
C ALA B 109 -31.32 -20.22 32.60
N ILE B 110 -30.24 -20.90 32.99
CA ILE B 110 -28.95 -20.22 33.16
C ILE B 110 -28.50 -19.56 31.86
N THR B 111 -28.65 -20.28 30.75
CA THR B 111 -28.28 -19.74 29.44
C THR B 111 -29.00 -18.43 29.21
N LEU B 112 -30.33 -18.48 29.31
CA LEU B 112 -31.15 -17.30 29.10
C LEU B 112 -30.74 -16.15 30.01
N ALA B 113 -30.36 -16.49 31.25
CA ALA B 113 -29.94 -15.50 32.21
C ALA B 113 -28.69 -14.77 31.73
N CYS B 114 -27.72 -15.53 31.21
CA CYS B 114 -26.49 -14.93 30.70
C CYS B 114 -26.79 -14.11 29.47
N LEU B 115 -27.82 -14.50 28.72
CA LEU B 115 -28.19 -13.75 27.52
C LEU B 115 -28.81 -12.45 27.99
N CYS B 116 -29.21 -12.39 29.25
CA CYS B 116 -29.79 -11.19 29.83
C CYS B 116 -28.65 -10.20 30.14
N ASN B 117 -27.45 -10.73 30.37
CA ASN B 117 -26.30 -9.91 30.70
C ASN B 117 -25.46 -9.47 29.53
N GLN B 118 -26.04 -9.46 28.33
CA GLN B 118 -25.29 -9.07 27.15
C GLN B 118 -25.03 -7.57 27.05
N LYS B 119 -23.75 -7.20 26.90
CA LYS B 119 -23.35 -5.81 26.72
C LYS B 119 -23.07 -5.68 25.22
N THR B 120 -24.02 -5.14 24.48
CA THR B 120 -23.89 -4.98 23.04
C THR B 120 -24.78 -3.82 22.63
N ILE B 121 -24.46 -3.18 21.51
CA ILE B 121 -25.28 -2.05 21.04
C ILE B 121 -26.29 -2.50 20.01
N TYR B 122 -26.38 -3.81 19.77
CA TYR B 122 -27.31 -4.34 18.78
C TYR B 122 -28.56 -4.99 19.37
N ASP B 123 -29.64 -4.94 18.61
CA ASP B 123 -30.93 -5.55 18.99
C ASP B 123 -30.90 -7.05 18.70
N TYR B 124 -31.29 -7.88 19.67
CA TYR B 124 -31.31 -9.33 19.46
C TYR B 124 -32.55 -10.00 20.04
N GLU B 125 -33.03 -11.04 19.36
CA GLU B 125 -34.18 -11.79 19.84
C GLU B 125 -33.71 -13.20 20.19
N VAL B 126 -34.40 -13.83 21.13
CA VAL B 126 -34.05 -15.18 21.53
C VAL B 126 -35.19 -16.13 21.21
N ILE B 127 -34.93 -17.09 20.33
CA ILE B 127 -35.94 -18.08 19.95
C ILE B 127 -35.59 -19.43 20.59
N VAL B 128 -36.43 -19.90 21.51
CA VAL B 128 -36.17 -21.18 22.15
C VAL B 128 -36.90 -22.27 21.38
N ALA B 129 -36.14 -23.02 20.59
CA ALA B 129 -36.65 -24.12 19.77
C ALA B 129 -36.63 -25.41 20.58
N ASP B 130 -37.82 -25.84 21.00
CA ASP B 130 -37.99 -27.02 21.83
C ASP B 130 -38.28 -28.26 21.00
N ASP B 131 -37.37 -29.23 21.03
CA ASP B 131 -37.52 -30.48 20.29
C ASP B 131 -38.32 -31.47 21.13
N GLY B 132 -39.61 -31.21 21.23
CA GLY B 132 -40.51 -32.06 22.00
C GLY B 132 -40.04 -32.47 23.38
N SER B 133 -39.71 -31.50 24.24
CA SER B 133 -39.26 -31.83 25.59
C SER B 133 -40.48 -32.12 26.45
N LYS B 134 -40.34 -33.02 27.43
CA LYS B 134 -41.45 -33.30 28.31
C LYS B 134 -41.45 -32.27 29.43
N GLU B 135 -40.27 -31.90 29.91
CA GLU B 135 -40.16 -30.89 30.94
C GLU B 135 -40.86 -29.61 30.46
N ASN B 136 -41.40 -28.83 31.40
CA ASN B 136 -42.11 -27.60 31.05
C ASN B 136 -41.16 -26.49 30.59
N ILE B 137 -40.76 -26.52 29.32
CA ILE B 137 -39.85 -25.52 28.79
C ILE B 137 -40.54 -24.16 28.69
N GLU B 138 -41.83 -24.19 28.38
CA GLU B 138 -42.62 -22.97 28.27
C GLU B 138 -42.52 -22.15 29.54
N GLU B 139 -42.64 -22.80 30.69
CA GLU B 139 -42.57 -22.06 31.94
C GLU B 139 -41.28 -21.25 32.05
N ILE B 140 -40.20 -21.77 31.48
CA ILE B 140 -38.94 -21.08 31.53
C ILE B 140 -39.02 -19.82 30.68
N VAL B 141 -39.50 -19.99 29.45
CA VAL B 141 -39.65 -18.87 28.55
C VAL B 141 -40.41 -17.73 29.22
N ARG B 142 -41.61 -18.06 29.70
CA ARG B 142 -42.49 -17.10 30.36
C ARG B 142 -41.81 -16.39 31.53
N GLU B 143 -40.91 -17.10 32.18
CA GLU B 143 -40.21 -16.54 33.32
C GLU B 143 -39.12 -15.58 32.87
N PHE B 144 -38.97 -15.42 31.56
CA PHE B 144 -37.95 -14.53 31.02
C PHE B 144 -38.46 -13.50 30.03
N GLU B 145 -39.77 -13.52 29.76
CA GLU B 145 -40.35 -12.58 28.80
C GLU B 145 -40.25 -11.12 29.20
N SER B 146 -40.03 -10.84 30.48
CA SER B 146 -39.94 -9.46 30.93
C SER B 146 -38.50 -8.98 31.00
N LEU B 147 -37.59 -9.79 30.47
CA LEU B 147 -36.18 -9.44 30.48
C LEU B 147 -35.53 -9.57 29.10
N LEU B 148 -36.06 -10.46 28.27
CA LEU B 148 -35.50 -10.69 26.93
C LEU B 148 -36.61 -10.64 25.91
N ASN B 149 -36.28 -10.31 24.67
CA ASN B 149 -37.30 -10.33 23.61
C ASN B 149 -37.26 -11.78 23.15
N ILE B 150 -37.89 -12.62 23.95
CA ILE B 150 -37.92 -14.05 23.75
C ILE B 150 -39.16 -14.59 23.07
N LYS B 151 -38.93 -15.60 22.25
CA LYS B 151 -39.95 -16.31 21.48
C LYS B 151 -39.80 -17.77 21.82
N TYR B 152 -40.87 -18.53 21.69
CA TYR B 152 -40.87 -19.97 21.97
C TYR B 152 -41.46 -20.74 20.80
N VAL B 153 -40.68 -21.67 20.28
CA VAL B 153 -41.12 -22.47 19.16
C VAL B 153 -40.99 -23.93 19.57
N ARG B 154 -42.05 -24.71 19.36
CA ARG B 154 -42.05 -26.12 19.76
C ARG B 154 -42.65 -27.11 18.76
N GLN B 155 -42.06 -28.29 18.69
CA GLN B 155 -42.54 -29.35 17.80
C GLN B 155 -42.71 -30.65 18.60
N LYS B 156 -43.57 -31.54 18.13
CA LYS B 156 -43.82 -32.80 18.82
C LYS B 156 -42.60 -33.70 18.91
N ASP B 157 -42.60 -34.58 19.90
CA ASP B 157 -41.49 -35.50 20.09
C ASP B 157 -41.55 -36.65 19.10
N TYR B 158 -40.54 -36.75 18.25
CA TYR B 158 -40.47 -37.84 17.30
C TYR B 158 -39.01 -38.19 17.07
N GLY B 159 -38.33 -38.46 18.18
CA GLY B 159 -36.93 -38.83 18.12
C GLY B 159 -36.00 -37.65 18.02
N TYR B 160 -34.71 -37.96 17.88
CA TYR B 160 -33.67 -36.95 17.78
C TYR B 160 -33.93 -36.07 16.57
N GLN B 161 -34.46 -34.86 16.77
CA GLN B 161 -34.76 -33.96 15.64
C GLN B 161 -33.99 -32.64 15.66
N LEU B 162 -32.75 -32.69 16.16
CA LEU B 162 -31.90 -31.51 16.25
C LEU B 162 -31.97 -30.62 15.01
N CYS B 163 -31.73 -31.21 13.85
CA CYS B 163 -31.76 -30.47 12.61
C CYS B 163 -33.12 -29.84 12.38
N ALA B 164 -34.18 -30.59 12.65
CA ALA B 164 -35.52 -30.06 12.45
C ALA B 164 -35.84 -28.88 13.37
N VAL B 165 -35.42 -28.98 14.62
CA VAL B 165 -35.69 -27.91 15.57
C VAL B 165 -34.84 -26.69 15.27
N ARG B 166 -33.66 -26.89 14.68
CA ARG B 166 -32.79 -25.77 14.33
C ARG B 166 -33.46 -24.99 13.21
N ASN B 167 -33.91 -25.73 12.20
CA ASN B 167 -34.55 -25.12 11.06
C ASN B 167 -35.77 -24.32 11.48
N LEU B 168 -36.62 -24.94 12.29
CA LEU B 168 -37.84 -24.31 12.79
C LEU B 168 -37.54 -22.91 13.32
N GLY B 169 -36.66 -22.86 14.32
CA GLY B 169 -36.26 -21.62 14.94
C GLY B 169 -35.73 -20.64 13.93
N LEU B 170 -34.92 -21.13 12.99
CA LEU B 170 -34.37 -20.28 11.96
C LEU B 170 -35.43 -19.68 11.01
N ARG B 171 -36.42 -20.47 10.64
CA ARG B 171 -37.49 -19.97 9.78
C ARG B 171 -38.22 -18.84 10.49
N ALA B 172 -38.32 -18.97 11.81
CA ALA B 172 -39.03 -17.99 12.62
C ALA B 172 -38.18 -16.77 12.99
N ALA B 173 -36.87 -16.86 12.77
CA ALA B 173 -35.97 -15.75 13.08
C ALA B 173 -36.38 -14.54 12.23
N LYS B 174 -36.49 -13.37 12.85
CA LYS B 174 -36.92 -12.18 12.11
C LYS B 174 -35.82 -11.32 11.52
N TYR B 175 -34.59 -11.47 12.00
CA TYR B 175 -33.51 -10.65 11.47
C TYR B 175 -32.76 -11.25 10.29
N ASN B 176 -31.81 -10.47 9.79
CA ASN B 176 -31.01 -10.89 8.64
C ASN B 176 -29.80 -11.64 9.13
N TYR B 177 -29.63 -11.66 10.45
CA TYR B 177 -28.48 -12.35 11.02
C TYR B 177 -28.96 -13.36 12.05
N VAL B 178 -28.33 -14.52 12.08
CA VAL B 178 -28.74 -15.55 13.01
C VAL B 178 -27.56 -16.18 13.76
N ALA B 179 -27.86 -16.71 14.94
CA ALA B 179 -26.85 -17.39 15.74
C ALA B 179 -27.47 -18.70 16.22
N ILE B 180 -26.62 -19.66 16.54
CA ILE B 180 -27.11 -20.93 17.04
C ILE B 180 -26.30 -21.25 18.27
N LEU B 181 -27.00 -21.41 19.39
CA LEU B 181 -26.40 -21.68 20.66
C LEU B 181 -27.15 -22.83 21.33
N ASP B 182 -26.47 -23.93 21.66
CA ASP B 182 -27.13 -25.06 22.31
C ASP B 182 -27.62 -24.59 23.69
N CYS B 183 -28.73 -25.13 24.17
CA CYS B 183 -29.25 -24.72 25.46
C CYS B 183 -28.25 -24.84 26.61
N ASP B 184 -27.20 -25.64 26.45
CA ASP B 184 -26.23 -25.74 27.54
C ASP B 184 -25.04 -24.82 27.36
N MET B 185 -25.12 -23.92 26.38
CA MET B 185 -24.04 -22.97 26.09
C MET B 185 -24.32 -21.58 26.66
N ALA B 186 -23.80 -21.30 27.85
CA ALA B 186 -23.99 -20.01 28.50
C ALA B 186 -22.97 -19.05 27.94
N PRO B 187 -23.42 -18.10 27.11
CA PRO B 187 -22.54 -17.12 26.48
C PRO B 187 -21.93 -16.11 27.44
N ASN B 188 -20.73 -15.63 27.12
CA ASN B 188 -20.09 -14.63 27.96
C ASN B 188 -20.86 -13.34 27.66
N PRO B 189 -20.68 -12.28 28.48
CA PRO B 189 -21.37 -11.00 28.28
C PRO B 189 -21.13 -10.28 26.97
N LEU B 190 -20.03 -10.58 26.28
CA LEU B 190 -19.72 -9.90 25.02
C LEU B 190 -20.10 -10.68 23.76
N TRP B 191 -20.71 -11.85 23.98
CA TRP B 191 -21.13 -12.75 22.92
C TRP B 191 -21.85 -12.09 21.74
N VAL B 192 -22.98 -11.44 22.00
CA VAL B 192 -23.72 -10.81 20.91
C VAL B 192 -22.89 -9.74 20.21
N GLN B 193 -22.18 -8.92 20.99
CA GLN B 193 -21.37 -7.85 20.38
C GLN B 193 -20.19 -8.39 19.56
N SER B 194 -19.49 -9.39 20.09
CA SER B 194 -18.37 -9.95 19.36
C SER B 194 -18.77 -10.48 17.98
N TYR B 195 -20.03 -10.91 17.83
CA TYR B 195 -20.53 -11.43 16.55
C TYR B 195 -21.00 -10.32 15.61
N MET B 196 -22.00 -9.56 16.04
CA MET B 196 -22.52 -8.48 15.20
C MET B 196 -21.44 -7.51 14.74
N GLU B 197 -20.48 -7.21 15.61
CA GLU B 197 -19.40 -6.30 15.21
C GLU B 197 -18.83 -6.77 13.87
N LEU B 198 -18.57 -8.07 13.77
CA LEU B 198 -18.00 -8.68 12.57
C LEU B 198 -19.00 -8.92 11.47
N LEU B 199 -20.21 -9.35 11.83
CA LEU B 199 -21.21 -9.60 10.80
C LEU B 199 -21.57 -8.32 10.07
N ALA B 200 -21.48 -7.19 10.78
CA ALA B 200 -21.79 -5.88 10.20
C ALA B 200 -20.75 -5.49 9.14
N VAL B 201 -19.51 -5.95 9.32
CA VAL B 201 -18.45 -5.64 8.36
C VAL B 201 -18.46 -6.56 7.12
N ASP B 202 -18.61 -7.86 7.31
CA ASP B 202 -18.65 -8.76 6.13
C ASP B 202 -19.60 -9.93 6.37
N ASP B 203 -20.72 -9.90 5.68
CA ASP B 203 -21.74 -10.94 5.83
C ASP B 203 -21.53 -12.17 4.96
N ASN B 204 -20.33 -12.33 4.40
CA ASN B 204 -20.01 -13.49 3.58
C ASN B 204 -19.06 -14.41 4.34
N VAL B 205 -19.03 -14.25 5.65
CA VAL B 205 -18.18 -15.05 6.50
C VAL B 205 -18.95 -15.48 7.75
N ALA B 206 -19.05 -16.79 7.94
CA ALA B 206 -19.73 -17.37 9.09
C ALA B 206 -18.80 -17.28 10.29
N LEU B 207 -19.37 -17.20 11.48
CA LEU B 207 -18.55 -17.08 12.67
C LEU B 207 -18.70 -18.28 13.60
N ILE B 208 -17.58 -18.75 14.12
CA ILE B 208 -17.57 -19.88 15.03
C ILE B 208 -17.01 -19.39 16.35
N GLY B 209 -17.68 -19.74 17.45
CA GLY B 209 -17.25 -19.34 18.77
C GLY B 209 -16.69 -20.51 19.57
N PRO B 210 -15.64 -20.28 20.38
CA PRO B 210 -15.02 -21.33 21.19
C PRO B 210 -15.83 -21.60 22.43
N ARG B 211 -15.58 -22.73 23.07
CA ARG B 211 -16.31 -23.10 24.26
C ARG B 211 -15.43 -23.53 25.43
N LYS B 212 -16.02 -23.50 26.62
CA LYS B 212 -15.33 -23.92 27.83
C LYS B 212 -16.28 -24.85 28.57
N TYR B 213 -15.68 -25.75 29.34
CA TYR B 213 -16.44 -26.74 30.09
C TYR B 213 -16.44 -26.43 31.58
N ILE B 214 -17.64 -26.26 32.12
CA ILE B 214 -17.84 -25.94 33.53
C ILE B 214 -19.13 -26.58 34.02
N ASP B 215 -19.27 -26.75 35.33
CA ASP B 215 -20.51 -27.31 35.85
C ASP B 215 -21.23 -26.24 36.66
N THR B 216 -22.47 -25.98 36.26
CA THR B 216 -23.31 -24.98 36.89
C THR B 216 -24.26 -25.70 37.86
N SER B 217 -23.96 -26.99 38.07
CA SER B 217 -24.72 -27.89 38.92
C SER B 217 -25.21 -27.29 40.24
N LYS B 218 -24.32 -26.66 40.99
CA LYS B 218 -24.70 -26.08 42.28
C LYS B 218 -24.96 -24.57 42.19
N HIS B 219 -25.69 -24.19 41.14
CA HIS B 219 -26.05 -22.80 40.88
C HIS B 219 -27.45 -22.73 40.29
N THR B 220 -27.99 -21.52 40.18
CA THR B 220 -29.32 -21.36 39.61
C THR B 220 -29.25 -20.13 38.74
N TYR B 221 -30.25 -19.91 37.89
CA TYR B 221 -30.26 -18.77 36.98
C TYR B 221 -30.25 -17.40 37.63
N LEU B 222 -30.76 -17.31 38.86
CA LEU B 222 -30.81 -16.03 39.59
C LEU B 222 -29.43 -15.62 40.06
N ASP B 223 -28.59 -16.61 40.36
CA ASP B 223 -27.24 -16.32 40.81
C ASP B 223 -26.50 -15.63 39.69
N PHE B 224 -26.94 -15.88 38.45
CA PHE B 224 -26.32 -15.30 37.25
C PHE B 224 -26.88 -13.96 36.87
N LEU B 225 -28.17 -13.75 37.08
CA LEU B 225 -28.74 -12.45 36.75
C LEU B 225 -28.25 -11.44 37.78
N SER B 226 -27.91 -11.93 38.97
CA SER B 226 -27.46 -11.09 40.09
C SER B 226 -26.07 -10.49 39.93
N GLN B 227 -25.16 -11.27 39.35
CA GLN B 227 -23.78 -10.82 39.15
C GLN B 227 -23.30 -11.29 37.78
N LYS B 228 -23.52 -10.45 36.78
CA LYS B 228 -23.15 -10.76 35.40
C LYS B 228 -21.66 -10.86 35.08
N SER B 229 -20.94 -11.67 35.85
CA SER B 229 -19.51 -11.86 35.65
C SER B 229 -19.21 -13.21 36.24
N LEU B 230 -20.20 -13.72 36.97
CA LEU B 230 -20.13 -15.01 37.62
C LEU B 230 -19.81 -16.08 36.59
N ILE B 231 -20.39 -15.94 35.40
CA ILE B 231 -20.20 -16.91 34.33
C ILE B 231 -18.75 -17.05 33.92
N ASN B 232 -18.01 -15.95 33.90
CA ASN B 232 -16.60 -16.00 33.53
C ASN B 232 -15.74 -16.41 34.72
N GLU B 233 -16.38 -16.61 35.87
CA GLU B 233 -15.66 -16.98 37.09
C GLU B 233 -15.81 -18.44 37.51
N ILE B 234 -16.85 -19.10 37.03
CA ILE B 234 -17.05 -20.50 37.38
C ILE B 234 -15.91 -21.32 36.80
N PRO B 235 -15.17 -22.03 37.66
CA PRO B 235 -14.03 -22.87 37.25
C PRO B 235 -14.38 -23.97 36.27
N GLU B 236 -13.48 -24.23 35.33
CA GLU B 236 -13.69 -25.27 34.34
C GLU B 236 -13.65 -26.66 34.97
N ILE B 237 -14.32 -27.62 34.34
CA ILE B 237 -14.34 -28.99 34.85
C ILE B 237 -13.99 -29.98 33.75
N ILE B 238 -13.70 -31.22 34.15
CA ILE B 238 -13.38 -32.28 33.21
C ILE B 238 -14.70 -32.93 32.78
N THR B 239 -14.97 -32.95 31.48
CA THR B 239 -16.22 -33.53 30.95
C THR B 239 -16.06 -34.90 30.28
N ASN B 240 -17.19 -35.45 29.82
CA ASN B 240 -17.22 -36.75 29.14
C ASN B 240 -17.56 -36.56 27.66
N ASN B 250 -6.72 -29.49 36.31
CA ASN B 250 -6.80 -29.93 34.92
C ASN B 250 -8.23 -30.30 34.54
N LYS B 251 -8.72 -29.72 33.46
CA LYS B 251 -10.08 -29.99 32.99
C LYS B 251 -10.13 -30.23 31.47
N SER B 252 -11.35 -30.26 30.93
CA SER B 252 -11.55 -30.47 29.50
C SER B 252 -11.43 -29.17 28.71
N VAL B 253 -11.10 -29.30 27.42
CA VAL B 253 -10.92 -28.14 26.57
C VAL B 253 -11.44 -28.34 25.15
N ASP B 254 -11.79 -27.23 24.52
CA ASP B 254 -12.27 -27.23 23.14
C ASP B 254 -11.10 -27.69 22.28
N TRP B 255 -11.22 -28.87 21.67
CA TRP B 255 -10.14 -29.41 20.84
C TRP B 255 -9.78 -28.49 19.69
N ARG B 256 -10.64 -27.52 19.43
CA ARG B 256 -10.43 -26.61 18.31
C ARG B 256 -9.63 -25.34 18.59
N ILE B 257 -9.43 -25.00 19.86
CA ILE B 257 -8.70 -23.76 20.16
C ILE B 257 -7.24 -23.71 19.70
N GLU B 258 -6.52 -24.83 19.78
CA GLU B 258 -5.13 -24.85 19.35
C GLU B 258 -5.07 -24.82 17.84
N HIS B 259 -6.23 -24.97 17.20
CA HIS B 259 -6.32 -24.94 15.75
C HIS B 259 -6.64 -23.53 15.31
N PHE B 260 -7.43 -22.84 16.11
CA PHE B 260 -7.79 -21.47 15.77
C PHE B 260 -6.56 -20.56 15.81
N LYS B 261 -5.66 -20.77 16.77
CA LYS B 261 -4.49 -19.92 16.84
C LYS B 261 -3.37 -20.37 15.89
N ASN B 262 -3.41 -21.64 15.49
CA ASN B 262 -2.42 -22.16 14.55
C ASN B 262 -2.69 -21.71 13.12
N THR B 263 -3.92 -21.29 12.85
CA THR B 263 -4.29 -20.86 11.51
C THR B 263 -4.92 -19.46 11.47
N ASP B 264 -4.38 -18.55 12.27
CA ASP B 264 -4.87 -17.17 12.33
C ASP B 264 -6.40 -17.13 12.33
N ASN B 265 -7.00 -17.89 13.25
CA ASN B 265 -8.44 -18.01 13.37
C ASN B 265 -9.04 -18.47 12.04
N LEU B 266 -8.62 -19.67 11.63
CA LEU B 266 -9.08 -20.33 10.41
C LEU B 266 -8.71 -19.65 9.09
N ARG B 267 -8.24 -18.41 9.16
CA ARG B 267 -7.87 -17.67 7.97
C ARG B 267 -6.95 -18.47 7.04
N LEU B 268 -6.09 -19.28 7.63
CA LEU B 268 -5.17 -20.10 6.86
C LEU B 268 -5.60 -21.56 6.77
N CYS B 269 -6.82 -21.87 7.19
CA CYS B 269 -7.31 -23.25 7.13
C CYS B 269 -8.05 -23.53 5.82
N ASN B 270 -7.71 -24.65 5.19
CA ASN B 270 -8.32 -25.03 3.93
C ASN B 270 -9.57 -25.92 4.05
N THR B 271 -9.80 -26.48 5.23
CA THR B 271 -10.98 -27.28 5.44
C THR B 271 -11.63 -26.75 6.70
N PRO B 272 -12.10 -25.49 6.66
CA PRO B 272 -12.76 -24.77 7.76
C PRO B 272 -14.05 -25.32 8.34
N PHE B 273 -14.82 -26.07 7.54
CA PHE B 273 -16.07 -26.62 8.05
C PHE B 273 -15.87 -27.72 9.12
N ARG B 274 -14.64 -28.19 9.27
CA ARG B 274 -14.38 -29.23 10.27
C ARG B 274 -14.57 -28.66 11.67
N PHE B 275 -14.57 -27.35 11.80
CA PHE B 275 -14.73 -26.70 13.10
C PHE B 275 -16.06 -25.99 13.26
N PHE B 276 -16.96 -26.17 12.32
CA PHE B 276 -18.25 -25.52 12.40
C PHE B 276 -19.21 -26.26 13.35
N SER B 277 -19.03 -26.06 14.66
CA SER B 277 -19.87 -26.70 15.66
C SER B 277 -21.21 -25.98 15.79
N GLY B 278 -22.28 -26.67 15.45
CA GLY B 278 -23.62 -26.07 15.51
C GLY B 278 -24.03 -25.52 16.86
N GLY B 279 -23.24 -25.82 17.88
CA GLY B 279 -23.57 -25.37 19.23
C GLY B 279 -23.25 -23.92 19.54
N ASN B 280 -22.46 -23.28 18.70
CA ASN B 280 -22.09 -21.89 18.96
C ASN B 280 -21.60 -21.21 17.68
N VAL B 281 -22.52 -20.80 16.82
CA VAL B 281 -22.12 -20.15 15.59
C VAL B 281 -23.00 -18.96 15.24
N ALA B 282 -22.64 -18.25 14.18
CA ALA B 282 -23.40 -17.08 13.75
C ALA B 282 -23.11 -16.80 12.29
N PHE B 283 -24.12 -16.30 11.56
CA PHE B 283 -23.96 -16.01 10.15
C PHE B 283 -25.18 -15.33 9.56
N ALA B 284 -25.01 -14.70 8.41
CA ALA B 284 -26.11 -14.03 7.75
C ALA B 284 -27.16 -15.06 7.36
N LYS B 285 -28.44 -14.69 7.47
CA LYS B 285 -29.53 -15.61 7.15
C LYS B 285 -29.65 -15.92 5.66
N LYS B 286 -29.05 -15.09 4.81
CA LYS B 286 -29.12 -15.28 3.37
C LYS B 286 -28.51 -16.60 2.86
N TRP B 287 -27.53 -17.10 3.63
CA TRP B 287 -26.84 -18.33 3.31
C TRP B 287 -27.72 -19.55 3.33
N LEU B 288 -28.79 -19.51 4.11
CA LEU B 288 -29.71 -20.64 4.18
C LEU B 288 -30.36 -20.82 2.81
N PHE B 289 -30.50 -19.71 2.08
CA PHE B 289 -31.11 -19.75 0.75
C PHE B 289 -30.08 -20.18 -0.28
N ARG B 290 -28.80 -20.00 0.04
CA ARG B 290 -27.75 -20.39 -0.91
C ARG B 290 -27.22 -21.79 -0.69
N ALA B 291 -26.76 -22.09 0.52
CA ALA B 291 -26.21 -23.40 0.81
C ALA B 291 -27.26 -24.40 1.23
N GLY B 292 -28.43 -23.90 1.62
CA GLY B 292 -29.50 -24.78 2.04
C GLY B 292 -29.73 -24.73 3.54
N TRP B 293 -30.43 -25.72 4.07
CA TRP B 293 -30.71 -25.76 5.50
C TRP B 293 -30.02 -26.97 6.12
N PHE B 294 -30.33 -27.25 7.39
CA PHE B 294 -29.74 -28.39 8.09
C PHE B 294 -30.36 -29.70 7.63
N ASP B 295 -29.53 -30.58 7.07
CA ASP B 295 -29.98 -31.88 6.56
C ASP B 295 -30.66 -32.69 7.67
N GLU B 296 -31.98 -32.76 7.60
CA GLU B 296 -32.77 -33.49 8.58
C GLU B 296 -32.64 -35.02 8.47
N GLU B 297 -31.67 -35.49 7.69
CA GLU B 297 -31.44 -36.93 7.55
C GLU B 297 -30.43 -37.38 8.59
N PHE B 298 -29.61 -36.45 9.08
CA PHE B 298 -28.63 -36.80 10.09
C PHE B 298 -29.27 -37.38 11.34
N THR B 299 -28.45 -37.99 12.18
CA THR B 299 -28.97 -38.64 13.35
C THR B 299 -28.33 -38.24 14.68
N HIS B 300 -28.61 -39.05 15.70
CA HIS B 300 -28.07 -38.83 17.03
C HIS B 300 -26.58 -39.12 17.01
N TRP B 301 -26.08 -39.58 15.86
CA TRP B 301 -24.67 -39.88 15.74
C TRP B 301 -23.89 -38.61 15.45
N GLY B 302 -24.57 -37.62 14.88
CA GLY B 302 -23.94 -36.35 14.57
C GLY B 302 -23.42 -36.22 13.16
N GLY B 303 -22.88 -35.05 12.85
CA GLY B 303 -22.34 -34.81 11.53
C GLY B 303 -22.96 -33.62 10.84
N GLU B 304 -24.24 -33.40 11.10
CA GLU B 304 -24.99 -32.31 10.50
C GLU B 304 -24.24 -30.98 10.53
N ASP B 305 -23.46 -30.77 11.58
CA ASP B 305 -22.65 -29.57 11.78
C ASP B 305 -21.79 -29.28 10.56
N ASN B 306 -20.80 -30.16 10.42
CA ASN B 306 -19.84 -30.11 9.33
C ASN B 306 -20.47 -30.18 7.97
N GLU B 307 -21.43 -31.06 7.76
CA GLU B 307 -22.05 -31.18 6.45
C GLU B 307 -22.70 -29.86 6.03
N PHE B 308 -23.36 -29.20 6.97
CA PHE B 308 -23.99 -27.92 6.67
C PHE B 308 -22.84 -26.97 6.37
N GLY B 309 -21.81 -27.00 7.22
CA GLY B 309 -20.66 -26.15 7.04
C GLY B 309 -20.01 -26.40 5.69
N TYR B 310 -19.99 -27.66 5.28
CA TYR B 310 -19.40 -28.03 4.00
C TYR B 310 -20.16 -27.43 2.83
N ARG B 311 -21.48 -27.31 2.96
CA ARG B 311 -22.27 -26.73 1.86
C ARG B 311 -22.02 -25.26 1.85
N LEU B 312 -22.03 -24.68 3.03
CA LEU B 312 -21.78 -23.27 3.19
C LEU B 312 -20.46 -22.99 2.46
N TYR B 313 -19.50 -23.89 2.60
CA TYR B 313 -18.19 -23.72 1.97
C TYR B 313 -18.24 -23.80 0.45
N ARG B 314 -18.89 -24.82 -0.09
CA ARG B 314 -18.94 -24.96 -1.54
C ARG B 314 -19.68 -23.81 -2.26
N GLU B 315 -20.46 -23.01 -1.53
CA GLU B 315 -21.17 -21.91 -2.17
C GLU B 315 -20.48 -20.54 -2.03
N GLY B 316 -19.32 -20.52 -1.37
CA GLY B 316 -18.55 -19.30 -1.23
C GLY B 316 -18.32 -18.69 0.14
N CYS B 317 -19.06 -19.17 1.14
CA CYS B 317 -18.94 -18.64 2.48
C CYS B 317 -17.59 -18.89 3.15
N TYR B 318 -17.10 -17.88 3.87
CA TYR B 318 -15.85 -17.99 4.59
C TYR B 318 -16.13 -18.28 6.06
N PHE B 319 -15.15 -18.88 6.74
CA PHE B 319 -15.26 -19.22 8.15
C PHE B 319 -14.25 -18.47 9.02
N ARG B 320 -14.70 -17.98 10.18
CA ARG B 320 -13.85 -17.24 11.10
C ARG B 320 -14.20 -17.48 12.55
N SER B 321 -13.22 -17.94 13.33
CA SER B 321 -13.43 -18.19 14.74
C SER B 321 -13.32 -16.86 15.50
N VAL B 322 -14.21 -16.64 16.45
CA VAL B 322 -14.28 -15.42 17.25
C VAL B 322 -14.02 -15.64 18.74
N GLU B 323 -12.86 -15.20 19.20
CA GLU B 323 -12.47 -15.32 20.60
C GLU B 323 -13.49 -14.66 21.54
N GLY B 324 -14.15 -13.61 21.06
CA GLY B 324 -15.12 -12.93 21.88
C GLY B 324 -16.50 -13.55 21.97
N ALA B 325 -16.74 -14.62 21.20
CA ALA B 325 -18.06 -15.24 21.22
C ALA B 325 -18.06 -16.54 22.00
N MET B 326 -17.11 -16.63 22.92
CA MET B 326 -16.93 -17.78 23.81
C MET B 326 -18.19 -18.08 24.61
N ALA B 327 -18.50 -19.36 24.77
CA ALA B 327 -19.66 -19.78 25.53
C ALA B 327 -19.25 -20.85 26.51
N TYR B 328 -20.07 -21.06 27.53
CA TYR B 328 -19.76 -22.04 28.56
C TYR B 328 -20.69 -23.23 28.52
N HIS B 329 -20.11 -24.40 28.27
CA HIS B 329 -20.88 -25.63 28.20
C HIS B 329 -21.19 -26.18 29.58
N GLN B 330 -22.45 -26.07 29.98
CA GLN B 330 -22.88 -26.53 31.28
C GLN B 330 -23.03 -28.05 31.27
N GLU B 331 -22.36 -28.72 32.20
CA GLU B 331 -22.45 -30.17 32.28
C GLU B 331 -23.91 -30.59 32.31
N PRO B 332 -24.27 -31.63 31.55
CA PRO B 332 -25.65 -32.10 31.50
C PRO B 332 -26.12 -32.58 32.86
N PRO B 333 -27.44 -32.79 33.01
CA PRO B 333 -28.07 -33.24 34.24
C PRO B 333 -27.20 -34.13 35.12
N GLY B 334 -26.97 -35.35 34.66
CA GLY B 334 -26.21 -36.30 35.44
C GLY B 334 -27.15 -37.48 35.51
N LYS B 335 -28.43 -37.17 35.67
CA LYS B 335 -29.46 -38.20 35.66
C LYS B 335 -29.42 -38.62 34.19
N GLU B 336 -28.76 -37.79 33.40
CA GLU B 336 -28.59 -37.98 31.98
C GLU B 336 -27.80 -39.25 31.70
N ASN B 337 -27.98 -39.81 30.51
CA ASN B 337 -27.26 -41.01 30.12
C ASN B 337 -25.76 -40.75 30.00
N GLU B 338 -24.96 -41.80 30.15
CA GLU B 338 -23.51 -41.69 30.03
C GLU B 338 -22.91 -42.94 29.42
N ASN B 346 -15.01 -41.03 18.34
CA ASN B 346 -14.21 -41.81 17.41
C ASN B 346 -14.03 -41.12 16.06
N ILE B 347 -14.37 -41.84 14.98
CA ILE B 347 -14.25 -41.31 13.61
C ILE B 347 -15.52 -40.64 13.06
N THR B 348 -15.33 -39.41 12.56
CA THR B 348 -16.40 -38.62 11.99
C THR B 348 -16.40 -38.85 10.49
N VAL B 349 -15.26 -39.28 9.96
CA VAL B 349 -15.13 -39.54 8.54
C VAL B 349 -16.30 -40.36 7.98
N GLN B 350 -16.62 -41.47 8.63
CA GLN B 350 -17.72 -42.34 8.19
C GLN B 350 -19.01 -41.58 7.95
N LEU B 351 -19.41 -40.76 8.91
CA LEU B 351 -20.64 -39.99 8.83
C LEU B 351 -20.72 -38.95 7.70
N LEU B 352 -19.60 -38.28 7.43
CA LEU B 352 -19.57 -37.25 6.38
C LEU B 352 -19.28 -37.80 4.98
N GLN B 353 -18.55 -38.90 4.93
CA GLN B 353 -18.11 -39.56 3.71
C GLN B 353 -19.04 -39.44 2.50
N GLN B 354 -20.30 -39.87 2.64
CA GLN B 354 -21.26 -39.81 1.56
C GLN B 354 -21.67 -38.40 1.11
N LYS B 355 -21.74 -37.47 2.06
CA LYS B 355 -22.19 -36.14 1.73
C LYS B 355 -21.18 -35.00 1.67
N VAL B 356 -19.94 -35.26 2.07
CA VAL B 356 -18.90 -34.25 2.01
C VAL B 356 -17.76 -34.88 1.18
N PRO B 357 -17.82 -34.73 -0.15
CA PRO B 357 -16.77 -35.31 -0.98
C PRO B 357 -15.42 -34.62 -0.86
N TYR B 358 -15.46 -33.30 -0.79
CA TYR B 358 -14.25 -32.50 -0.72
C TYR B 358 -13.01 -33.07 -0.04
N PHE B 359 -13.03 -33.17 1.28
CA PHE B 359 -11.84 -33.63 1.98
C PHE B 359 -11.85 -35.08 2.50
N TYR B 360 -12.99 -35.52 3.00
CA TYR B 360 -13.12 -36.86 3.56
C TYR B 360 -13.19 -38.00 2.58
N ARG B 361 -13.78 -37.74 1.41
CA ARG B 361 -13.93 -38.78 0.42
C ARG B 361 -12.63 -39.33 -0.16
N LYS B 362 -12.52 -40.66 -0.25
CA LYS B 362 -11.34 -41.27 -0.84
C LYS B 362 -11.71 -42.25 -1.94
N LYS B 363 -10.83 -42.38 -2.94
CA LYS B 363 -11.07 -43.27 -4.08
C LYS B 363 -11.19 -44.73 -3.73
N GLU B 364 -11.68 -45.52 -4.68
CA GLU B 364 -11.85 -46.94 -4.47
C GLU B 364 -11.73 -47.66 -5.80
N LYS B 365 -11.43 -48.95 -5.77
CA LYS B 365 -11.29 -49.70 -6.99
C LYS B 365 -12.63 -50.14 -7.52
N ILE B 366 -12.68 -50.35 -8.83
CA ILE B 366 -13.91 -50.74 -9.53
C ILE B 366 -14.70 -51.86 -8.89
N GLU B 367 -14.03 -52.99 -8.62
CA GLU B 367 -14.71 -54.13 -8.03
C GLU B 367 -15.26 -53.86 -6.64
N SER B 368 -14.97 -52.67 -6.10
CA SER B 368 -15.46 -52.29 -4.79
C SER B 368 -16.22 -50.97 -4.84
N ALA B 369 -15.90 -50.16 -5.83
CA ALA B 369 -16.50 -48.84 -6.01
C ALA B 369 -18.02 -48.84 -6.02
N THR B 370 -18.60 -47.80 -5.43
CA THR B 370 -20.04 -47.65 -5.33
C THR B 370 -20.47 -46.18 -5.48
N LEU B 371 -21.68 -45.95 -5.98
CA LEU B 371 -22.21 -44.60 -6.16
C LEU B 371 -22.27 -43.83 -4.84
N LYS B 372 -22.07 -42.53 -4.92
CA LYS B 372 -22.12 -41.70 -3.73
C LYS B 372 -23.24 -40.67 -3.81
N ARG B 373 -23.81 -40.35 -2.65
CA ARG B 373 -24.91 -39.40 -2.55
C ARG B 373 -24.52 -38.12 -3.26
N VAL B 374 -23.37 -37.58 -2.90
CA VAL B 374 -22.87 -36.36 -3.53
C VAL B 374 -21.64 -36.76 -4.32
N PRO B 375 -21.71 -36.69 -5.65
CA PRO B 375 -20.52 -37.08 -6.40
C PRO B 375 -19.28 -36.22 -6.11
N LEU B 376 -18.10 -36.77 -6.36
CA LEU B 376 -16.87 -36.04 -6.14
C LEU B 376 -16.72 -35.05 -7.29
N VAL B 377 -16.85 -35.55 -8.50
CA VAL B 377 -16.69 -34.75 -9.70
C VAL B 377 -17.96 -34.60 -10.52
N SER B 378 -18.20 -33.38 -11.01
CA SER B 378 -19.35 -33.08 -11.86
C SER B 378 -18.79 -32.50 -13.13
N ILE B 379 -19.07 -33.15 -14.26
CA ILE B 379 -18.60 -32.67 -15.56
C ILE B 379 -19.78 -31.93 -16.19
N TYR B 380 -19.59 -30.66 -16.54
CA TYR B 380 -20.67 -29.90 -17.13
C TYR B 380 -20.54 -29.79 -18.64
N ILE B 381 -21.68 -29.85 -19.33
CA ILE B 381 -21.72 -29.80 -20.78
C ILE B 381 -22.76 -28.85 -21.37
N PRO B 382 -22.30 -27.84 -22.13
CA PRO B 382 -23.16 -26.86 -22.78
C PRO B 382 -23.38 -27.44 -24.18
N ALA B 383 -24.54 -28.04 -24.42
CA ALA B 383 -24.81 -28.67 -25.70
C ALA B 383 -25.83 -27.98 -26.61
N TYR B 384 -25.43 -27.75 -27.86
CA TYR B 384 -26.28 -27.11 -28.86
C TYR B 384 -26.07 -27.73 -30.24
N ASN B 385 -27.08 -28.46 -30.72
CA ASN B 385 -27.00 -29.11 -32.02
C ASN B 385 -25.75 -29.98 -32.15
N CYS B 386 -25.53 -30.84 -31.17
CA CYS B 386 -24.35 -31.70 -31.14
C CYS B 386 -24.79 -33.15 -31.28
N SER B 387 -25.87 -33.33 -32.04
CA SER B 387 -26.49 -34.62 -32.29
C SER B 387 -25.55 -35.81 -32.50
N LYS B 388 -24.60 -35.69 -33.43
CA LYS B 388 -23.72 -36.81 -33.70
C LYS B 388 -22.44 -36.87 -32.86
N TYR B 389 -22.32 -36.01 -31.86
CA TYR B 389 -21.12 -36.04 -31.03
C TYR B 389 -21.45 -36.23 -29.55
N ILE B 390 -22.65 -35.80 -29.17
CA ILE B 390 -23.07 -35.86 -27.78
C ILE B 390 -22.86 -37.17 -27.02
N VAL B 391 -23.24 -38.30 -27.62
CA VAL B 391 -23.11 -39.58 -26.92
C VAL B 391 -21.64 -39.93 -26.70
N ARG B 392 -20.82 -39.67 -27.71
CA ARG B 392 -19.39 -39.93 -27.63
C ARG B 392 -18.87 -39.06 -26.49
N CYS B 393 -19.30 -37.81 -26.51
CA CYS B 393 -18.93 -36.80 -25.52
C CYS B 393 -19.20 -37.28 -24.12
N VAL B 394 -20.46 -37.63 -23.86
CA VAL B 394 -20.86 -38.08 -22.54
C VAL B 394 -20.15 -39.35 -22.10
N GLU B 395 -20.07 -40.34 -22.99
CA GLU B 395 -19.40 -41.60 -22.65
C GLU B 395 -17.94 -41.41 -22.28
N SER B 396 -17.28 -40.42 -22.85
CA SER B 396 -15.88 -40.18 -22.55
C SER B 396 -15.73 -39.75 -21.09
N ALA B 397 -16.74 -39.08 -20.56
CA ALA B 397 -16.70 -38.64 -19.17
C ALA B 397 -17.00 -39.83 -18.26
N LEU B 398 -17.96 -40.65 -18.66
CA LEU B 398 -18.36 -41.83 -17.88
C LEU B 398 -17.28 -42.91 -17.85
N ASN B 399 -16.45 -42.94 -18.89
CA ASN B 399 -15.39 -43.93 -18.92
C ASN B 399 -14.07 -43.29 -18.42
N GLN B 400 -14.12 -42.82 -17.17
CA GLN B 400 -12.95 -42.21 -16.56
C GLN B 400 -12.34 -43.17 -15.57
N THR B 401 -11.07 -42.93 -15.23
CA THR B 401 -10.33 -43.72 -14.26
C THR B 401 -10.99 -43.44 -12.90
N ILE B 402 -11.51 -42.21 -12.77
CA ILE B 402 -12.21 -41.74 -11.58
C ILE B 402 -13.66 -42.07 -11.83
N THR B 403 -14.20 -42.99 -11.05
CA THR B 403 -15.58 -43.42 -11.23
C THR B 403 -16.60 -42.62 -10.42
N ASP B 404 -16.13 -41.97 -9.34
CA ASP B 404 -17.01 -41.16 -8.50
C ASP B 404 -17.26 -39.85 -9.24
N LEU B 405 -18.11 -39.92 -10.26
CA LEU B 405 -18.38 -38.75 -11.09
C LEU B 405 -19.77 -38.71 -11.69
N GLU B 406 -20.19 -37.52 -12.08
CA GLU B 406 -21.50 -37.35 -12.69
C GLU B 406 -21.39 -36.39 -13.86
N VAL B 407 -22.39 -36.41 -14.74
CA VAL B 407 -22.40 -35.51 -15.88
C VAL B 407 -23.73 -34.76 -15.89
N CYS B 408 -23.66 -33.44 -16.04
CA CYS B 408 -24.84 -32.58 -16.07
C CYS B 408 -24.82 -31.84 -17.39
N ILE B 409 -25.88 -32.01 -18.17
CA ILE B 409 -25.95 -31.38 -19.47
C ILE B 409 -27.08 -30.37 -19.59
N CYS B 410 -26.80 -29.23 -20.21
CA CYS B 410 -27.85 -28.26 -20.47
C CYS B 410 -27.96 -28.14 -21.97
N ASP B 411 -29.13 -28.45 -22.50
CA ASP B 411 -29.39 -28.34 -23.92
C ASP B 411 -29.96 -26.95 -24.19
N ASP B 412 -29.18 -26.12 -24.87
CA ASP B 412 -29.59 -24.75 -25.18
C ASP B 412 -30.71 -24.73 -26.23
N GLY B 413 -31.75 -25.54 -26.01
CA GLY B 413 -32.85 -25.60 -26.95
C GLY B 413 -32.38 -25.86 -28.37
N SER B 414 -31.62 -26.92 -28.56
CA SER B 414 -31.08 -27.25 -29.88
C SER B 414 -32.17 -27.38 -30.95
N THR B 415 -31.76 -27.42 -32.21
CA THR B 415 -32.68 -27.57 -33.33
C THR B 415 -32.72 -29.01 -33.86
N ASP B 416 -31.57 -29.70 -33.81
CA ASP B 416 -31.53 -31.09 -34.27
C ASP B 416 -32.26 -31.95 -33.23
N ASP B 417 -31.90 -33.22 -33.15
CA ASP B 417 -32.55 -34.13 -32.22
C ASP B 417 -31.72 -34.42 -30.97
N THR B 418 -30.97 -33.44 -30.51
CA THR B 418 -30.11 -33.58 -29.33
C THR B 418 -30.91 -34.10 -28.12
N LEU B 419 -31.95 -33.37 -27.73
CA LEU B 419 -32.76 -33.73 -26.58
C LEU B 419 -33.25 -35.19 -26.58
N ARG B 420 -33.70 -35.68 -27.73
CA ARG B 420 -34.18 -37.04 -27.84
C ARG B 420 -33.09 -38.06 -27.54
N ILE B 421 -31.89 -37.75 -28.02
CA ILE B 421 -30.75 -38.63 -27.80
C ILE B 421 -30.50 -38.70 -26.29
N LEU B 422 -30.42 -37.53 -25.68
CA LEU B 422 -30.17 -37.43 -24.24
C LEU B 422 -31.21 -38.26 -23.52
N GLN B 423 -32.44 -38.16 -23.99
CA GLN B 423 -33.53 -38.91 -23.40
C GLN B 423 -33.40 -40.42 -23.69
N GLU B 424 -33.23 -40.79 -24.95
CA GLU B 424 -33.13 -42.21 -25.25
C GLU B 424 -31.89 -42.84 -24.64
N HIS B 425 -30.95 -42.00 -24.19
CA HIS B 425 -29.72 -42.53 -23.61
C HIS B 425 -29.47 -42.38 -22.12
N TYR B 426 -29.93 -41.27 -21.54
CA TYR B 426 -29.65 -41.01 -20.12
C TYR B 426 -30.81 -40.66 -19.18
N ALA B 427 -32.04 -40.64 -19.69
CA ALA B 427 -33.19 -40.30 -18.86
C ALA B 427 -33.21 -41.07 -17.53
N ASN B 428 -32.57 -42.23 -17.50
CA ASN B 428 -32.55 -43.05 -16.30
C ASN B 428 -31.16 -43.32 -15.80
N HIS B 429 -30.18 -42.66 -16.38
CA HIS B 429 -28.81 -42.90 -15.97
C HIS B 429 -28.58 -42.31 -14.57
N PRO B 430 -28.09 -43.14 -13.63
CA PRO B 430 -27.82 -42.71 -12.26
C PRO B 430 -26.65 -41.72 -12.13
N ARG B 431 -25.80 -41.66 -13.15
CA ARG B 431 -24.64 -40.76 -13.12
C ARG B 431 -24.70 -39.65 -14.18
N VAL B 432 -25.84 -39.48 -14.83
CA VAL B 432 -25.98 -38.42 -15.82
C VAL B 432 -27.29 -37.69 -15.62
N ARG B 433 -27.24 -36.36 -15.74
CA ARG B 433 -28.43 -35.55 -15.55
C ARG B 433 -28.44 -34.41 -16.57
N PHE B 434 -29.63 -34.04 -17.04
CA PHE B 434 -29.72 -32.96 -18.02
C PHE B 434 -30.99 -32.14 -17.92
N ILE B 435 -30.94 -30.95 -18.50
CA ILE B 435 -32.07 -30.03 -18.50
C ILE B 435 -32.02 -29.23 -19.80
N SER B 436 -33.18 -28.98 -20.37
CA SER B 436 -33.23 -28.25 -21.63
C SER B 436 -33.97 -26.94 -21.48
N GLN B 437 -33.35 -25.87 -21.99
CA GLN B 437 -33.93 -24.54 -21.97
C GLN B 437 -34.05 -24.07 -23.41
N LYS B 438 -34.29 -22.78 -23.62
CA LYS B 438 -34.36 -22.26 -24.97
C LYS B 438 -33.03 -21.58 -25.19
N ASN B 439 -32.53 -21.63 -26.42
CA ASN B 439 -31.25 -21.02 -26.74
C ASN B 439 -31.06 -19.65 -26.12
N LYS B 440 -29.94 -19.46 -25.44
CA LYS B 440 -29.62 -18.19 -24.80
C LYS B 440 -28.11 -17.97 -24.92
N GLY B 441 -27.46 -18.81 -25.71
CA GLY B 441 -26.03 -18.70 -25.89
C GLY B 441 -25.25 -19.65 -25.04
N ILE B 442 -23.97 -19.81 -25.36
CA ILE B 442 -23.09 -20.69 -24.61
C ILE B 442 -22.95 -20.25 -23.16
N GLY B 443 -22.79 -18.96 -22.93
CA GLY B 443 -22.66 -18.47 -21.56
C GLY B 443 -23.82 -18.86 -20.66
N SER B 444 -25.03 -18.74 -21.18
CA SER B 444 -26.21 -19.09 -20.42
C SER B 444 -26.20 -20.57 -20.06
N ALA B 445 -26.09 -21.41 -21.07
CA ALA B 445 -26.07 -22.85 -20.87
C ALA B 445 -24.99 -23.29 -19.88
N SER B 446 -23.88 -22.58 -19.85
CA SER B 446 -22.82 -22.95 -18.93
C SER B 446 -23.30 -22.75 -17.50
N ASN B 447 -23.87 -21.58 -17.23
CA ASN B 447 -24.36 -21.35 -15.89
C ASN B 447 -25.34 -22.48 -15.55
N THR B 448 -26.41 -22.58 -16.31
CA THR B 448 -27.43 -23.61 -16.11
C THR B 448 -26.90 -25.01 -15.86
N ALA B 449 -25.85 -25.38 -16.58
CA ALA B 449 -25.25 -26.70 -16.42
C ALA B 449 -24.49 -26.77 -15.09
N VAL B 450 -23.79 -25.69 -14.74
CA VAL B 450 -23.03 -25.68 -13.48
C VAL B 450 -23.98 -25.67 -12.31
N ARG B 451 -25.05 -24.89 -12.41
CA ARG B 451 -26.04 -24.81 -11.35
C ARG B 451 -26.59 -26.23 -11.12
N LEU B 452 -26.58 -27.04 -12.17
CA LEU B 452 -27.07 -28.40 -12.09
C LEU B 452 -26.10 -29.33 -11.35
N CYS B 453 -24.81 -29.07 -11.47
CA CYS B 453 -23.81 -29.91 -10.82
C CYS B 453 -23.99 -29.99 -9.32
N ARG B 454 -23.67 -31.15 -8.75
CA ARG B 454 -23.80 -31.35 -7.32
C ARG B 454 -22.47 -31.71 -6.69
N GLY B 455 -21.45 -31.91 -7.52
CA GLY B 455 -20.12 -32.26 -7.00
C GLY B 455 -19.30 -31.06 -6.57
N PHE B 456 -18.07 -31.31 -6.10
CA PHE B 456 -17.18 -30.24 -5.65
C PHE B 456 -16.19 -29.86 -6.74
N TYR B 457 -15.43 -30.85 -7.22
CA TYR B 457 -14.46 -30.61 -8.31
C TYR B 457 -15.17 -30.75 -9.64
N ILE B 458 -15.31 -29.64 -10.35
CA ILE B 458 -16.02 -29.66 -11.62
C ILE B 458 -15.19 -29.39 -12.87
N GLY B 459 -15.34 -30.28 -13.86
CA GLY B 459 -14.60 -30.15 -15.10
C GLY B 459 -15.47 -29.71 -16.25
N GLN B 460 -14.85 -29.10 -17.27
CA GLN B 460 -15.56 -28.61 -18.45
C GLN B 460 -15.43 -29.54 -19.65
N LEU B 461 -16.52 -29.72 -20.40
CA LEU B 461 -16.48 -30.59 -21.57
C LEU B 461 -17.51 -30.11 -22.59
N ASP B 462 -17.04 -29.48 -23.67
CA ASP B 462 -17.96 -28.98 -24.68
C ASP B 462 -18.55 -30.17 -25.43
N SER B 463 -19.83 -30.08 -25.79
CA SER B 463 -20.56 -31.17 -26.42
C SER B 463 -20.03 -31.82 -27.68
N ASP B 464 -19.16 -31.13 -28.40
CA ASP B 464 -18.61 -31.71 -29.61
C ASP B 464 -17.21 -32.28 -29.41
N ASP B 465 -16.70 -32.22 -28.19
CA ASP B 465 -15.36 -32.73 -27.88
C ASP B 465 -15.45 -34.02 -27.07
N PHE B 466 -14.32 -34.48 -26.54
CA PHE B 466 -14.32 -35.68 -25.71
C PHE B 466 -13.00 -35.90 -24.97
N LEU B 467 -13.07 -36.47 -23.78
CA LEU B 467 -11.91 -36.69 -22.93
C LEU B 467 -11.21 -38.04 -23.04
N GLU B 468 -9.97 -38.07 -22.53
CA GLU B 468 -9.14 -39.26 -22.46
C GLU B 468 -9.56 -39.93 -21.14
N PRO B 469 -9.47 -41.26 -21.04
CA PRO B 469 -9.86 -42.01 -19.83
C PRO B 469 -9.16 -41.74 -18.50
N ASP B 470 -8.20 -40.81 -18.50
CA ASP B 470 -7.46 -40.50 -17.28
C ASP B 470 -7.35 -39.00 -17.08
N ALA B 471 -8.12 -38.25 -17.86
CA ALA B 471 -8.11 -36.78 -17.77
C ALA B 471 -8.45 -36.36 -16.33
N VAL B 472 -9.70 -36.58 -15.94
CA VAL B 472 -10.20 -36.23 -14.61
C VAL B 472 -9.23 -36.54 -13.48
N GLU B 473 -8.81 -37.80 -13.40
CA GLU B 473 -7.88 -38.22 -12.36
C GLU B 473 -6.66 -37.33 -12.33
N LEU B 474 -5.94 -37.23 -13.44
CA LEU B 474 -4.74 -36.39 -13.47
C LEU B 474 -5.02 -35.04 -12.82
N CYS B 475 -6.07 -34.38 -13.26
CA CYS B 475 -6.42 -33.10 -12.68
C CYS B 475 -6.62 -33.25 -11.18
N LEU B 476 -7.33 -34.30 -10.80
CA LEU B 476 -7.59 -34.53 -9.39
C LEU B 476 -6.32 -34.69 -8.57
N ASP B 477 -5.36 -35.47 -9.05
CA ASP B 477 -4.10 -35.65 -8.31
C ASP B 477 -3.42 -34.33 -7.95
N GLU B 478 -3.62 -33.31 -8.78
CA GLU B 478 -3.02 -32.01 -8.51
C GLU B 478 -3.80 -31.30 -7.42
N PHE B 479 -5.12 -31.42 -7.46
CA PHE B 479 -5.94 -30.78 -6.45
C PHE B 479 -5.55 -31.26 -5.05
N ARG B 480 -5.45 -32.58 -4.89
CA ARG B 480 -5.08 -33.16 -3.60
C ARG B 480 -3.78 -32.54 -3.11
N LYS B 481 -2.75 -32.60 -3.95
CA LYS B 481 -1.44 -32.06 -3.58
C LYS B 481 -1.49 -30.61 -3.11
N ASP B 482 -2.46 -29.84 -3.57
CA ASP B 482 -2.60 -28.46 -3.12
C ASP B 482 -4.05 -28.04 -3.01
N LEU B 483 -4.57 -28.07 -1.78
CA LEU B 483 -5.96 -27.71 -1.51
C LEU B 483 -6.33 -26.26 -1.78
N SER B 484 -5.32 -25.41 -1.98
CA SER B 484 -5.55 -23.99 -2.25
C SER B 484 -5.91 -23.69 -3.69
N LEU B 485 -5.57 -24.61 -4.59
CA LEU B 485 -5.84 -24.44 -6.03
C LEU B 485 -7.28 -24.10 -6.34
N ALA B 486 -7.48 -23.28 -7.35
CA ALA B 486 -8.82 -22.89 -7.78
C ALA B 486 -9.15 -23.63 -9.06
N CYS B 487 -8.10 -24.02 -9.78
CA CYS B 487 -8.26 -24.69 -11.05
C CYS B 487 -7.01 -25.37 -11.53
N VAL B 488 -7.18 -26.53 -12.17
CA VAL B 488 -6.07 -27.28 -12.73
C VAL B 488 -6.50 -27.51 -14.17
N TYR B 489 -5.57 -27.38 -15.11
CA TYR B 489 -5.90 -27.58 -16.53
C TYR B 489 -4.75 -28.22 -17.30
N THR B 490 -5.10 -29.07 -18.26
CA THR B 490 -4.10 -29.76 -19.09
C THR B 490 -4.05 -29.16 -20.49
N THR B 491 -3.44 -29.89 -21.41
CA THR B 491 -3.36 -29.44 -22.79
C THR B 491 -4.08 -30.47 -23.64
N ASN B 492 -4.26 -30.17 -24.92
CA ASN B 492 -5.03 -31.07 -25.80
C ASN B 492 -4.46 -31.30 -27.19
N ARG B 493 -5.33 -31.84 -28.05
CA ARG B 493 -5.01 -32.14 -29.45
C ARG B 493 -6.25 -31.77 -30.27
N ASN B 494 -6.03 -31.41 -31.54
CA ASN B 494 -7.10 -31.00 -32.45
C ASN B 494 -7.64 -32.13 -33.32
N ILE B 495 -8.97 -32.18 -33.43
CA ILE B 495 -9.65 -33.24 -34.17
C ILE B 495 -10.51 -32.76 -35.34
N ASP B 496 -10.67 -33.64 -36.33
CA ASP B 496 -11.48 -33.37 -37.50
C ASP B 496 -12.92 -33.57 -37.06
N ARG B 497 -13.87 -33.54 -37.99
CA ARG B 497 -15.26 -33.75 -37.59
C ARG B 497 -15.56 -35.24 -37.52
N GLU B 498 -14.53 -36.05 -37.27
CA GLU B 498 -14.68 -37.49 -37.16
C GLU B 498 -13.53 -38.22 -36.48
N GLY B 499 -12.79 -37.51 -35.63
CA GLY B 499 -11.68 -38.13 -34.93
C GLY B 499 -10.36 -38.13 -35.66
N ASN B 500 -10.20 -37.21 -36.61
CA ASN B 500 -8.97 -37.12 -37.37
C ASN B 500 -7.98 -36.14 -36.76
N LEU B 501 -6.84 -36.66 -36.32
CA LEU B 501 -5.79 -35.85 -35.72
C LEU B 501 -5.38 -34.71 -36.66
N ILE B 502 -5.54 -33.47 -36.21
CA ILE B 502 -5.15 -32.32 -37.00
C ILE B 502 -3.80 -31.77 -36.53
N SER B 503 -3.65 -31.63 -35.21
CA SER B 503 -2.41 -31.12 -34.61
C SER B 503 -2.50 -31.06 -33.09
N ASN B 504 -1.36 -31.05 -32.42
CA ASN B 504 -1.36 -30.96 -30.96
C ASN B 504 -1.65 -29.52 -30.55
N GLY B 505 -2.86 -29.28 -30.08
CA GLY B 505 -3.28 -27.95 -29.69
C GLY B 505 -2.28 -27.12 -28.90
N TYR B 506 -2.56 -25.81 -28.86
CA TYR B 506 -1.72 -24.85 -28.17
C TYR B 506 -1.44 -25.29 -26.73
N ASN B 507 -0.20 -25.12 -26.30
CA ASN B 507 0.22 -25.48 -24.96
C ASN B 507 1.28 -24.55 -24.38
N TRP B 508 0.94 -23.82 -23.32
CA TRP B 508 1.89 -22.93 -22.68
C TRP B 508 2.40 -23.61 -21.40
N PRO B 509 3.62 -24.16 -21.46
CA PRO B 509 4.36 -24.88 -20.42
C PRO B 509 4.03 -24.60 -18.95
N ILE B 510 4.18 -23.35 -18.55
CA ILE B 510 3.95 -22.97 -17.16
C ILE B 510 2.88 -21.91 -17.02
N TYR B 511 2.16 -21.97 -15.92
CA TYR B 511 1.11 -21.03 -15.69
C TYR B 511 1.59 -19.81 -14.91
N SER B 512 0.93 -18.68 -15.17
CA SER B 512 1.21 -17.43 -14.51
C SER B 512 -0.01 -16.54 -14.73
N ARG B 513 -0.41 -15.81 -13.70
CA ARG B 513 -1.56 -14.91 -13.82
C ARG B 513 -1.30 -13.85 -14.88
N GLU B 514 -0.06 -13.40 -14.96
CA GLU B 514 0.34 -12.37 -15.93
C GLU B 514 0.21 -12.87 -17.36
N LYS B 515 0.66 -14.09 -17.61
CA LYS B 515 0.57 -14.65 -18.95
C LYS B 515 -0.89 -14.81 -19.38
N LEU B 516 -1.74 -15.31 -18.49
CA LEU B 516 -3.15 -15.51 -18.81
C LEU B 516 -3.87 -14.20 -19.13
N THR B 517 -3.52 -13.15 -18.39
CA THR B 517 -4.14 -11.86 -18.62
C THR B 517 -3.64 -11.31 -19.95
N SER B 518 -2.64 -11.97 -20.52
CA SER B 518 -2.07 -11.52 -21.80
C SER B 518 -2.47 -12.45 -22.94
N ALA B 519 -2.65 -13.72 -22.62
CA ALA B 519 -3.02 -14.72 -23.60
C ALA B 519 -3.84 -15.86 -23.00
N MET B 520 -4.86 -16.26 -23.75
CA MET B 520 -5.77 -17.35 -23.39
C MET B 520 -4.99 -18.64 -23.27
N ILE B 521 -4.16 -18.76 -22.25
CA ILE B 521 -3.34 -19.95 -22.05
C ILE B 521 -3.97 -21.05 -21.21
N CYS B 522 -5.23 -20.90 -20.84
CA CYS B 522 -5.92 -21.91 -20.03
C CYS B 522 -6.66 -22.85 -21.00
N HIS B 523 -5.91 -23.82 -21.50
CA HIS B 523 -6.41 -24.78 -22.47
C HIS B 523 -7.29 -25.86 -21.88
N HIS B 524 -7.98 -26.58 -22.74
CA HIS B 524 -8.75 -27.66 -22.27
C HIS B 524 -8.01 -28.83 -21.76
N PHE B 525 -8.24 -29.45 -20.65
CA PHE B 525 -9.40 -29.65 -19.97
C PHE B 525 -9.12 -28.88 -18.83
N ARG B 526 -10.00 -28.08 -18.46
CA ARG B 526 -10.06 -27.35 -17.22
C ARG B 526 -10.90 -27.81 -16.03
N MET B 527 -10.38 -27.86 -14.82
CA MET B 527 -11.25 -28.27 -13.75
C MET B 527 -11.17 -27.19 -12.71
N PHE B 528 -12.22 -27.05 -11.93
CA PHE B 528 -12.20 -26.03 -10.93
C PHE B 528 -13.09 -26.43 -9.78
N THR B 529 -12.89 -25.70 -8.70
CA THR B 529 -13.61 -25.86 -7.46
C THR B 529 -14.97 -25.18 -7.55
N ALA B 530 -16.02 -25.88 -7.11
CA ALA B 530 -17.36 -25.31 -7.16
C ALA B 530 -17.33 -24.02 -6.36
N ARG B 531 -16.52 -24.00 -5.30
CA ARG B 531 -16.39 -22.83 -4.46
C ARG B 531 -15.75 -21.67 -5.24
N ALA B 532 -14.58 -21.91 -5.81
CA ALA B 532 -13.93 -20.83 -6.54
C ALA B 532 -14.91 -20.25 -7.56
N TRP B 533 -15.69 -21.11 -8.21
CA TRP B 533 -16.65 -20.65 -9.20
C TRP B 533 -17.72 -19.78 -8.50
N ASN B 534 -18.05 -20.15 -7.27
CA ASN B 534 -19.05 -19.39 -6.54
C ASN B 534 -18.49 -18.08 -5.97
N LEU B 535 -17.16 -17.97 -5.98
CA LEU B 535 -16.51 -16.75 -5.51
C LEU B 535 -16.39 -15.81 -6.70
N THR B 536 -16.78 -16.30 -7.87
CA THR B 536 -16.76 -15.49 -9.09
C THR B 536 -18.20 -15.13 -9.41
N GLU B 537 -18.44 -14.52 -10.56
CA GLU B 537 -19.79 -14.13 -10.93
C GLU B 537 -20.43 -14.93 -12.05
N GLY B 538 -19.90 -16.13 -12.29
CA GLY B 538 -20.46 -16.98 -13.32
C GLY B 538 -20.00 -16.67 -14.73
N PHE B 539 -20.65 -17.31 -15.71
CA PHE B 539 -20.29 -17.10 -17.11
C PHE B 539 -20.99 -15.87 -17.65
N ASN B 540 -20.36 -15.24 -18.63
CA ASN B 540 -20.86 -14.03 -19.26
C ASN B 540 -21.90 -14.42 -20.31
N GLU B 541 -23.16 -14.02 -20.09
CA GLU B 541 -24.25 -14.35 -21.00
C GLU B 541 -24.57 -13.32 -22.07
N SER B 542 -23.72 -12.31 -22.22
CA SER B 542 -23.94 -11.27 -23.21
C SER B 542 -22.91 -11.24 -24.33
N ILE B 543 -22.00 -12.22 -24.31
CA ILE B 543 -20.99 -12.31 -25.34
C ILE B 543 -21.14 -13.63 -26.07
N SER B 544 -21.23 -13.55 -27.40
CA SER B 544 -21.41 -14.70 -28.25
C SER B 544 -20.21 -15.64 -28.23
N ASN B 545 -19.12 -15.21 -27.61
CA ASN B 545 -17.91 -16.02 -27.51
C ASN B 545 -16.87 -15.38 -26.60
N ALA B 546 -15.79 -16.12 -26.34
CA ALA B 546 -14.73 -15.67 -25.44
C ALA B 546 -15.21 -15.97 -24.02
N VAL B 547 -16.26 -16.78 -23.94
CA VAL B 547 -16.85 -17.17 -22.66
C VAL B 547 -15.83 -17.89 -21.78
N ASP B 548 -15.12 -18.85 -22.34
CA ASP B 548 -14.12 -19.59 -21.57
C ASP B 548 -13.01 -18.68 -21.07
N TYR B 549 -12.50 -17.81 -21.93
CA TYR B 549 -11.45 -16.91 -21.51
C TYR B 549 -11.94 -16.13 -20.32
N ASP B 550 -13.12 -15.54 -20.47
CA ASP B 550 -13.73 -14.74 -19.40
C ASP B 550 -13.80 -15.45 -18.06
N MET B 551 -14.40 -16.65 -18.07
CA MET B 551 -14.59 -17.47 -16.86
C MET B 551 -13.30 -17.79 -16.12
N TYR B 552 -12.35 -18.36 -16.85
CA TYR B 552 -11.06 -18.72 -16.31
C TYR B 552 -10.28 -17.52 -15.85
N LEU B 553 -10.65 -16.36 -16.39
CA LEU B 553 -10.01 -15.10 -16.04
C LEU B 553 -10.62 -14.70 -14.70
N LYS B 554 -11.90 -14.98 -14.53
CA LYS B 554 -12.59 -14.66 -13.30
C LYS B 554 -12.05 -15.51 -12.16
N LEU B 555 -11.62 -16.72 -12.47
CA LEU B 555 -11.09 -17.60 -11.44
C LEU B 555 -9.63 -17.27 -11.13
N SER B 556 -8.87 -16.86 -12.15
CA SER B 556 -7.46 -16.52 -11.94
C SER B 556 -7.27 -15.43 -10.89
N GLU B 557 -8.33 -14.63 -10.66
CA GLU B 557 -8.27 -13.57 -9.67
C GLU B 557 -8.68 -14.10 -8.30
N VAL B 558 -9.21 -15.32 -8.27
CA VAL B 558 -9.67 -15.91 -7.02
C VAL B 558 -8.74 -16.92 -6.37
N GLY B 559 -7.91 -17.58 -7.16
CA GLY B 559 -7.00 -18.56 -6.58
C GLY B 559 -5.93 -19.05 -7.53
N PRO B 560 -5.02 -19.92 -7.05
CA PRO B 560 -3.90 -20.51 -7.80
C PRO B 560 -4.22 -21.67 -8.77
N PHE B 561 -3.70 -21.55 -10.00
CA PHE B 561 -3.89 -22.58 -11.02
C PHE B 561 -2.65 -23.46 -11.11
N LYS B 562 -2.81 -24.63 -11.72
CA LYS B 562 -1.71 -25.55 -11.90
C LYS B 562 -1.89 -26.27 -13.23
N HIS B 563 -0.94 -26.07 -14.13
CA HIS B 563 -1.01 -26.71 -15.43
C HIS B 563 -0.35 -28.08 -15.46
N ILE B 564 -0.98 -29.00 -16.18
CA ILE B 564 -0.45 -30.34 -16.32
C ILE B 564 -0.09 -30.42 -17.78
N ASN B 565 1.13 -30.83 -18.07
CA ASN B 565 1.57 -30.94 -19.45
C ASN B 565 1.32 -32.32 -20.00
N LYS B 566 0.07 -32.54 -20.39
CA LYS B 566 -0.36 -33.81 -20.98
C LYS B 566 -1.62 -33.55 -21.80
N ILE B 567 -1.82 -34.37 -22.82
CA ILE B 567 -2.99 -34.22 -23.67
C ILE B 567 -4.05 -35.17 -23.16
N CYS B 568 -5.04 -34.60 -22.48
CA CYS B 568 -6.11 -35.37 -21.89
C CYS B 568 -7.45 -34.98 -22.50
N TYR B 569 -7.41 -34.11 -23.49
CA TYR B 569 -8.63 -33.63 -24.13
C TYR B 569 -8.49 -33.57 -25.66
N ASN B 570 -9.55 -33.96 -26.35
CA ASN B 570 -9.56 -33.96 -27.81
C ASN B 570 -10.50 -32.87 -28.28
N ARG B 571 -9.91 -31.83 -28.86
CA ARG B 571 -10.66 -30.66 -29.34
C ARG B 571 -10.99 -30.73 -30.82
N VAL B 572 -12.28 -30.65 -31.15
CA VAL B 572 -12.73 -30.71 -32.53
C VAL B 572 -12.77 -29.35 -33.24
N LEU B 573 -11.98 -29.23 -34.31
CA LEU B 573 -11.93 -28.01 -35.09
C LEU B 573 -12.96 -28.09 -36.21
N HIS B 574 -13.90 -27.16 -36.18
CA HIS B 574 -14.97 -27.07 -37.16
C HIS B 574 -15.12 -25.60 -37.54
N GLY B 575 -14.35 -24.77 -36.87
CA GLY B 575 -14.38 -23.33 -37.09
C GLY B 575 -14.40 -22.62 -35.76
N ASN B 577 -14.69 -24.19 -40.38
CA ASN B 577 -14.09 -23.52 -41.53
C ASN B 577 -15.00 -22.33 -41.86
N THR B 578 -16.30 -22.55 -41.70
CA THR B 578 -17.28 -21.51 -41.98
C THR B 578 -17.24 -20.38 -40.95
N SER B 579 -16.51 -19.32 -41.27
CA SER B 579 -16.43 -18.18 -40.37
C SER B 579 -16.76 -16.90 -41.11
N ILE B 580 -18.07 -16.65 -41.22
CA ILE B 580 -18.61 -15.48 -41.89
C ILE B 580 -17.99 -14.19 -41.40
N LYS B 581 -17.02 -13.71 -42.16
CA LYS B 581 -16.28 -12.47 -41.90
C LYS B 581 -16.59 -11.67 -40.63
N LYS B 582 -17.76 -11.05 -40.56
CA LYS B 582 -18.11 -10.24 -39.39
C LYS B 582 -18.10 -11.00 -38.06
N LEU B 583 -18.51 -12.26 -38.09
CA LEU B 583 -18.52 -13.06 -36.86
C LEU B 583 -17.10 -13.20 -36.35
N ASP B 584 -16.14 -13.06 -37.26
CA ASP B 584 -14.74 -13.16 -36.92
C ASP B 584 -14.27 -11.83 -36.34
N ILE B 585 -15.03 -10.77 -36.64
CA ILE B 585 -14.74 -9.43 -36.17
C ILE B 585 -15.10 -9.37 -34.68
N GLN B 586 -16.32 -9.79 -34.37
CA GLN B 586 -16.78 -9.79 -32.99
C GLN B 586 -15.92 -10.73 -32.15
N LYS B 587 -15.60 -11.91 -32.68
CA LYS B 587 -14.78 -12.86 -31.95
C LYS B 587 -13.47 -12.20 -31.54
N GLU B 588 -13.07 -11.19 -32.29
CA GLU B 588 -11.86 -10.42 -32.02
C GLU B 588 -12.21 -9.40 -30.95
N ASN B 589 -13.35 -8.75 -31.17
CA ASN B 589 -13.89 -7.74 -30.27
C ASN B 589 -13.89 -8.31 -28.85
N HIS B 590 -14.85 -9.18 -28.60
CA HIS B 590 -15.04 -9.83 -27.32
C HIS B 590 -13.75 -10.31 -26.67
N PHE B 591 -12.81 -10.80 -27.46
CA PHE B 591 -11.54 -11.25 -26.89
C PHE B 591 -10.93 -10.14 -26.08
N LYS B 592 -10.87 -8.95 -26.67
CA LYS B 592 -10.30 -7.80 -25.98
C LYS B 592 -11.13 -7.48 -24.75
N VAL B 593 -12.45 -7.40 -24.94
CA VAL B 593 -13.38 -7.07 -23.87
C VAL B 593 -13.11 -7.88 -22.60
N VAL B 594 -13.08 -9.20 -22.73
CA VAL B 594 -12.84 -10.08 -21.61
C VAL B 594 -11.69 -9.61 -20.72
N ASN B 595 -10.53 -9.36 -21.32
CA ASN B 595 -9.36 -8.91 -20.59
C ASN B 595 -9.63 -7.58 -19.91
N GLU B 596 -10.30 -6.69 -20.63
CA GLU B 596 -10.67 -5.38 -20.10
C GLU B 596 -11.50 -5.57 -18.84
N SER B 597 -12.59 -6.34 -18.96
CA SER B 597 -13.48 -6.60 -17.84
C SER B 597 -12.69 -7.05 -16.63
N LEU B 598 -11.58 -7.73 -16.88
CA LEU B 598 -10.70 -8.19 -15.81
C LEU B 598 -10.19 -6.98 -15.02
N SER B 599 -10.68 -5.79 -15.40
CA SER B 599 -10.34 -4.52 -14.74
C SER B 599 -10.92 -4.49 -13.33
N ARG B 600 -12.01 -5.24 -13.12
CA ARG B 600 -12.67 -5.30 -11.82
C ARG B 600 -11.65 -5.64 -10.74
N LEU B 601 -10.38 -5.70 -11.12
CA LEU B 601 -9.30 -5.97 -10.18
C LEU B 601 -8.69 -4.67 -9.66
N GLY B 602 -9.30 -3.55 -10.00
CA GLY B 602 -8.80 -2.26 -9.55
C GLY B 602 -7.94 -1.51 -10.55
N ILE B 603 -7.18 -2.25 -11.34
CA ILE B 603 -6.28 -1.68 -12.34
C ILE B 603 -6.92 -0.62 -13.22
N LYS B 604 -6.55 0.64 -12.98
CA LYS B 604 -7.08 1.75 -13.77
C LYS B 604 -6.00 2.47 -14.55
N LYS B 605 -4.76 2.34 -14.09
CA LYS B 605 -3.64 3.00 -14.73
C LYS B 605 -3.18 2.33 -16.02
N TYR B 606 -4.07 1.57 -16.66
CA TYR B 606 -3.69 0.87 -17.90
C TYR B 606 -4.86 0.38 -18.72
N LYS B 607 -4.52 -0.13 -19.90
CA LYS B 607 -5.51 -0.69 -20.82
C LYS B 607 -4.82 -1.81 -21.59
N TYR B 608 -5.60 -2.63 -22.27
CA TYR B 608 -5.07 -3.75 -23.04
C TYR B 608 -5.69 -3.60 -24.42
N SER B 609 -4.94 -3.01 -25.33
CA SER B 609 -5.45 -2.75 -26.67
C SER B 609 -4.91 -3.66 -27.78
N PRO B 610 -5.69 -3.77 -28.88
CA PRO B 610 -5.35 -4.58 -30.05
C PRO B 610 -4.21 -3.93 -30.83
N LEU B 611 -3.05 -4.58 -30.87
CA LEU B 611 -1.91 -4.05 -31.60
C LEU B 611 -2.32 -3.73 -33.03
N THR B 612 -2.80 -4.75 -33.72
CA THR B 612 -3.24 -4.59 -35.10
C THR B 612 -4.73 -4.79 -35.13
N ASN B 613 -5.40 -4.22 -36.12
CA ASN B 613 -6.83 -4.45 -36.18
C ASN B 613 -7.15 -5.39 -37.33
N LEU B 614 -6.41 -6.49 -37.34
CA LEU B 614 -6.55 -7.58 -38.29
C LEU B 614 -7.35 -8.63 -37.52
N ASN B 615 -8.54 -8.96 -38.01
CA ASN B 615 -9.43 -9.94 -37.39
C ASN B 615 -8.79 -11.08 -36.58
N GLU B 616 -8.21 -12.05 -37.27
CA GLU B 616 -7.61 -13.18 -36.58
C GLU B 616 -6.36 -12.84 -35.74
N CYS B 617 -5.95 -11.58 -35.75
CA CYS B 617 -4.76 -11.17 -34.98
C CYS B 617 -5.06 -11.14 -33.49
N ARG B 618 -4.03 -11.45 -32.69
CA ARG B 618 -4.19 -11.44 -31.23
C ARG B 618 -3.08 -10.69 -30.49
N LYS B 619 -2.11 -10.18 -31.23
CA LYS B 619 -1.04 -9.42 -30.59
C LYS B 619 -1.66 -8.22 -29.86
N TYR B 620 -1.03 -7.78 -28.78
CA TYR B 620 -1.55 -6.67 -27.98
C TYR B 620 -0.47 -5.67 -27.58
N THR B 621 -0.91 -4.65 -26.85
CA THR B 621 -0.04 -3.61 -26.34
C THR B 621 -0.78 -2.90 -25.21
N TRP B 622 -0.10 -2.70 -24.08
CA TRP B 622 -0.72 -2.01 -22.95
C TRP B 622 -0.60 -0.51 -23.14
N GLU B 623 -1.71 0.20 -23.06
CA GLU B 623 -1.65 1.64 -23.21
C GLU B 623 -2.02 2.32 -21.89
N LYS B 624 -1.28 3.37 -21.54
CA LYS B 624 -1.55 4.08 -20.29
C LYS B 624 -2.75 5.01 -20.42
N ILE B 625 -3.24 5.50 -19.29
CA ILE B 625 -4.39 6.42 -19.26
C ILE B 625 -4.19 7.48 -18.19
N ALA C 2 35.02 64.55 -5.47
CA ALA C 2 36.48 64.26 -5.60
C ALA C 2 36.87 63.04 -4.75
N VAL C 3 36.11 61.96 -4.85
CA VAL C 3 36.38 60.73 -4.09
C VAL C 3 35.97 59.42 -4.78
N ILE C 4 36.30 58.30 -4.13
CA ILE C 4 35.95 56.97 -4.63
C ILE C 4 34.74 56.54 -3.79
N ASP C 5 34.52 55.23 -3.60
CA ASP C 5 33.36 54.78 -2.81
C ASP C 5 33.07 53.29 -2.92
N ILE C 6 31.86 52.91 -2.51
CA ILE C 6 31.36 51.54 -2.61
C ILE C 6 30.01 51.73 -3.30
N ASP C 7 29.58 50.73 -4.07
CA ASP C 7 28.34 50.85 -4.83
C ASP C 7 27.19 51.47 -4.02
N ALA C 8 26.31 52.19 -4.71
CA ALA C 8 25.20 52.87 -4.06
C ALA C 8 24.20 51.94 -3.34
N ALA C 9 23.68 50.94 -4.04
CA ALA C 9 22.72 50.03 -3.42
C ALA C 9 23.20 49.54 -2.06
N THR C 10 24.39 48.97 -2.02
CA THR C 10 24.94 48.45 -0.78
C THR C 10 25.07 49.54 0.29
N LYS C 11 25.36 50.76 -0.14
CA LYS C 11 25.53 51.88 0.80
C LYS C 11 24.20 52.34 1.40
N ILE C 12 23.14 52.30 0.59
CA ILE C 12 21.81 52.70 1.04
C ILE C 12 21.20 51.61 1.91
N MET C 13 21.44 50.37 1.52
CA MET C 13 20.92 49.21 2.26
C MET C 13 21.52 49.10 3.66
N CYS C 14 22.84 49.26 3.76
CA CYS C 14 23.47 49.17 5.06
C CYS C 14 22.98 50.30 5.95
N SER C 15 22.74 51.46 5.36
CA SER C 15 22.26 52.63 6.10
C SER C 15 20.85 52.39 6.64
N ASN C 16 19.97 51.88 5.78
CA ASN C 16 18.58 51.61 6.17
C ASN C 16 18.44 50.74 7.40
N ALA C 17 19.36 49.78 7.56
CA ALA C 17 19.32 48.87 8.68
C ALA C 17 19.90 49.41 9.97
N LYS C 18 20.50 50.60 9.94
CA LYS C 18 21.04 51.17 11.16
C LYS C 18 19.87 51.57 12.08
N ALA C 19 20.09 51.51 13.39
CA ALA C 19 19.07 51.89 14.36
C ALA C 19 18.69 53.36 14.23
N ILE C 20 19.61 54.15 13.69
CA ILE C 20 19.39 55.58 13.54
C ILE C 20 19.08 55.90 12.08
N SER C 21 18.13 56.81 11.86
CA SER C 21 17.77 57.18 10.50
C SER C 21 18.69 58.22 9.88
N LEU C 22 18.79 58.15 8.57
CA LEU C 22 19.61 59.05 7.79
C LEU C 22 18.63 60.10 7.27
N ASN C 23 18.93 61.38 7.45
CA ASN C 23 18.00 62.41 7.00
C ASN C 23 17.62 62.16 5.55
N GLU C 24 16.45 62.68 5.18
CA GLU C 24 15.95 62.49 3.84
C GLU C 24 16.92 62.97 2.78
N VAL C 25 17.55 64.12 2.99
CA VAL C 25 18.49 64.67 2.02
C VAL C 25 19.61 63.71 1.63
N GLU C 26 20.48 63.41 2.59
CA GLU C 26 21.62 62.53 2.40
C GLU C 26 21.21 61.20 1.78
N LYS C 27 20.00 60.77 2.11
CA LYS C 27 19.44 59.51 1.63
C LYS C 27 18.98 59.59 0.16
N ASN C 28 18.25 60.64 -0.20
CA ASN C 28 17.78 60.79 -1.58
C ASN C 28 18.94 60.98 -2.54
N GLU C 29 20.05 61.46 -2.02
CA GLU C 29 21.23 61.69 -2.85
C GLU C 29 21.81 60.34 -3.28
N ILE C 30 22.01 59.46 -2.30
CA ILE C 30 22.58 58.14 -2.56
C ILE C 30 21.61 57.40 -3.46
N ILE C 31 20.35 57.36 -3.04
CA ILE C 31 19.31 56.67 -3.80
C ILE C 31 19.22 57.12 -5.25
N SER C 32 19.31 58.42 -5.46
CA SER C 32 19.24 58.97 -6.80
C SER C 32 20.42 58.49 -7.63
N LYS C 33 21.59 58.40 -7.00
CA LYS C 33 22.78 57.94 -7.70
C LYS C 33 22.47 56.54 -8.21
N TYR C 34 21.92 55.73 -7.30
CA TYR C 34 21.53 54.37 -7.59
C TYR C 34 20.61 54.25 -8.80
N ARG C 35 19.56 55.07 -8.82
CA ARG C 35 18.59 55.05 -9.91
C ARG C 35 19.22 55.32 -11.26
N GLU C 36 19.98 56.40 -11.34
CA GLU C 36 20.58 56.76 -12.60
C GLU C 36 21.57 55.71 -13.08
N ILE C 37 22.37 55.18 -12.17
CA ILE C 37 23.34 54.17 -12.55
C ILE C 37 22.69 52.86 -13.03
N THR C 38 21.46 52.60 -12.58
CA THR C 38 20.75 51.37 -12.97
C THR C 38 19.52 51.68 -13.80
N ALA C 39 19.57 52.77 -14.56
CA ALA C 39 18.45 53.19 -15.39
C ALA C 39 18.37 52.51 -16.76
N LYS C 40 19.52 52.39 -17.42
CA LYS C 40 19.56 51.77 -18.75
C LYS C 40 18.93 50.40 -18.78
N LYS C 41 18.21 50.12 -19.87
CA LYS C 41 17.52 48.85 -20.03
C LYS C 41 18.14 48.04 -21.18
N SER C 42 18.10 46.72 -21.10
CA SER C 42 18.67 45.88 -22.14
C SER C 42 17.96 46.03 -23.50
N GLU C 43 18.73 46.21 -24.57
CA GLU C 43 18.11 46.34 -25.87
C GLU C 43 17.71 44.94 -26.31
N ARG C 44 16.62 44.81 -27.05
CA ARG C 44 16.21 43.48 -27.47
C ARG C 44 17.05 43.02 -28.65
N ALA C 45 17.15 41.70 -28.81
CA ALA C 45 17.96 41.10 -29.87
C ALA C 45 17.34 41.27 -31.25
N GLU C 46 18.18 41.13 -32.28
CA GLU C 46 17.77 41.23 -33.67
C GLU C 46 16.73 40.18 -33.99
N LEU C 47 15.66 40.58 -34.66
CA LEU C 47 14.61 39.62 -35.01
C LEU C 47 15.24 38.44 -35.73
N LYS C 48 14.85 37.25 -35.35
CA LYS C 48 15.42 36.04 -35.96
C LYS C 48 14.37 34.94 -35.86
N GLU C 49 14.21 34.17 -36.92
CA GLU C 49 13.22 33.11 -36.89
C GLU C 49 13.87 31.76 -37.14
N VAL C 50 13.67 30.83 -36.21
CA VAL C 50 14.26 29.51 -36.33
C VAL C 50 13.34 28.40 -35.83
N GLU C 51 13.67 27.16 -36.22
CA GLU C 51 12.94 25.97 -35.77
C GLU C 51 13.77 25.44 -34.59
N PRO C 52 13.12 25.14 -33.45
CA PRO C 52 13.87 24.66 -32.28
C PRO C 52 14.76 23.43 -32.47
N ILE C 53 14.19 22.36 -33.01
CA ILE C 53 14.91 21.11 -33.23
C ILE C 53 15.70 21.07 -34.53
N PRO C 54 16.97 20.63 -34.49
CA PRO C 54 17.77 20.57 -35.72
C PRO C 54 17.24 19.54 -36.70
N LEU C 55 17.42 19.82 -37.98
CA LEU C 55 16.93 18.92 -39.02
C LEU C 55 17.67 17.59 -39.05
N ASP C 56 18.93 17.58 -38.64
CA ASP C 56 19.72 16.37 -38.64
C ASP C 56 19.55 15.49 -37.41
N TRP C 57 18.68 15.91 -36.50
CA TRP C 57 18.43 15.11 -35.29
C TRP C 57 17.79 13.80 -35.72
N PRO C 58 18.39 12.66 -35.34
CA PRO C 58 17.86 11.34 -35.70
C PRO C 58 16.38 11.20 -35.36
N SER C 59 15.61 10.67 -36.31
CA SER C 59 14.19 10.47 -36.12
C SER C 59 13.91 9.43 -35.05
N ASP C 60 14.92 8.60 -34.76
CA ASP C 60 14.77 7.56 -33.75
C ASP C 60 15.59 7.77 -32.49
N LEU C 61 16.06 8.98 -32.24
CA LEU C 61 16.84 9.22 -31.03
C LEU C 61 16.09 10.21 -30.15
N THR C 62 15.70 9.72 -28.98
CA THR C 62 14.93 10.50 -28.03
C THR C 62 15.71 10.60 -26.72
N LEU C 63 15.94 11.84 -26.28
CA LEU C 63 16.66 12.11 -25.05
C LEU C 63 15.74 11.82 -23.88
N PRO C 64 16.27 11.15 -22.84
CA PRO C 64 15.50 10.82 -21.65
C PRO C 64 14.76 12.03 -21.12
N PRO C 65 13.43 11.91 -21.00
CA PRO C 65 12.46 12.90 -20.54
C PRO C 65 12.87 13.67 -19.28
N LEU C 66 12.66 14.98 -19.30
CA LEU C 66 12.96 15.80 -18.14
C LEU C 66 12.00 15.40 -17.04
N PRO C 67 12.22 15.90 -15.83
CA PRO C 67 11.33 15.54 -14.74
C PRO C 67 10.05 16.38 -14.85
N GLU C 68 8.98 15.97 -14.19
CA GLU C 68 7.72 16.71 -14.28
C GLU C 68 7.57 17.89 -13.34
N SER C 69 8.47 17.97 -12.37
CA SER C 69 8.51 19.06 -11.42
C SER C 69 9.92 19.01 -10.88
N THR C 70 10.30 19.99 -10.09
CA THR C 70 11.65 20.00 -9.52
C THR C 70 11.76 18.94 -8.44
N ASN C 71 10.62 18.39 -8.03
CA ASN C 71 10.63 17.36 -7.01
C ASN C 71 10.13 16.02 -7.51
N ASP C 72 10.31 15.77 -8.81
CA ASP C 72 9.86 14.50 -9.37
C ASP C 72 10.84 13.39 -9.00
N TYR C 73 10.69 12.87 -7.78
CA TYR C 73 11.56 11.82 -7.30
C TYR C 73 11.44 10.49 -8.05
N VAL C 74 10.51 10.40 -8.99
CA VAL C 74 10.41 9.17 -9.75
C VAL C 74 11.41 9.24 -10.88
N TRP C 75 11.47 10.42 -11.50
CA TRP C 75 12.41 10.67 -12.58
C TRP C 75 13.79 10.51 -11.96
N ALA C 76 13.95 11.05 -10.75
CA ALA C 76 15.22 10.97 -10.07
C ALA C 76 15.65 9.52 -9.90
N GLY C 77 14.75 8.67 -9.43
CA GLY C 77 15.07 7.27 -9.26
C GLY C 77 15.49 6.60 -10.57
N LYS C 78 14.98 7.08 -11.69
CA LYS C 78 15.31 6.51 -12.99
C LYS C 78 16.71 6.85 -13.50
N ARG C 79 17.26 8.00 -13.11
CA ARG C 79 18.58 8.40 -13.58
C ARG C 79 19.62 7.28 -13.47
N LYS C 80 20.35 7.05 -14.56
CA LYS C 80 21.35 5.98 -14.62
C LYS C 80 22.40 6.13 -13.53
N GLU C 81 22.56 5.06 -12.75
CA GLU C 81 23.51 5.00 -11.64
C GLU C 81 24.85 5.65 -11.94
N LEU C 82 25.41 6.30 -10.93
CA LEU C 82 26.71 6.92 -11.06
C LEU C 82 27.74 5.88 -10.60
N ASP C 83 29.00 6.13 -10.92
CA ASP C 83 30.07 5.22 -10.56
C ASP C 83 30.51 5.44 -9.09
N ASP C 84 29.56 5.24 -8.18
CA ASP C 84 29.80 5.41 -6.74
C ASP C 84 30.16 6.83 -6.37
N GLN C 89 28.75 -0.76 -0.25
CA GLN C 89 27.57 -0.44 -1.03
C GLN C 89 26.68 0.55 -0.28
N LEU C 90 25.60 0.03 0.28
CA LEU C 90 24.65 0.83 1.04
C LEU C 90 24.32 0.08 2.32
N ILE C 91 24.81 0.59 3.45
CA ILE C 91 24.54 -0.04 4.73
C ILE C 91 23.20 0.43 5.29
N ILE C 92 22.14 -0.31 4.98
CA ILE C 92 20.80 -0.01 5.45
C ILE C 92 20.77 -0.59 6.85
N ASP C 93 21.48 0.07 7.77
CA ASP C 93 21.61 -0.39 9.15
C ASP C 93 20.39 -0.29 10.06
N GLY C 94 19.72 0.85 10.07
CA GLY C 94 18.57 1.00 10.95
C GLY C 94 18.04 2.42 10.95
N LEU C 95 16.95 2.65 11.66
CA LEU C 95 16.36 3.99 11.73
C LEU C 95 16.55 4.55 13.14
N SER C 96 17.25 5.68 13.25
CA SER C 96 17.46 6.32 14.55
C SER C 96 16.32 7.33 14.71
N ILE C 97 15.40 7.03 15.62
CA ILE C 97 14.24 7.87 15.89
C ILE C 97 14.44 8.85 17.04
N VAL C 98 14.51 10.13 16.70
CA VAL C 98 14.71 11.16 17.72
C VAL C 98 13.33 11.67 18.10
N ILE C 99 13.07 11.78 19.40
CA ILE C 99 11.77 12.25 19.85
C ILE C 99 11.90 13.43 20.80
N PRO C 100 11.59 14.64 20.31
CA PRO C 100 11.67 15.85 21.12
C PRO C 100 10.59 15.80 22.19
N THR C 101 10.98 16.01 23.44
CA THR C 101 10.04 15.94 24.53
C THR C 101 10.17 17.09 25.51
N TYR C 102 9.04 17.60 25.93
CA TYR C 102 8.96 18.67 26.92
C TYR C 102 7.77 18.31 27.80
N ASN C 103 8.05 17.75 28.97
CA ASN C 103 6.99 17.31 29.87
C ASN C 103 6.15 16.26 29.15
N ARG C 104 4.87 16.24 29.46
CA ARG C 104 3.96 15.28 28.86
C ARG C 104 4.46 13.86 29.00
N ALA C 105 4.91 13.49 30.20
CA ALA C 105 5.41 12.15 30.42
C ALA C 105 4.42 11.06 29.97
N LYS C 106 3.18 11.16 30.42
CA LYS C 106 2.16 10.18 30.09
C LYS C 106 1.98 9.96 28.58
N ILE C 107 1.87 11.05 27.84
CA ILE C 107 1.68 10.99 26.39
C ILE C 107 2.89 10.35 25.71
N LEU C 108 4.08 10.68 26.22
CA LEU C 108 5.31 10.13 25.69
C LEU C 108 5.27 8.61 25.89
N ALA C 109 4.87 8.17 27.07
CA ALA C 109 4.80 6.74 27.34
C ALA C 109 3.88 6.06 26.33
N ILE C 110 2.82 6.74 25.93
CA ILE C 110 1.89 6.15 24.98
C ILE C 110 2.58 6.04 23.62
N THR C 111 3.18 7.14 23.18
CA THR C 111 3.92 7.17 21.90
C THR C 111 4.93 6.02 21.89
N LEU C 112 5.66 5.87 22.99
CA LEU C 112 6.65 4.80 23.12
C LEU C 112 6.02 3.41 22.99
N ALA C 113 4.85 3.25 23.61
CA ALA C 113 4.14 1.98 23.57
C ALA C 113 3.86 1.61 22.12
N CYS C 114 3.37 2.56 21.34
CA CYS C 114 3.09 2.26 19.95
C CYS C 114 4.36 2.00 19.16
N LEU C 115 5.50 2.38 19.73
CA LEU C 115 6.77 2.14 19.08
C LEU C 115 7.24 0.69 19.31
N CYS C 116 6.76 0.08 20.39
CA CYS C 116 7.10 -1.30 20.72
C CYS C 116 6.32 -2.23 19.81
N ASN C 117 5.20 -1.72 19.32
CA ASN C 117 4.31 -2.50 18.48
C ASN C 117 4.57 -2.38 17.00
N GLN C 118 5.79 -2.02 16.63
CA GLN C 118 6.14 -1.85 15.22
C GLN C 118 6.37 -3.16 14.48
N LYS C 119 5.67 -3.35 13.36
CA LYS C 119 5.85 -4.54 12.53
C LYS C 119 6.79 -4.10 11.41
N THR C 120 8.07 -4.36 11.58
CA THR C 120 9.05 -3.94 10.58
C THR C 120 10.19 -4.96 10.53
N ILE C 121 10.96 -4.97 9.44
CA ILE C 121 12.08 -5.90 9.33
C ILE C 121 13.39 -5.20 9.66
N TYR C 122 13.34 -3.91 9.92
CA TYR C 122 14.55 -3.16 10.23
C TYR C 122 14.80 -2.91 11.72
N ASP C 123 16.07 -2.72 12.05
CA ASP C 123 16.46 -2.42 13.42
C ASP C 123 16.19 -0.92 13.60
N TYR C 124 15.82 -0.51 14.80
CA TYR C 124 15.59 0.90 15.07
C TYR C 124 15.79 1.24 16.54
N GLU C 125 16.36 2.41 16.79
CA GLU C 125 16.56 2.83 18.16
C GLU C 125 15.67 4.01 18.37
N VAL C 126 15.39 4.29 19.65
CA VAL C 126 14.56 5.42 20.00
C VAL C 126 15.43 6.33 20.86
N ILE C 127 15.51 7.60 20.47
CA ILE C 127 16.30 8.56 21.24
C ILE C 127 15.40 9.63 21.80
N VAL C 128 15.08 9.53 23.08
CA VAL C 128 14.22 10.52 23.66
C VAL C 128 15.08 11.74 23.96
N ALA C 129 14.75 12.83 23.29
CA ALA C 129 15.45 14.11 23.43
C ALA C 129 14.64 15.06 24.33
N ASP C 130 15.07 15.20 25.57
CA ASP C 130 14.40 16.04 26.55
C ASP C 130 14.89 17.48 26.55
N ASP C 131 14.00 18.43 26.26
CA ASP C 131 14.37 19.85 26.24
C ASP C 131 14.13 20.49 27.59
N GLY C 132 14.88 20.04 28.60
CA GLY C 132 14.77 20.57 29.94
C GLY C 132 13.41 20.49 30.60
N SER C 133 12.78 19.31 30.58
CA SER C 133 11.45 19.12 31.18
C SER C 133 11.45 19.18 32.70
N LYS C 134 10.34 19.64 33.28
CA LYS C 134 10.24 19.68 34.72
C LYS C 134 9.75 18.30 35.15
N GLU C 135 8.78 17.77 34.42
CA GLU C 135 8.25 16.45 34.72
C GLU C 135 9.40 15.45 34.59
N ASN C 136 9.27 14.31 35.26
CA ASN C 136 10.34 13.31 35.20
C ASN C 136 10.24 12.44 33.95
N ILE C 137 10.95 12.85 32.91
CA ILE C 137 10.94 12.11 31.66
C ILE C 137 11.77 10.85 31.78
N GLU C 138 12.84 10.93 32.55
CA GLU C 138 13.70 9.78 32.75
C GLU C 138 12.93 8.55 33.23
N GLU C 139 11.95 8.77 34.10
CA GLU C 139 11.16 7.67 34.65
C GLU C 139 10.46 6.86 33.56
N ILE C 140 10.06 7.52 32.49
CA ILE C 140 9.37 6.86 31.40
C ILE C 140 10.37 5.95 30.68
N VAL C 141 11.49 6.54 30.32
CA VAL C 141 12.56 5.85 29.63
C VAL C 141 12.99 4.60 30.37
N ARG C 142 13.13 4.71 31.69
CA ARG C 142 13.55 3.60 32.53
C ARG C 142 12.58 2.44 32.37
N GLU C 143 11.30 2.77 32.35
CA GLU C 143 10.23 1.79 32.21
C GLU C 143 10.36 1.03 30.88
N PHE C 144 10.87 1.69 29.85
CA PHE C 144 10.98 1.06 28.55
C PHE C 144 12.32 0.45 28.17
N GLU C 145 13.35 0.66 28.96
CA GLU C 145 14.66 0.13 28.60
C GLU C 145 14.70 -1.34 28.20
N SER C 146 13.78 -2.14 28.72
CA SER C 146 13.77 -3.55 28.37
C SER C 146 12.68 -3.89 27.36
N LEU C 147 12.18 -2.89 26.66
CA LEU C 147 11.14 -3.12 25.69
C LEU C 147 11.53 -2.51 24.36
N LEU C 148 12.54 -1.64 24.40
CA LEU C 148 13.02 -0.94 23.19
C LEU C 148 14.50 -0.65 23.31
N ASN C 149 15.16 -0.49 22.17
CA ASN C 149 16.58 -0.13 22.15
C ASN C 149 16.44 1.38 22.32
N ILE C 150 16.26 1.84 23.55
CA ILE C 150 16.05 3.26 23.78
C ILE C 150 17.15 4.02 24.51
N LYS C 151 17.47 5.20 23.99
CA LYS C 151 18.47 6.08 24.58
C LYS C 151 17.76 7.34 25.09
N TYR C 152 18.38 8.07 26.01
CA TYR C 152 17.77 9.28 26.54
C TYR C 152 18.80 10.39 26.59
N VAL C 153 18.44 11.53 26.01
CA VAL C 153 19.33 12.69 26.01
C VAL C 153 18.56 13.85 26.62
N ARG C 154 19.25 14.64 27.44
CA ARG C 154 18.63 15.78 28.08
C ARG C 154 19.55 16.99 28.07
N GLN C 155 18.94 18.16 27.90
CA GLN C 155 19.67 19.42 27.91
C GLN C 155 18.96 20.29 28.95
N LYS C 156 19.63 21.30 29.49
CA LYS C 156 18.96 22.14 30.49
C LYS C 156 17.91 23.07 29.88
N ASP C 157 17.00 23.52 30.72
CA ASP C 157 15.94 24.42 30.28
C ASP C 157 16.54 25.79 30.09
N TYR C 158 16.29 26.37 28.93
CA TYR C 158 16.76 27.72 28.65
C TYR C 158 15.82 28.26 27.60
N GLY C 159 14.53 27.95 27.80
CA GLY C 159 13.48 28.41 26.92
C GLY C 159 13.02 27.38 25.92
N TYR C 160 12.34 27.85 24.88
CA TYR C 160 11.86 26.98 23.82
C TYR C 160 13.10 26.64 22.97
N GLN C 161 13.49 25.37 22.96
CA GLN C 161 14.67 24.95 22.21
C GLN C 161 14.44 23.70 21.37
N LEU C 162 13.34 23.65 20.63
CA LEU C 162 13.02 22.51 19.77
C LEU C 162 14.21 22.20 18.86
N CYS C 163 14.66 23.20 18.12
CA CYS C 163 15.77 23.01 17.21
C CYS C 163 16.98 22.48 17.93
N ALA C 164 17.28 23.07 19.07
CA ALA C 164 18.45 22.66 19.84
C ALA C 164 18.37 21.18 20.18
N VAL C 165 17.32 20.80 20.89
CA VAL C 165 17.12 19.43 21.31
C VAL C 165 17.10 18.45 20.13
N ARG C 166 16.48 18.83 19.02
CA ARG C 166 16.48 17.94 17.89
C ARG C 166 17.94 17.67 17.48
N ASN C 167 18.74 18.73 17.39
CA ASN C 167 20.12 18.53 17.00
C ASN C 167 20.89 17.65 17.98
N LEU C 168 20.49 17.69 19.25
CA LEU C 168 21.14 16.90 20.28
C LEU C 168 21.00 15.40 20.01
N GLY C 169 19.73 14.99 19.88
CA GLY C 169 19.39 13.60 19.62
C GLY C 169 19.88 13.19 18.26
N LEU C 170 19.75 14.07 17.28
CA LEU C 170 20.23 13.76 15.96
C LEU C 170 21.72 13.38 16.08
N ARG C 171 22.50 14.20 16.79
CA ARG C 171 23.91 13.90 17.00
C ARG C 171 24.08 12.55 17.66
N ALA C 172 23.20 12.26 18.62
CA ALA C 172 23.26 10.99 19.34
C ALA C 172 22.95 9.77 18.47
N ALA C 173 22.15 9.95 17.43
CA ALA C 173 21.76 8.86 16.53
C ALA C 173 22.98 8.09 16.02
N LYS C 174 22.90 6.76 16.02
CA LYS C 174 24.03 5.95 15.55
C LYS C 174 23.79 5.32 14.17
N TYR C 175 22.61 5.50 13.60
CA TYR C 175 22.35 4.93 12.29
C TYR C 175 22.57 5.91 11.13
N ASN C 176 22.43 5.42 9.90
CA ASN C 176 22.61 6.25 8.71
C ASN C 176 21.28 6.84 8.24
N TYR C 177 20.23 6.55 9.00
CA TYR C 177 18.91 7.04 8.68
C TYR C 177 18.26 7.49 9.96
N VAL C 178 17.71 8.70 9.93
CA VAL C 178 17.04 9.27 11.10
C VAL C 178 15.58 9.62 10.86
N ALA C 179 14.86 9.71 11.97
CA ALA C 179 13.45 10.08 11.93
C ALA C 179 13.15 11.03 13.11
N ILE C 180 12.38 12.08 12.85
CA ILE C 180 12.00 12.99 13.91
C ILE C 180 10.51 12.79 14.14
N LEU C 181 10.12 12.60 15.40
CA LEU C 181 8.74 12.36 15.80
C LEU C 181 8.42 13.09 17.12
N ASP C 182 7.45 14.00 17.09
CA ASP C 182 7.09 14.74 18.30
C ASP C 182 6.69 13.76 19.41
N CYS C 183 6.94 14.15 20.66
CA CYS C 183 6.63 13.27 21.79
C CYS C 183 5.16 12.84 21.86
N ASP C 184 4.26 13.65 21.31
CA ASP C 184 2.84 13.33 21.31
C ASP C 184 2.39 12.72 19.98
N MET C 185 3.35 12.37 19.13
CA MET C 185 3.03 11.78 17.84
C MET C 185 3.15 10.26 17.88
N ALA C 186 2.05 9.61 18.23
CA ALA C 186 1.98 8.16 18.33
C ALA C 186 1.84 7.59 16.92
N PRO C 187 2.82 6.78 16.49
CA PRO C 187 2.90 6.13 15.17
C PRO C 187 2.16 4.81 15.03
N ASN C 188 1.63 4.55 13.85
CA ASN C 188 0.92 3.29 13.62
C ASN C 188 1.98 2.16 13.45
N PRO C 189 1.57 0.90 13.64
CA PRO C 189 2.41 -0.31 13.55
C PRO C 189 3.32 -0.46 12.35
N LEU C 190 2.98 0.19 11.26
CA LEU C 190 3.75 0.11 10.02
C LEU C 190 4.67 1.31 9.81
N TRP C 191 4.65 2.25 10.75
CA TRP C 191 5.46 3.46 10.69
C TRP C 191 6.92 3.25 10.28
N VAL C 192 7.68 2.56 11.11
CA VAL C 192 9.09 2.32 10.81
C VAL C 192 9.27 1.63 9.48
N GLN C 193 8.60 0.50 9.29
CA GLN C 193 8.75 -0.22 8.04
C GLN C 193 8.35 0.61 6.83
N SER C 194 7.38 1.50 6.97
CA SER C 194 6.96 2.30 5.81
C SER C 194 8.00 3.31 5.36
N TYR C 195 8.77 3.85 6.30
CA TYR C 195 9.84 4.81 5.96
C TYR C 195 11.05 4.04 5.43
N MET C 196 11.53 3.09 6.22
CA MET C 196 12.70 2.31 5.85
C MET C 196 12.61 1.67 4.48
N GLU C 197 11.46 1.11 4.11
CA GLU C 197 11.32 0.49 2.80
C GLU C 197 11.78 1.45 1.71
N LEU C 198 11.34 2.69 1.82
CA LEU C 198 11.68 3.70 0.84
C LEU C 198 13.13 4.14 0.96
N LEU C 199 13.54 4.56 2.16
CA LEU C 199 14.91 5.00 2.37
C LEU C 199 15.94 4.01 1.83
N ALA C 200 15.59 2.72 1.81
CA ALA C 200 16.52 1.70 1.34
C ALA C 200 16.66 1.72 -0.16
N VAL C 201 15.62 2.13 -0.87
CA VAL C 201 15.70 2.17 -2.32
C VAL C 201 16.32 3.47 -2.85
N ASP C 202 15.96 4.60 -2.25
CA ASP C 202 16.48 5.90 -2.68
C ASP C 202 16.68 6.75 -1.45
N ASP C 203 17.93 7.05 -1.14
CA ASP C 203 18.22 7.84 0.06
C ASP C 203 18.38 9.32 -0.23
N ASN C 204 18.01 9.74 -1.44
CA ASN C 204 18.09 11.15 -1.82
C ASN C 204 16.77 11.85 -1.64
N VAL C 205 15.83 11.20 -0.97
CA VAL C 205 14.54 11.83 -0.73
C VAL C 205 14.14 11.68 0.72
N ALA C 206 13.88 12.81 1.37
CA ALA C 206 13.44 12.85 2.76
C ALA C 206 11.96 12.51 2.70
N LEU C 207 11.46 11.80 3.69
CA LEU C 207 10.05 11.42 3.67
C LEU C 207 9.20 12.16 4.70
N ILE C 208 7.95 12.44 4.32
CA ILE C 208 7.00 13.15 5.17
C ILE C 208 5.73 12.35 5.43
N GLY C 209 5.41 12.17 6.71
CA GLY C 209 4.23 11.41 7.07
C GLY C 209 3.04 12.23 7.56
N PRO C 210 1.81 11.80 7.23
CA PRO C 210 0.61 12.52 7.65
C PRO C 210 0.27 12.22 9.10
N ARG C 211 -0.70 12.95 9.64
CA ARG C 211 -1.13 12.72 11.01
C ARG C 211 -2.64 12.82 11.11
N LYS C 212 -3.17 12.29 12.21
CA LYS C 212 -4.59 12.31 12.54
C LYS C 212 -4.66 12.74 13.98
N TYR C 213 -5.66 13.56 14.33
CA TYR C 213 -5.81 14.04 15.69
C TYR C 213 -6.75 13.19 16.53
N ILE C 214 -6.28 12.75 17.70
CA ILE C 214 -7.11 11.94 18.58
C ILE C 214 -6.99 12.29 20.05
N ASP C 215 -7.99 11.85 20.81
CA ASP C 215 -8.06 12.06 22.26
C ASP C 215 -7.46 10.79 22.85
N THR C 216 -6.51 10.91 23.75
CA THR C 216 -5.89 9.72 24.30
C THR C 216 -6.03 9.60 25.83
N SER C 217 -6.40 10.69 26.47
CA SER C 217 -6.55 10.75 27.92
C SER C 217 -7.27 9.58 28.60
N LYS C 218 -8.17 8.91 27.90
CA LYS C 218 -8.91 7.81 28.51
C LYS C 218 -8.13 6.51 28.55
N HIS C 219 -6.84 6.56 28.20
CA HIS C 219 -5.99 5.37 28.22
C HIS C 219 -4.64 5.63 28.84
N THR C 220 -3.92 4.56 29.14
CA THR C 220 -2.58 4.65 29.72
C THR C 220 -1.66 3.88 28.78
N TYR C 221 -0.38 4.18 28.82
CA TYR C 221 0.53 3.51 27.92
C TYR C 221 0.36 1.99 27.94
N LEU C 222 0.04 1.44 29.12
CA LEU C 222 -0.13 0.00 29.22
C LEU C 222 -1.26 -0.52 28.32
N ASP C 223 -2.26 0.32 28.06
CA ASP C 223 -3.38 -0.08 27.21
C ASP C 223 -2.90 -0.44 25.81
N PHE C 224 -2.11 0.46 25.22
CA PHE C 224 -1.58 0.26 23.88
C PHE C 224 -0.58 -0.90 23.84
N LEU C 225 0.21 -1.05 24.89
CA LEU C 225 1.17 -2.14 24.91
C LEU C 225 0.44 -3.46 24.72
N SER C 226 -0.68 -3.62 25.43
CA SER C 226 -1.46 -4.86 25.29
C SER C 226 -2.21 -4.92 23.95
N GLN C 227 -3.03 -3.91 23.67
CA GLN C 227 -3.79 -3.84 22.43
C GLN C 227 -2.96 -3.16 21.36
N LYS C 228 -2.20 -3.97 20.63
CA LYS C 228 -1.32 -3.47 19.59
C LYS C 228 -1.98 -2.92 18.32
N SER C 229 -3.30 -2.77 18.32
CA SER C 229 -3.99 -2.24 17.14
C SER C 229 -5.00 -1.20 17.57
N LEU C 230 -4.89 -0.80 18.83
CA LEU C 230 -5.78 0.18 19.43
C LEU C 230 -5.56 1.59 18.89
N ILE C 231 -4.31 2.01 18.74
CA ILE C 231 -4.02 3.36 18.26
C ILE C 231 -4.78 3.67 16.96
N ASN C 232 -5.08 2.63 16.19
CA ASN C 232 -5.81 2.77 14.93
C ASN C 232 -7.33 2.76 15.15
N GLU C 233 -7.75 2.53 16.39
CA GLU C 233 -9.17 2.48 16.71
C GLU C 233 -9.75 3.67 17.47
N ILE C 234 -8.91 4.47 18.12
CA ILE C 234 -9.43 5.63 18.84
C ILE C 234 -9.91 6.64 17.78
N PRO C 235 -11.17 7.11 17.92
CA PRO C 235 -11.83 8.07 17.02
C PRO C 235 -11.22 9.47 17.00
N GLU C 236 -11.22 10.08 15.82
CA GLU C 236 -10.66 11.42 15.64
C GLU C 236 -11.50 12.46 16.36
N ILE C 237 -10.96 13.67 16.48
CA ILE C 237 -11.65 14.75 17.18
C ILE C 237 -11.51 16.09 16.47
N ILE C 238 -11.71 17.19 17.21
CA ILE C 238 -11.58 18.54 16.66
C ILE C 238 -10.58 19.32 17.53
N THR C 239 -9.31 19.23 17.17
CA THR C 239 -8.22 19.87 17.91
C THR C 239 -8.27 21.39 18.00
N ASN C 240 -7.13 21.98 18.39
CA ASN C 240 -6.96 23.42 18.54
C ASN C 240 -5.97 23.92 17.50
N GLN C 249 -14.62 17.48 7.70
CA GLN C 249 -14.61 18.16 8.99
C GLN C 249 -15.36 17.35 10.06
N ASN C 250 -15.85 18.06 11.07
CA ASN C 250 -16.55 17.43 12.19
C ASN C 250 -15.49 16.68 12.99
N LYS C 251 -14.28 16.74 12.44
CA LYS C 251 -13.08 16.14 13.01
C LYS C 251 -11.97 16.95 12.36
N SER C 252 -10.88 17.17 13.08
CA SER C 252 -9.76 17.93 12.53
C SER C 252 -8.90 17.02 11.67
N VAL C 253 -8.48 17.52 10.51
CA VAL C 253 -7.64 16.72 9.64
C VAL C 253 -6.36 17.44 9.26
N ASP C 254 -5.38 16.65 8.83
CA ASP C 254 -4.09 17.19 8.40
C ASP C 254 -4.38 17.99 7.14
N TRP C 255 -4.27 19.31 7.25
CA TRP C 255 -4.52 20.19 6.13
C TRP C 255 -3.68 19.83 4.93
N ARG C 256 -2.53 19.22 5.18
CA ARG C 256 -1.64 18.82 4.11
C ARG C 256 -2.16 17.64 3.30
N ILE C 257 -2.97 16.79 3.92
CA ILE C 257 -3.45 15.62 3.21
C ILE C 257 -4.08 15.92 1.86
N GLU C 258 -4.94 16.92 1.80
CA GLU C 258 -5.58 17.32 0.55
C GLU C 258 -4.48 17.56 -0.48
N HIS C 259 -3.47 18.33 -0.10
CA HIS C 259 -2.35 18.65 -0.98
C HIS C 259 -1.59 17.41 -1.42
N PHE C 260 -1.29 16.50 -0.49
CA PHE C 260 -0.55 15.31 -0.83
C PHE C 260 -1.17 14.55 -2.00
N LYS C 261 -2.48 14.32 -1.95
CA LYS C 261 -3.12 13.59 -3.04
C LYS C 261 -3.19 14.40 -4.34
N ASN C 262 -3.25 15.72 -4.22
CA ASN C 262 -3.32 16.57 -5.42
C ASN C 262 -2.02 16.59 -6.21
N THR C 263 -0.90 16.43 -5.52
CA THR C 263 0.41 16.44 -6.17
C THR C 263 1.04 15.05 -6.25
N ASP C 264 0.22 14.01 -6.28
CA ASP C 264 0.73 12.65 -6.35
C ASP C 264 1.83 12.50 -5.29
N ASN C 265 1.48 12.87 -4.07
CA ASN C 265 2.40 12.81 -2.93
C ASN C 265 3.66 13.66 -3.07
N LEU C 266 3.46 14.92 -3.45
CA LEU C 266 4.52 15.90 -3.60
C LEU C 266 5.38 15.79 -4.85
N ARG C 267 5.08 14.83 -5.72
CA ARG C 267 5.86 14.65 -6.94
C ARG C 267 5.72 15.81 -7.92
N LEU C 268 4.57 16.47 -7.91
CA LEU C 268 4.34 17.59 -8.82
C LEU C 268 4.45 18.92 -8.10
N CYS C 269 4.98 18.90 -6.88
CA CYS C 269 5.10 20.13 -6.10
C CYS C 269 6.48 20.75 -6.25
N ASN C 270 6.53 22.03 -6.61
CA ASN C 270 7.79 22.72 -6.76
C ASN C 270 8.25 23.49 -5.52
N THR C 271 7.51 23.34 -4.43
CA THR C 271 7.86 23.98 -3.15
C THR C 271 7.52 23.02 -2.02
N PRO C 272 7.99 21.77 -2.15
CA PRO C 272 7.76 20.70 -1.18
C PRO C 272 8.11 20.96 0.28
N PHE C 273 9.04 21.86 0.55
CA PHE C 273 9.40 22.10 1.93
C PHE C 273 8.24 22.72 2.70
N ARG C 274 7.23 23.21 1.99
CA ARG C 274 6.06 23.80 2.65
C ARG C 274 5.25 22.74 3.38
N PHE C 275 5.68 21.48 3.34
CA PHE C 275 4.93 20.42 4.01
C PHE C 275 5.79 19.62 4.97
N PHE C 276 7.06 19.97 5.04
CA PHE C 276 7.99 19.28 5.92
C PHE C 276 7.66 19.68 7.35
N SER C 277 7.33 18.72 8.20
CA SER C 277 7.02 19.03 9.59
C SER C 277 7.81 18.17 10.51
N GLY C 278 8.73 18.80 11.24
CA GLY C 278 9.61 18.13 12.16
C GLY C 278 9.05 17.02 13.04
N GLY C 279 7.77 17.09 13.36
CA GLY C 279 7.16 16.09 14.21
C GLY C 279 6.89 14.73 13.59
N ASN C 280 7.07 14.58 12.27
CA ASN C 280 6.83 13.30 11.61
C ASN C 280 7.55 13.22 10.28
N VAL C 281 8.86 12.97 10.33
CA VAL C 281 9.67 12.88 9.12
C VAL C 281 10.77 11.83 9.25
N ALA C 282 11.39 11.50 8.12
CA ALA C 282 12.48 10.54 8.10
C ALA C 282 13.37 10.85 6.90
N PHE C 283 14.67 10.63 7.06
CA PHE C 283 15.61 10.90 5.98
C PHE C 283 17.03 10.43 6.31
N ALA C 284 17.82 10.24 5.26
CA ALA C 284 19.21 9.82 5.41
C ALA C 284 19.97 10.88 6.22
N LYS C 285 20.69 10.43 7.24
CA LYS C 285 21.45 11.31 8.10
C LYS C 285 22.43 12.19 7.32
N LYS C 286 22.96 11.64 6.23
CA LYS C 286 23.92 12.33 5.37
C LYS C 286 23.52 13.77 5.01
N TRP C 287 22.23 14.00 4.83
CA TRP C 287 21.73 15.32 4.50
C TRP C 287 22.08 16.39 5.54
N LEU C 288 22.20 16.00 6.80
CA LEU C 288 22.55 16.96 7.85
C LEU C 288 23.94 17.53 7.58
N PHE C 289 24.81 16.68 7.08
CA PHE C 289 26.16 17.13 6.81
C PHE C 289 26.20 17.91 5.52
N ARG C 290 25.21 17.73 4.66
CA ARG C 290 25.22 18.46 3.38
C ARG C 290 24.37 19.73 3.36
N ALA C 291 23.25 19.70 4.06
CA ALA C 291 22.36 20.85 4.09
C ALA C 291 22.49 21.57 5.40
N GLY C 292 23.02 20.89 6.40
CA GLY C 292 23.16 21.51 7.71
C GLY C 292 22.16 20.91 8.69
N TRP C 293 22.19 21.39 9.93
CA TRP C 293 21.29 20.89 10.97
C TRP C 293 20.18 21.93 11.20
N PHE C 294 19.31 21.68 12.17
CA PHE C 294 18.25 22.62 12.46
C PHE C 294 18.81 23.96 12.98
N ASP C 295 18.23 25.07 12.54
CA ASP C 295 18.70 26.40 12.93
C ASP C 295 18.24 26.78 14.32
N GLU C 296 19.17 26.86 15.25
CA GLU C 296 18.81 27.18 16.63
C GLU C 296 18.50 28.63 16.97
N GLU C 297 18.39 29.48 15.95
CA GLU C 297 18.03 30.87 16.14
C GLU C 297 16.52 30.96 16.14
N PHE C 298 15.86 30.03 15.47
CA PHE C 298 14.41 30.03 15.43
C PHE C 298 13.83 29.94 16.83
N THR C 299 12.77 30.72 17.04
CA THR C 299 12.12 30.83 18.34
C THR C 299 10.79 30.10 18.38
N HIS C 300 9.97 30.37 19.39
CA HIS C 300 8.69 29.68 19.51
C HIS C 300 7.69 30.00 18.40
N TRP C 301 7.85 31.13 17.70
CA TRP C 301 6.95 31.48 16.61
C TRP C 301 7.01 30.42 15.51
N GLY C 302 8.03 29.57 15.58
CA GLY C 302 8.19 28.51 14.60
C GLY C 302 8.87 28.97 13.32
N GLY C 303 8.82 28.14 12.30
CA GLY C 303 9.44 28.48 11.03
C GLY C 303 10.64 27.61 10.71
N GLU C 304 11.16 26.93 11.72
CA GLU C 304 12.32 26.05 11.55
C GLU C 304 12.10 24.92 10.56
N ASP C 305 10.88 24.42 10.45
CA ASP C 305 10.63 23.34 9.52
C ASP C 305 10.90 23.77 8.10
N ASN C 306 10.22 24.84 7.67
CA ASN C 306 10.43 25.34 6.32
C ASN C 306 11.89 25.64 6.04
N GLU C 307 12.49 26.46 6.90
CA GLU C 307 13.87 26.83 6.71
C GLU C 307 14.74 25.61 6.51
N PHE C 308 14.51 24.57 7.31
CA PHE C 308 15.28 23.32 7.20
C PHE C 308 14.93 22.58 5.91
N GLY C 309 13.64 22.49 5.60
CA GLY C 309 13.23 21.81 4.39
C GLY C 309 13.81 22.51 3.16
N TYR C 310 13.85 23.85 3.23
CA TYR C 310 14.40 24.66 2.14
C TYR C 310 15.89 24.36 1.87
N ARG C 311 16.69 24.24 2.92
CA ARG C 311 18.11 23.93 2.72
C ARG C 311 18.24 22.55 2.10
N LEU C 312 17.42 21.62 2.57
CA LEU C 312 17.42 20.27 2.03
C LEU C 312 17.13 20.38 0.53
N TYR C 313 16.08 21.13 0.18
CA TYR C 313 15.68 21.32 -1.21
C TYR C 313 16.82 21.91 -2.04
N ARG C 314 17.48 22.93 -1.49
CA ARG C 314 18.59 23.58 -2.17
C ARG C 314 19.79 22.67 -2.42
N GLU C 315 19.99 21.64 -1.61
CA GLU C 315 21.12 20.76 -1.86
C GLU C 315 20.76 19.62 -2.81
N GLY C 316 19.51 19.61 -3.25
CA GLY C 316 19.05 18.57 -4.16
C GLY C 316 18.23 17.45 -3.55
N CYS C 317 17.84 17.57 -2.28
CA CYS C 317 17.03 16.53 -1.66
C CYS C 317 15.57 16.63 -2.14
N TYR C 318 14.93 15.48 -2.31
CA TYR C 318 13.55 15.41 -2.77
C TYR C 318 12.69 15.15 -1.55
N PHE C 319 11.37 15.30 -1.73
CA PHE C 319 10.40 15.08 -0.64
C PHE C 319 9.27 14.17 -1.08
N ARG C 320 8.85 13.31 -0.18
CA ARG C 320 7.81 12.38 -0.53
C ARG C 320 6.91 12.08 0.66
N SER C 321 5.60 12.25 0.47
CA SER C 321 4.64 11.97 1.54
C SER C 321 4.34 10.47 1.56
N VAL C 322 4.39 9.89 2.76
CA VAL C 322 4.18 8.47 2.91
C VAL C 322 2.94 8.13 3.75
N GLU C 323 1.97 7.49 3.12
CA GLU C 323 0.73 7.10 3.80
C GLU C 323 0.95 6.14 4.97
N GLY C 324 1.84 5.16 4.77
CA GLY C 324 2.11 4.20 5.82
C GLY C 324 2.88 4.73 7.01
N ALA C 325 3.25 6.01 6.97
CA ALA C 325 4.00 6.62 8.07
C ALA C 325 3.04 7.41 8.98
N MET C 326 1.75 7.17 8.80
CA MET C 326 0.72 7.82 9.60
C MET C 326 1.08 7.79 11.09
N ALA C 327 0.70 8.83 11.80
CA ALA C 327 0.96 8.93 13.24
C ALA C 327 -0.21 9.69 13.85
N TYR C 328 -0.53 9.38 15.10
CA TYR C 328 -1.64 10.04 15.73
C TYR C 328 -1.24 11.08 16.76
N HIS C 329 -1.66 12.32 16.50
CA HIS C 329 -1.40 13.44 17.37
C HIS C 329 -2.31 13.31 18.58
N GLN C 330 -1.73 13.38 19.77
CA GLN C 330 -2.46 13.25 21.01
C GLN C 330 -2.78 14.62 21.64
N GLU C 331 -4.06 14.89 21.88
CA GLU C 331 -4.45 16.16 22.47
C GLU C 331 -3.68 16.50 23.73
N PRO C 332 -3.25 17.77 23.85
CA PRO C 332 -2.50 18.15 25.05
C PRO C 332 -3.37 18.14 26.32
N PRO C 333 -2.74 18.11 27.51
CA PRO C 333 -3.41 18.09 28.80
C PRO C 333 -4.53 19.11 29.00
N GLY C 334 -4.49 20.21 28.26
CA GLY C 334 -5.52 21.22 28.41
C GLY C 334 -5.17 22.17 29.55
N LYS C 335 -4.58 21.62 30.61
CA LYS C 335 -4.16 22.41 31.74
C LYS C 335 -2.93 23.22 31.33
N GLU C 336 -2.61 23.18 30.03
CA GLU C 336 -1.47 23.91 29.48
C GLU C 336 -1.92 25.32 29.11
N ASN C 346 -0.90 33.45 12.39
CA ASN C 346 -1.63 33.60 11.14
C ASN C 346 -0.67 33.53 9.96
N ILE C 347 0.07 34.61 9.77
CA ILE C 347 1.02 34.69 8.69
C ILE C 347 2.41 34.12 9.04
N THR C 348 2.91 33.22 8.17
CA THR C 348 4.22 32.58 8.36
C THR C 348 5.22 32.99 7.27
N VAL C 349 4.86 34.02 6.51
CA VAL C 349 5.74 34.53 5.46
C VAL C 349 6.85 35.40 6.05
N GLN C 350 6.51 36.31 6.96
CA GLN C 350 7.50 37.18 7.57
C GLN C 350 8.63 36.37 8.22
N LEU C 351 8.27 35.27 8.87
CA LEU C 351 9.24 34.44 9.57
C LEU C 351 10.39 33.90 8.71
N LEU C 352 10.09 33.46 7.49
CA LEU C 352 11.12 32.92 6.60
C LEU C 352 11.80 33.94 5.69
N GLN C 353 11.36 35.19 5.76
CA GLN C 353 11.90 36.26 4.93
C GLN C 353 13.43 36.34 4.94
N GLN C 354 14.03 36.34 6.11
CA GLN C 354 15.48 36.43 6.20
C GLN C 354 16.23 35.25 5.60
N LYS C 355 15.75 34.03 5.85
CA LYS C 355 16.45 32.84 5.41
C LYS C 355 15.92 31.95 4.28
N VAL C 356 14.71 32.21 3.79
CA VAL C 356 14.15 31.39 2.72
C VAL C 356 13.77 32.28 1.54
N PRO C 357 14.69 32.44 0.58
CA PRO C 357 14.53 33.25 -0.63
C PRO C 357 13.72 32.67 -1.79
N TYR C 358 13.86 31.37 -2.02
CA TYR C 358 13.20 30.68 -3.12
C TYR C 358 11.75 31.03 -3.48
N PHE C 359 10.86 30.98 -2.52
CA PHE C 359 9.48 31.23 -2.88
C PHE C 359 8.90 32.40 -2.10
N TYR C 360 9.24 32.43 -0.83
CA TYR C 360 8.78 33.44 0.12
C TYR C 360 9.33 34.85 -0.02
N ARG C 361 10.62 34.96 -0.33
CA ARG C 361 11.29 36.26 -0.47
C ARG C 361 10.54 37.29 -1.34
N LYS C 362 10.24 38.46 -0.76
CA LYS C 362 9.56 39.51 -1.51
C LYS C 362 10.50 40.67 -1.82
N LYS C 363 10.35 41.28 -3.00
CA LYS C 363 11.21 42.39 -3.38
C LYS C 363 10.92 43.62 -2.54
N GLU C 364 11.94 44.43 -2.31
CA GLU C 364 11.74 45.64 -1.54
C GLU C 364 12.50 46.80 -2.15
N LYS C 365 11.97 47.99 -1.94
CA LYS C 365 12.55 49.21 -2.48
C LYS C 365 13.78 49.69 -1.71
N ILE C 366 14.75 50.24 -2.44
CA ILE C 366 15.98 50.73 -1.82
C ILE C 366 15.77 51.65 -0.64
N GLU C 367 14.72 52.46 -0.70
CA GLU C 367 14.47 53.37 0.41
C GLU C 367 14.28 52.59 1.70
N SER C 368 13.89 51.33 1.59
CA SER C 368 13.69 50.51 2.77
C SER C 368 14.30 49.11 2.63
N ALA C 369 15.08 48.91 1.58
CA ALA C 369 15.72 47.62 1.35
C ALA C 369 16.86 47.43 2.35
N THR C 370 17.05 46.20 2.76
CA THR C 370 18.09 45.87 3.72
C THR C 370 18.68 44.50 3.36
N LEU C 371 19.97 44.30 3.66
CA LEU C 371 20.63 43.03 3.36
C LEU C 371 19.92 41.89 4.07
N LYS C 372 19.77 40.76 3.38
CA LYS C 372 19.13 39.58 3.95
C LYS C 372 20.18 38.60 4.48
N ARG C 373 19.79 37.79 5.47
CA ARG C 373 20.69 36.80 6.05
C ARG C 373 21.17 35.88 4.92
N VAL C 374 20.24 35.44 4.09
CA VAL C 374 20.54 34.60 2.94
C VAL C 374 20.09 35.42 1.74
N PRO C 375 21.00 35.72 0.82
CA PRO C 375 20.68 36.51 -0.37
C PRO C 375 19.87 35.74 -1.41
N LEU C 376 19.06 36.47 -2.17
CA LEU C 376 18.22 35.87 -3.20
C LEU C 376 19.12 35.33 -4.33
N VAL C 377 19.99 36.21 -4.82
CA VAL C 377 20.90 35.88 -5.93
C VAL C 377 22.39 35.87 -5.57
N SER C 378 23.14 34.94 -6.15
CA SER C 378 24.59 34.86 -5.95
C SER C 378 25.18 34.90 -7.35
N ILE C 379 26.22 35.70 -7.54
CA ILE C 379 26.88 35.79 -8.84
C ILE C 379 28.28 35.26 -8.66
N TYR C 380 28.62 34.16 -9.34
CA TYR C 380 29.96 33.62 -9.19
C TYR C 380 30.88 34.10 -10.29
N ILE C 381 32.15 34.33 -9.93
CA ILE C 381 33.14 34.81 -10.86
C ILE C 381 34.47 34.07 -10.74
N PRO C 382 34.84 33.32 -11.77
CA PRO C 382 36.10 32.57 -11.79
C PRO C 382 37.15 33.55 -12.36
N ALA C 383 37.93 34.14 -11.47
CA ALA C 383 38.92 35.15 -11.86
C ALA C 383 40.39 34.72 -11.93
N TYR C 384 40.99 34.91 -13.10
CA TYR C 384 42.39 34.59 -13.32
C TYR C 384 43.03 35.70 -14.16
N ASN C 385 43.86 36.54 -13.54
CA ASN C 385 44.53 37.65 -14.23
C ASN C 385 43.54 38.55 -14.96
N CYS C 386 42.72 39.25 -14.18
CA CYS C 386 41.70 40.13 -14.73
C CYS C 386 41.76 41.52 -14.11
N SER C 387 42.94 41.89 -13.62
CA SER C 387 43.17 43.18 -12.97
C SER C 387 42.46 44.40 -13.57
N LYS C 388 42.65 44.65 -14.86
CA LYS C 388 42.03 45.82 -15.49
C LYS C 388 40.56 45.59 -15.80
N TYR C 389 40.03 44.46 -15.36
CA TYR C 389 38.64 44.10 -15.63
C TYR C 389 37.78 43.83 -14.41
N ILE C 390 38.39 43.20 -13.41
CA ILE C 390 37.68 42.80 -12.20
C ILE C 390 36.76 43.81 -11.55
N VAL C 391 37.23 45.03 -11.33
CA VAL C 391 36.40 46.04 -10.70
C VAL C 391 35.17 46.37 -11.51
N ARG C 392 35.35 46.62 -12.81
CA ARG C 392 34.20 46.93 -13.67
C ARG C 392 33.28 45.72 -13.75
N CYS C 393 33.85 44.57 -13.47
CA CYS C 393 33.12 43.31 -13.49
C CYS C 393 32.18 43.20 -12.30
N VAL C 394 32.76 43.24 -11.11
CA VAL C 394 32.01 43.14 -9.87
C VAL C 394 30.96 44.24 -9.75
N GLU C 395 31.37 45.47 -10.02
CA GLU C 395 30.46 46.61 -9.95
C GLU C 395 29.31 46.38 -10.90
N SER C 396 29.60 45.71 -12.00
CA SER C 396 28.58 45.39 -12.98
C SER C 396 27.52 44.51 -12.29
N ALA C 397 27.98 43.69 -11.35
CA ALA C 397 27.08 42.82 -10.62
C ALA C 397 26.41 43.61 -9.50
N LEU C 398 27.21 44.38 -8.76
CA LEU C 398 26.69 45.18 -7.66
C LEU C 398 25.67 46.23 -8.10
N ASN C 399 25.89 46.84 -9.25
CA ASN C 399 24.95 47.86 -9.72
C ASN C 399 23.82 47.25 -10.51
N GLN C 400 22.98 46.48 -9.83
CA GLN C 400 21.84 45.85 -10.49
C GLN C 400 20.49 46.37 -10.01
N THR C 401 19.48 46.24 -10.86
CA THR C 401 18.15 46.65 -10.47
C THR C 401 17.74 45.77 -9.29
N ILE C 402 18.24 44.54 -9.27
CA ILE C 402 17.94 43.63 -8.17
C ILE C 402 19.05 43.80 -7.13
N THR C 403 18.66 44.11 -5.90
CA THR C 403 19.59 44.38 -4.81
C THR C 403 19.82 43.24 -3.80
N ASP C 404 18.94 42.27 -3.75
CA ASP C 404 19.08 41.13 -2.86
C ASP C 404 20.05 40.25 -3.62
N LEU C 405 21.34 40.60 -3.55
CA LEU C 405 22.35 39.86 -4.30
C LEU C 405 23.75 39.96 -3.70
N GLU C 406 24.58 38.97 -4.01
CA GLU C 406 25.95 38.95 -3.51
C GLU C 406 26.85 38.51 -4.65
N VAL C 407 28.16 38.72 -4.50
CA VAL C 407 29.14 38.33 -5.50
C VAL C 407 30.18 37.41 -4.87
N CYS C 408 30.40 36.26 -5.47
CA CYS C 408 31.37 35.29 -4.94
C CYS C 408 32.46 35.05 -5.95
N ILE C 409 33.66 35.47 -5.60
CA ILE C 409 34.79 35.34 -6.51
C ILE C 409 35.91 34.43 -6.03
N CYS C 410 36.39 33.59 -6.94
CA CYS C 410 37.50 32.72 -6.63
C CYS C 410 38.67 33.21 -7.46
N ASP C 411 39.81 33.45 -6.82
CA ASP C 411 41.00 33.88 -7.55
C ASP C 411 41.80 32.62 -7.84
N ASP C 412 41.80 32.18 -9.09
CA ASP C 412 42.49 30.97 -9.46
C ASP C 412 44.02 31.12 -9.49
N GLY C 413 44.60 31.52 -8.36
CA GLY C 413 46.03 31.70 -8.29
C GLY C 413 46.53 32.68 -9.33
N SER C 414 45.88 33.83 -9.46
CA SER C 414 46.31 34.83 -10.44
C SER C 414 47.78 35.17 -10.22
N THR C 415 48.43 35.61 -11.30
CA THR C 415 49.84 35.99 -11.24
C THR C 415 49.95 37.51 -11.17
N ASP C 416 48.98 38.20 -11.77
CA ASP C 416 49.00 39.65 -11.72
C ASP C 416 48.49 40.02 -10.33
N ASP C 417 48.08 41.26 -10.16
CA ASP C 417 47.59 41.68 -8.84
C ASP C 417 46.07 41.76 -8.78
N THR C 418 45.41 40.68 -9.18
CA THR C 418 43.96 40.60 -9.13
C THR C 418 43.56 40.56 -7.66
N LEU C 419 44.23 39.69 -6.92
CA LEU C 419 43.96 39.51 -5.51
C LEU C 419 44.07 40.82 -4.75
N ARG C 420 45.20 41.49 -4.90
CA ARG C 420 45.44 42.77 -4.23
C ARG C 420 44.30 43.74 -4.54
N ILE C 421 43.92 43.83 -5.80
CA ILE C 421 42.83 44.71 -6.22
C ILE C 421 41.58 44.34 -5.45
N LEU C 422 41.29 43.04 -5.39
CA LEU C 422 40.12 42.53 -4.69
C LEU C 422 40.16 42.91 -3.20
N GLN C 423 41.34 42.89 -2.61
CA GLN C 423 41.50 43.22 -1.20
C GLN C 423 41.26 44.69 -0.92
N GLU C 424 41.99 45.56 -1.62
CA GLU C 424 41.82 46.99 -1.42
C GLU C 424 40.41 47.45 -1.83
N HIS C 425 39.64 46.54 -2.44
CA HIS C 425 38.30 46.88 -2.89
C HIS C 425 37.12 46.20 -2.18
N TYR C 426 37.25 44.92 -1.87
CA TYR C 426 36.14 44.15 -1.29
C TYR C 426 36.34 43.41 0.04
N ALA C 427 37.58 43.30 0.49
CA ALA C 427 37.88 42.61 1.73
C ALA C 427 36.81 42.83 2.81
N ASN C 428 36.33 44.06 2.93
CA ASN C 428 35.32 44.34 3.93
C ASN C 428 33.95 44.71 3.39
N HIS C 429 33.75 44.49 2.08
CA HIS C 429 32.47 44.78 1.43
C HIS C 429 31.46 43.72 1.87
N PRO C 430 30.27 44.16 2.28
CA PRO C 430 29.24 43.21 2.73
C PRO C 430 28.56 42.35 1.66
N ARG C 431 28.65 42.73 0.39
CA ARG C 431 28.01 41.93 -0.65
C ARG C 431 29.02 41.24 -1.56
N VAL C 432 30.29 41.25 -1.15
CA VAL C 432 31.34 40.62 -1.93
C VAL C 432 32.28 39.78 -1.07
N ARG C 433 32.38 38.49 -1.43
CA ARG C 433 33.25 37.55 -0.76
C ARG C 433 34.12 36.92 -1.83
N PHE C 434 35.40 36.73 -1.52
CA PHE C 434 36.34 36.13 -2.47
C PHE C 434 37.31 35.21 -1.76
N ILE C 435 37.89 34.28 -2.51
CA ILE C 435 38.85 33.36 -1.93
C ILE C 435 39.97 33.10 -2.91
N SER C 436 41.08 32.58 -2.41
CA SER C 436 42.21 32.31 -3.27
C SER C 436 42.64 30.85 -3.20
N GLN C 437 43.27 30.39 -4.27
CA GLN C 437 43.76 29.03 -4.38
C GLN C 437 44.82 29.02 -5.47
N LYS C 438 45.54 27.92 -5.61
CA LYS C 438 46.55 27.85 -6.64
C LYS C 438 45.78 27.63 -7.96
N ASN C 439 46.29 28.19 -9.05
CA ASN C 439 45.64 28.04 -10.34
C ASN C 439 45.28 26.59 -10.61
N LYS C 440 44.05 26.34 -11.05
CA LYS C 440 43.65 24.98 -11.35
C LYS C 440 42.66 24.91 -12.52
N GLY C 441 42.29 26.06 -13.06
CA GLY C 441 41.37 26.05 -14.19
C GLY C 441 40.01 26.65 -13.98
N ILE C 442 39.40 27.09 -15.09
CA ILE C 442 38.09 27.70 -15.06
C ILE C 442 37.07 26.71 -14.49
N GLY C 443 37.28 25.43 -14.74
CA GLY C 443 36.38 24.42 -14.22
C GLY C 443 36.43 24.34 -12.70
N SER C 444 37.63 24.25 -12.15
CA SER C 444 37.80 24.18 -10.71
C SER C 444 37.47 25.52 -10.08
N ALA C 445 38.04 26.59 -10.62
CA ALA C 445 37.77 27.91 -10.08
C ALA C 445 36.27 28.11 -9.98
N SER C 446 35.51 27.53 -10.91
CA SER C 446 34.06 27.64 -10.90
C SER C 446 33.45 26.88 -9.74
N ASN C 447 33.92 25.66 -9.50
CA ASN C 447 33.36 24.90 -8.38
C ASN C 447 33.62 25.61 -7.07
N THR C 448 34.79 26.23 -6.96
CA THR C 448 35.12 26.93 -5.75
C THR C 448 34.27 28.18 -5.60
N ALA C 449 34.07 28.90 -6.70
CA ALA C 449 33.26 30.11 -6.62
C ALA C 449 31.84 29.78 -6.22
N VAL C 450 31.25 28.78 -6.86
CA VAL C 450 29.87 28.38 -6.57
C VAL C 450 29.65 27.79 -5.18
N ARG C 451 30.61 27.02 -4.68
CA ARG C 451 30.45 26.45 -3.34
C ARG C 451 30.41 27.60 -2.35
N LEU C 452 31.05 28.71 -2.71
CA LEU C 452 31.10 29.88 -1.86
C LEU C 452 29.72 30.56 -1.79
N CYS C 453 28.98 30.52 -2.89
CA CYS C 453 27.65 31.13 -2.98
C CYS C 453 26.65 30.66 -1.94
N ARG C 454 25.83 31.57 -1.44
CA ARG C 454 24.83 31.22 -0.45
C ARG C 454 23.40 31.45 -0.91
N GLY C 455 23.23 32.03 -2.10
CA GLY C 455 21.89 32.31 -2.60
C GLY C 455 21.23 31.14 -3.29
N PHE C 456 20.05 31.36 -3.86
CA PHE C 456 19.32 30.30 -4.55
C PHE C 456 19.43 30.44 -6.04
N TYR C 457 19.33 31.67 -6.52
CA TYR C 457 19.47 31.93 -7.93
C TYR C 457 20.92 32.30 -8.16
N ILE C 458 21.57 31.52 -9.02
CA ILE C 458 22.98 31.72 -9.31
C ILE C 458 23.22 32.17 -10.74
N GLY C 459 23.98 33.25 -10.89
CA GLY C 459 24.30 33.79 -12.20
C GLY C 459 25.78 33.72 -12.49
N GLN C 460 26.14 33.53 -13.76
CA GLN C 460 27.53 33.42 -14.15
C GLN C 460 28.08 34.72 -14.72
N LEU C 461 29.34 35.01 -14.39
CA LEU C 461 30.00 36.22 -14.85
C LEU C 461 31.52 36.05 -14.89
N ASP C 462 32.08 35.88 -16.08
CA ASP C 462 33.52 35.73 -16.19
C ASP C 462 34.19 37.07 -15.83
N SER C 463 35.32 36.97 -15.14
CA SER C 463 36.08 38.12 -14.66
C SER C 463 36.39 39.25 -15.62
N ASP C 464 36.31 38.98 -16.92
CA ASP C 464 36.63 40.00 -17.92
C ASP C 464 35.43 40.59 -18.72
N ASP C 465 34.21 40.20 -18.34
CA ASP C 465 33.02 40.72 -19.03
C ASP C 465 32.21 41.56 -18.03
N PHE C 466 31.08 42.10 -18.47
CA PHE C 466 30.21 42.88 -17.58
C PHE C 466 28.73 42.87 -18.00
N LEU C 467 27.84 42.90 -17.00
CA LEU C 467 26.39 42.86 -17.19
C LEU C 467 25.68 44.21 -17.31
N GLU C 468 24.53 44.19 -17.99
CA GLU C 468 23.67 45.37 -18.13
C GLU C 468 22.94 45.38 -16.77
N PRO C 469 22.63 46.56 -16.23
CA PRO C 469 21.95 46.67 -14.92
C PRO C 469 20.64 45.92 -14.61
N ASP C 470 19.93 45.46 -15.63
CA ASP C 470 18.67 44.73 -15.46
C ASP C 470 18.78 43.24 -15.80
N ALA C 471 20.01 42.78 -16.02
CA ALA C 471 20.28 41.38 -16.36
C ALA C 471 19.63 40.43 -15.39
N VAL C 472 19.94 40.60 -14.10
CA VAL C 472 19.41 39.71 -13.08
C VAL C 472 17.90 39.73 -12.97
N GLU C 473 17.30 40.91 -13.00
CA GLU C 473 15.85 41.05 -12.91
C GLU C 473 15.15 40.31 -14.05
N LEU C 474 15.61 40.57 -15.26
CA LEU C 474 15.02 39.95 -16.42
C LEU C 474 14.97 38.42 -16.26
N CYS C 475 15.99 37.86 -15.61
CA CYS C 475 16.05 36.43 -15.40
C CYS C 475 15.13 35.98 -14.28
N LEU C 476 15.11 36.73 -13.19
CA LEU C 476 14.26 36.39 -12.07
C LEU C 476 12.81 36.33 -12.53
N ASP C 477 12.39 37.34 -13.29
CA ASP C 477 11.02 37.37 -13.79
C ASP C 477 10.62 36.01 -14.35
N GLU C 478 11.47 35.45 -15.22
CA GLU C 478 11.19 34.15 -15.81
C GLU C 478 11.14 33.07 -14.75
N PHE C 479 12.14 33.04 -13.88
CA PHE C 479 12.17 32.05 -12.83
C PHE C 479 10.90 32.10 -12.00
N ARG C 480 10.33 33.30 -11.88
CA ARG C 480 9.08 33.47 -11.12
C ARG C 480 7.91 32.89 -11.87
N LYS C 481 7.93 33.03 -13.20
CA LYS C 481 6.85 32.54 -14.04
C LYS C 481 6.83 31.03 -14.23
N ASP C 482 7.80 30.33 -13.66
CA ASP C 482 7.84 28.90 -13.87
C ASP C 482 8.81 28.23 -12.92
N LEU C 483 8.30 27.78 -11.77
CA LEU C 483 9.16 27.14 -10.78
C LEU C 483 9.82 25.86 -11.24
N SER C 484 9.57 25.43 -12.47
CA SER C 484 10.20 24.21 -12.99
C SER C 484 11.59 24.53 -13.49
N LEU C 485 11.72 25.71 -14.07
CA LEU C 485 12.97 26.20 -14.64
C LEU C 485 14.24 25.88 -13.86
N ALA C 486 15.27 25.43 -14.59
CA ALA C 486 16.54 25.09 -13.98
C ALA C 486 17.49 26.19 -14.37
N CYS C 487 17.27 26.72 -15.57
CA CYS C 487 18.14 27.75 -16.12
C CYS C 487 17.46 28.74 -17.05
N VAL C 488 17.84 30.01 -16.94
CA VAL C 488 17.31 31.03 -17.86
C VAL C 488 18.56 31.82 -18.29
N TYR C 489 18.71 32.01 -19.60
CA TYR C 489 19.87 32.71 -20.13
C TYR C 489 19.45 33.70 -21.21
N THR C 490 20.28 34.72 -21.43
CA THR C 490 19.97 35.74 -22.41
C THR C 490 20.97 35.62 -23.56
N THR C 491 21.12 36.67 -24.34
CA THR C 491 22.12 36.66 -25.40
C THR C 491 23.10 37.76 -25.00
N ASN C 492 23.91 38.23 -25.92
CA ASN C 492 24.89 39.24 -25.54
C ASN C 492 25.39 40.06 -26.70
N ARG C 493 26.45 40.84 -26.43
CA ARG C 493 27.05 41.66 -27.46
C ARG C 493 28.55 41.45 -27.34
N ASN C 494 29.22 41.35 -28.49
CA ASN C 494 30.67 41.17 -28.49
C ASN C 494 31.32 42.52 -28.25
N ILE C 495 32.26 42.54 -27.30
CA ILE C 495 32.92 43.77 -26.94
C ILE C 495 34.43 43.74 -27.07
N ASP C 496 34.97 44.90 -27.35
CA ASP C 496 36.38 45.15 -27.54
C ASP C 496 37.09 45.17 -26.18
N ARG C 497 38.37 44.79 -26.17
CA ARG C 497 39.14 44.80 -24.93
C ARG C 497 39.26 46.24 -24.42
N GLU C 498 38.86 47.17 -25.28
CA GLU C 498 38.88 48.59 -24.97
C GLU C 498 37.45 48.97 -24.56
N GLY C 499 36.52 48.05 -24.82
CA GLY C 499 35.12 48.27 -24.48
C GLY C 499 34.27 48.65 -25.68
N ASN C 500 34.93 48.76 -26.83
CA ASN C 500 34.27 49.13 -28.09
C ASN C 500 33.33 48.03 -28.58
N LEU C 501 32.24 48.42 -29.25
CA LEU C 501 31.30 47.44 -29.77
C LEU C 501 31.86 46.75 -31.02
N ILE C 502 31.91 45.42 -31.00
CA ILE C 502 32.41 44.68 -32.15
C ILE C 502 31.23 44.23 -32.99
N SER C 503 30.29 43.51 -32.36
CA SER C 503 29.11 43.02 -33.04
C SER C 503 28.19 42.37 -32.02
N ASN C 504 26.94 42.13 -32.42
CA ASN C 504 26.01 41.47 -31.51
C ASN C 504 26.51 40.06 -31.34
N GLY C 505 26.11 39.41 -30.27
CA GLY C 505 26.56 38.06 -30.05
C GLY C 505 25.62 37.07 -30.69
N TYR C 506 26.13 35.87 -30.90
CA TYR C 506 25.36 34.78 -31.49
C TYR C 506 24.09 34.60 -30.68
N ASN C 507 22.95 34.47 -31.37
CA ASN C 507 21.70 34.30 -30.65
C ASN C 507 20.74 33.37 -31.36
N TRP C 508 20.39 32.29 -30.68
CA TRP C 508 19.47 31.29 -31.19
C TRP C 508 18.21 31.54 -30.36
N PRO C 509 17.18 32.12 -30.99
CA PRO C 509 15.86 32.50 -30.48
C PRO C 509 15.06 31.57 -29.57
N ILE C 510 14.87 30.32 -29.99
CA ILE C 510 14.06 29.38 -29.20
C ILE C 510 14.89 28.24 -28.66
N TYR C 511 14.69 27.92 -27.38
CA TYR C 511 15.45 26.85 -26.79
C TYR C 511 14.85 25.47 -26.99
N SER C 512 15.73 24.48 -26.97
CA SER C 512 15.38 23.07 -27.10
C SER C 512 16.62 22.28 -26.65
N ARG C 513 16.40 21.09 -26.11
CA ARG C 513 17.52 20.26 -25.67
C ARG C 513 18.29 19.70 -26.87
N GLU C 514 17.53 19.25 -27.88
CA GLU C 514 18.11 18.67 -29.09
C GLU C 514 19.13 19.61 -29.73
N LYS C 515 18.74 20.88 -29.90
CA LYS C 515 19.64 21.87 -30.46
C LYS C 515 20.89 22.04 -29.61
N LEU C 516 20.70 22.10 -28.29
CA LEU C 516 21.82 22.26 -27.37
C LEU C 516 22.79 21.11 -27.44
N THR C 517 22.29 19.88 -27.55
CA THR C 517 23.22 18.76 -27.62
C THR C 517 23.82 18.76 -29.02
N SER C 518 23.40 19.71 -29.86
CA SER C 518 23.93 19.79 -31.22
C SER C 518 24.96 20.92 -31.36
N ALA C 519 24.85 21.92 -30.50
CA ALA C 519 25.76 23.06 -30.50
C ALA C 519 25.48 23.88 -29.25
N MET C 520 26.47 24.66 -28.83
CA MET C 520 26.34 25.49 -27.64
C MET C 520 25.46 26.71 -27.88
N ILE C 521 24.20 26.65 -27.49
CA ILE C 521 23.30 27.77 -27.71
C ILE C 521 22.93 28.47 -26.40
N CYS C 522 23.50 28.01 -25.31
CA CYS C 522 23.21 28.59 -24.01
C CYS C 522 24.05 29.84 -23.75
N HIS C 523 23.87 30.84 -24.58
CA HIS C 523 24.59 32.10 -24.52
C HIS C 523 24.73 32.78 -23.16
N HIS C 524 25.81 33.56 -22.99
CA HIS C 524 25.92 34.35 -21.76
C HIS C 524 24.87 35.34 -21.57
N PHE C 525 24.17 35.53 -20.50
CA PHE C 525 24.35 35.47 -19.12
C PHE C 525 23.53 34.34 -18.77
N ARG C 526 23.97 33.40 -18.00
CA ARG C 526 23.17 32.27 -17.66
C ARG C 526 22.94 32.41 -16.16
N MET C 527 21.76 32.00 -15.73
CA MET C 527 21.41 32.01 -14.33
C MET C 527 20.77 30.65 -14.17
N PHE C 528 21.22 29.92 -13.17
CA PHE C 528 20.67 28.60 -12.92
C PHE C 528 20.35 28.43 -11.45
N THR C 529 19.35 27.60 -11.19
CA THR C 529 18.91 27.29 -9.84
C THR C 529 20.04 26.58 -9.10
N ALA C 530 20.14 26.83 -7.80
CA ALA C 530 21.17 26.18 -7.01
C ALA C 530 20.87 24.69 -6.92
N ARG C 531 19.61 24.36 -6.71
CA ARG C 531 19.17 22.97 -6.62
C ARG C 531 19.55 22.25 -7.91
N ALA C 532 19.28 22.87 -9.05
CA ALA C 532 19.61 22.25 -10.31
C ALA C 532 21.11 22.00 -10.35
N TRP C 533 21.91 23.03 -10.09
CA TRP C 533 23.34 22.84 -10.07
C TRP C 533 23.69 21.67 -9.16
N ASN C 534 22.97 21.56 -8.06
CA ASN C 534 23.19 20.49 -7.09
C ASN C 534 22.68 19.13 -7.55
N LEU C 535 22.00 19.09 -8.67
CA LEU C 535 21.50 17.84 -9.21
C LEU C 535 22.47 17.36 -10.28
N THR C 536 23.51 18.14 -10.56
CA THR C 536 24.50 17.72 -11.55
C THR C 536 25.78 17.38 -10.82
N GLU C 537 26.82 17.07 -11.58
CA GLU C 537 28.10 16.72 -11.00
C GLU C 537 29.04 17.93 -10.89
N GLY C 538 28.53 19.12 -11.19
CA GLY C 538 29.35 20.31 -11.09
C GLY C 538 30.26 20.52 -12.28
N PHE C 539 31.09 21.55 -12.22
CA PHE C 539 31.99 21.88 -13.32
C PHE C 539 33.05 20.82 -13.57
N ASN C 540 33.48 20.76 -14.81
CA ASN C 540 34.51 19.82 -15.21
C ASN C 540 35.87 20.43 -14.84
N GLU C 541 36.59 19.80 -13.91
CA GLU C 541 37.89 20.35 -13.49
C GLU C 541 39.07 19.75 -14.24
N SER C 542 38.78 18.96 -15.28
CA SER C 542 39.84 18.30 -16.04
C SER C 542 40.04 18.79 -17.46
N ILE C 543 39.04 19.41 -18.06
CA ILE C 543 39.21 19.91 -19.43
C ILE C 543 39.53 21.40 -19.42
N SER C 544 40.38 21.81 -20.36
CA SER C 544 40.84 23.20 -20.49
C SER C 544 39.81 24.24 -20.89
N ASN C 545 38.96 23.89 -21.83
CA ASN C 545 37.90 24.78 -22.28
C ASN C 545 36.67 23.95 -22.60
N ALA C 546 35.57 24.63 -22.89
CA ALA C 546 34.27 24.00 -23.17
C ALA C 546 33.65 23.69 -21.80
N VAL C 547 34.22 24.27 -20.76
CA VAL C 547 33.75 24.07 -19.38
C VAL C 547 32.32 24.58 -19.23
N ASP C 548 31.96 25.57 -20.02
CA ASP C 548 30.61 26.11 -19.96
C ASP C 548 29.63 25.22 -20.72
N TYR C 549 29.99 24.78 -21.91
CA TYR C 549 29.10 23.92 -22.70
C TYR C 549 28.79 22.65 -21.90
N ASP C 550 29.77 22.21 -21.11
CA ASP C 550 29.58 21.01 -20.30
C ASP C 550 28.57 21.24 -19.18
N MET C 551 28.85 22.26 -18.38
CA MET C 551 28.00 22.64 -17.25
C MET C 551 26.52 22.76 -17.61
N TYR C 552 26.26 23.45 -18.72
CA TYR C 552 24.91 23.67 -19.19
C TYR C 552 24.30 22.42 -19.81
N LEU C 553 25.16 21.58 -20.35
CA LEU C 553 24.71 20.33 -20.93
C LEU C 553 24.20 19.49 -19.76
N LYS C 554 24.93 19.54 -18.65
CA LYS C 554 24.54 18.78 -17.47
C LYS C 554 23.24 19.33 -16.90
N LEU C 555 23.15 20.65 -16.78
CA LEU C 555 21.94 21.25 -16.25
C LEU C 555 20.75 20.95 -17.17
N SER C 556 21.00 20.90 -18.48
CA SER C 556 19.94 20.63 -19.46
C SER C 556 19.28 19.27 -19.32
N GLU C 557 19.90 18.38 -18.56
CA GLU C 557 19.38 17.04 -18.37
C GLU C 557 18.52 17.01 -17.14
N VAL C 558 18.66 18.05 -16.32
CA VAL C 558 17.95 18.13 -15.06
C VAL C 558 16.69 19.00 -14.98
N GLY C 559 16.55 19.97 -15.87
CA GLY C 559 15.36 20.79 -15.83
C GLY C 559 15.17 21.60 -17.08
N PRO C 560 13.97 22.14 -17.31
CA PRO C 560 13.71 22.94 -18.52
C PRO C 560 14.48 24.27 -18.53
N PHE C 561 14.76 24.81 -19.71
CA PHE C 561 15.46 26.08 -19.82
C PHE C 561 14.57 27.12 -20.42
N LYS C 562 14.91 28.39 -20.17
CA LYS C 562 14.17 29.51 -20.70
C LYS C 562 15.17 30.54 -21.24
N HIS C 563 14.97 30.96 -22.49
CA HIS C 563 15.86 31.95 -23.11
C HIS C 563 15.12 33.25 -23.38
N ILE C 564 15.74 34.35 -22.97
CA ILE C 564 15.18 35.68 -23.16
C ILE C 564 15.97 36.29 -24.29
N ASN C 565 15.27 36.80 -25.30
CA ASN C 565 15.93 37.43 -26.45
C ASN C 565 16.28 38.91 -26.20
N LYS C 566 17.04 39.16 -25.14
CA LYS C 566 17.48 40.49 -24.77
C LYS C 566 18.99 40.44 -24.67
N ILE C 567 19.65 41.58 -24.85
CA ILE C 567 21.09 41.64 -24.75
C ILE C 567 21.43 42.27 -23.41
N CYS C 568 21.77 41.43 -22.45
CA CYS C 568 22.10 41.87 -21.10
C CYS C 568 23.54 41.58 -20.70
N TYR C 569 24.36 41.11 -21.64
CA TYR C 569 25.75 40.78 -21.34
C TYR C 569 26.70 41.47 -22.31
N ASN C 570 27.96 41.52 -21.90
CA ASN C 570 29.04 42.15 -22.66
C ASN C 570 30.29 41.28 -22.49
N ARG C 571 30.64 40.49 -23.52
CA ARG C 571 31.83 39.65 -23.44
C ARG C 571 32.99 40.23 -24.23
N VAL C 572 34.19 40.22 -23.65
CA VAL C 572 35.38 40.73 -24.35
C VAL C 572 35.86 39.68 -25.34
N LEU C 573 36.13 40.10 -26.57
CA LEU C 573 36.58 39.13 -27.55
C LEU C 573 38.07 38.88 -27.67
N HIS C 574 38.73 38.80 -26.53
CA HIS C 574 40.16 38.46 -26.49
C HIS C 574 40.12 36.97 -26.89
N GLY C 575 38.90 36.43 -26.78
CA GLY C 575 38.61 35.03 -27.07
C GLY C 575 38.62 34.80 -28.57
N GLU C 576 39.26 35.73 -29.29
CA GLU C 576 39.41 35.60 -30.72
C GLU C 576 40.61 36.49 -31.06
N ASN C 577 41.80 35.84 -31.13
CA ASN C 577 43.06 36.55 -31.44
C ASN C 577 44.24 35.66 -31.88
N THR C 578 45.01 35.14 -30.91
CA THR C 578 46.13 34.27 -31.32
C THR C 578 46.22 32.93 -30.57
N SER C 579 45.25 32.06 -30.83
CA SER C 579 45.22 30.75 -30.21
C SER C 579 46.02 29.95 -31.24
N ILE C 580 47.31 29.79 -31.02
CA ILE C 580 48.11 29.07 -31.98
C ILE C 580 47.69 27.61 -32.06
N LYS C 581 47.40 27.19 -33.29
CA LYS C 581 46.95 25.85 -33.69
C LYS C 581 46.82 24.72 -32.67
N LYS C 582 47.91 24.36 -31.97
CA LYS C 582 47.88 23.28 -30.98
C LYS C 582 46.67 23.37 -30.05
N LEU C 583 46.21 24.59 -29.81
CA LEU C 583 45.06 24.83 -28.97
C LEU C 583 43.76 24.71 -29.74
N ASP C 584 43.81 24.94 -31.05
CA ASP C 584 42.63 24.85 -31.89
C ASP C 584 42.07 23.43 -32.00
N ILE C 585 42.97 22.45 -32.01
CA ILE C 585 42.58 21.05 -32.10
C ILE C 585 41.88 20.65 -30.81
N GLN C 586 42.39 21.12 -29.67
CA GLN C 586 41.81 20.75 -28.38
C GLN C 586 40.35 21.25 -28.30
N LYS C 587 40.13 22.50 -28.67
CA LYS C 587 38.81 23.09 -28.63
C LYS C 587 37.82 22.15 -29.29
N GLU C 588 38.11 21.82 -30.54
CA GLU C 588 37.28 20.90 -31.32
C GLU C 588 37.08 19.61 -30.50
N ASN C 589 38.17 19.13 -29.91
CA ASN C 589 38.16 17.92 -29.11
C ASN C 589 37.19 18.01 -27.92
N HIS C 590 37.44 18.98 -27.04
CA HIS C 590 36.61 19.20 -25.86
C HIS C 590 35.15 19.32 -26.22
N PHE C 591 34.88 20.16 -27.21
CA PHE C 591 33.53 20.40 -27.70
C PHE C 591 32.81 19.07 -27.91
N LYS C 592 33.38 18.22 -28.76
CA LYS C 592 32.78 16.90 -29.00
C LYS C 592 32.76 16.05 -27.71
N VAL C 593 33.86 16.06 -26.96
CA VAL C 593 33.95 15.27 -25.73
C VAL C 593 32.79 15.60 -24.81
N VAL C 594 32.68 16.87 -24.46
CA VAL C 594 31.64 17.39 -23.58
C VAL C 594 30.27 16.87 -24.04
N ASN C 595 30.04 16.91 -25.33
CA ASN C 595 28.78 16.45 -25.90
C ASN C 595 28.57 14.95 -25.65
N GLU C 596 29.64 14.18 -25.78
CA GLU C 596 29.59 12.76 -25.57
C GLU C 596 29.34 12.38 -24.12
N SER C 597 30.03 13.04 -23.19
CA SER C 597 29.85 12.72 -21.76
C SER C 597 28.36 12.80 -21.43
N LEU C 598 27.64 13.51 -22.29
CA LEU C 598 26.20 13.64 -22.17
C LEU C 598 25.71 12.27 -22.74
N SER C 599 26.25 11.22 -22.11
CA SER C 599 25.98 9.81 -22.36
C SER C 599 25.61 9.32 -20.96
N ARG C 600 25.53 10.29 -20.03
CA ARG C 600 25.14 9.97 -18.67
C ARG C 600 23.63 9.82 -18.77
N LEU C 601 23.14 9.99 -19.99
CA LEU C 601 21.74 9.83 -20.33
C LEU C 601 21.54 8.39 -20.77
N GLY C 602 22.62 7.63 -20.73
CA GLY C 602 22.57 6.23 -21.12
C GLY C 602 22.35 6.03 -22.60
N ILE C 603 22.75 6.99 -23.42
CA ILE C 603 22.56 6.84 -24.87
C ILE C 603 23.76 6.13 -25.48
N LYS C 604 23.50 4.92 -25.97
CA LYS C 604 24.55 4.07 -26.54
C LYS C 604 24.52 3.92 -28.06
N LYS C 605 23.32 3.88 -28.64
CA LYS C 605 23.18 3.68 -30.07
C LYS C 605 23.64 4.80 -30.97
N TYR C 606 24.11 5.91 -30.39
CA TYR C 606 24.60 7.02 -31.20
C TYR C 606 25.82 7.72 -30.63
N LYS C 607 26.68 8.21 -31.51
CA LYS C 607 27.86 8.95 -31.11
C LYS C 607 27.95 10.22 -31.93
N TYR C 608 27.86 11.36 -31.27
CA TYR C 608 27.92 12.67 -31.92
C TYR C 608 29.35 12.85 -32.45
N SER C 609 29.52 12.86 -33.77
CA SER C 609 30.86 12.96 -34.38
C SER C 609 31.10 14.13 -35.30
N PRO C 610 32.38 14.53 -35.44
CA PRO C 610 32.76 15.65 -36.31
C PRO C 610 32.46 15.25 -37.76
N LEU C 611 31.99 16.19 -38.56
CA LEU C 611 31.68 15.88 -39.95
C LEU C 611 32.92 16.06 -40.79
N THR C 612 33.93 16.67 -40.20
CA THR C 612 35.17 17.00 -40.89
C THR C 612 36.35 16.82 -39.93
N ASN C 613 37.57 16.96 -40.44
CA ASN C 613 38.76 16.83 -39.60
C ASN C 613 39.45 18.19 -39.34
N LEU C 614 38.92 19.26 -39.92
CA LEU C 614 39.50 20.59 -39.75
C LEU C 614 39.13 21.15 -38.37
N ASN C 615 40.07 21.88 -37.77
CA ASN C 615 39.90 22.44 -36.43
C ASN C 615 38.71 23.34 -36.14
N GLU C 616 38.64 24.49 -36.82
CA GLU C 616 37.55 25.41 -36.58
C GLU C 616 36.17 24.88 -36.96
N CYS C 617 36.12 23.76 -37.66
CA CYS C 617 34.83 23.22 -38.05
C CYS C 617 34.10 22.71 -36.82
N ARG C 618 32.78 22.76 -36.84
CA ARG C 618 32.00 22.27 -35.71
C ARG C 618 30.81 21.47 -36.24
N LYS C 619 30.77 21.28 -37.54
CA LYS C 619 29.70 20.50 -38.11
C LYS C 619 29.85 19.11 -37.48
N TYR C 620 28.76 18.36 -37.46
CA TYR C 620 28.78 17.04 -36.86
C TYR C 620 27.97 16.05 -37.66
N THR C 621 28.11 14.77 -37.31
CA THR C 621 27.34 13.73 -37.96
C THR C 621 26.96 12.78 -36.83
N TRP C 622 25.72 12.29 -36.88
CA TRP C 622 25.22 11.36 -35.87
C TRP C 622 25.53 9.95 -36.34
N GLU C 623 26.63 9.38 -35.84
CA GLU C 623 26.99 8.05 -36.28
C GLU C 623 26.41 6.96 -35.43
N LYS C 624 25.64 6.09 -36.07
CA LYS C 624 25.02 4.95 -35.42
C LYS C 624 26.11 3.94 -35.13
N ILE C 625 26.30 3.60 -33.86
CA ILE C 625 27.31 2.63 -33.46
C ILE C 625 26.69 1.45 -32.71
N ALA D 2 39.24 -30.74 -10.44
CA ALA D 2 40.21 -29.69 -10.02
C ALA D 2 40.04 -29.34 -8.54
N VAL D 3 41.17 -29.30 -7.82
CA VAL D 3 41.16 -28.98 -6.39
C VAL D 3 41.90 -27.67 -6.16
N ILE D 4 41.13 -26.58 -5.96
CA ILE D 4 41.72 -25.27 -5.70
C ILE D 4 41.91 -25.09 -4.20
N ASP D 5 43.12 -25.39 -3.73
CA ASP D 5 43.43 -25.30 -2.31
C ASP D 5 44.03 -23.97 -1.89
N ILE D 6 43.75 -23.58 -0.66
CA ILE D 6 44.28 -22.33 -0.11
C ILE D 6 45.72 -22.69 0.21
N ASP D 7 46.58 -21.67 0.35
CA ASP D 7 47.97 -21.95 0.65
C ASP D 7 48.07 -22.77 1.94
N ALA D 8 49.14 -23.55 2.06
CA ALA D 8 49.36 -24.40 3.22
C ALA D 8 49.11 -23.68 4.54
N ALA D 9 49.87 -22.62 4.77
CA ALA D 9 49.74 -21.84 6.01
C ALA D 9 48.28 -21.65 6.41
N THR D 10 47.49 -21.07 5.53
CA THR D 10 46.08 -20.83 5.82
C THR D 10 45.39 -22.15 6.22
N LYS D 11 45.70 -23.22 5.50
CA LYS D 11 45.15 -24.54 5.78
C LYS D 11 45.47 -24.85 7.24
N ILE D 12 46.75 -24.75 7.59
CA ILE D 12 47.23 -25.03 8.93
C ILE D 12 46.68 -24.07 9.98
N MET D 13 46.61 -22.78 9.64
CA MET D 13 46.09 -21.77 10.56
C MET D 13 44.62 -22.00 10.86
N CYS D 14 43.84 -22.27 9.81
CA CYS D 14 42.42 -22.54 9.99
C CYS D 14 42.28 -23.82 10.79
N SER D 15 43.19 -24.76 10.56
CA SER D 15 43.20 -26.04 11.25
C SER D 15 43.37 -25.83 12.76
N ASN D 16 44.41 -25.08 13.13
CA ASN D 16 44.72 -24.80 14.53
C ASN D 16 43.57 -24.19 15.33
N ALA D 17 42.89 -23.20 14.76
CA ALA D 17 41.76 -22.54 15.41
C ALA D 17 40.58 -23.47 15.44
N LYS D 18 40.81 -24.70 14.97
CA LYS D 18 39.80 -25.75 14.90
C LYS D 18 38.72 -25.40 13.86
N ALA D 19 39.10 -24.57 12.90
CA ALA D 19 38.18 -24.16 11.83
C ALA D 19 38.03 -25.35 10.87
N ILE D 20 38.92 -26.33 11.03
CA ILE D 20 38.93 -27.56 10.23
C ILE D 20 39.69 -28.62 11.04
N SER D 21 39.37 -29.89 10.80
CA SER D 21 40.03 -30.99 11.52
C SER D 21 40.89 -31.86 10.61
N LEU D 22 42.15 -32.03 11.01
CA LEU D 22 43.13 -32.82 10.31
C LEU D 22 43.98 -33.49 11.40
N ASN D 23 43.77 -34.78 11.64
CA ASN D 23 44.51 -35.48 12.67
C ASN D 23 46.03 -35.32 12.53
N GLU D 24 46.70 -35.20 13.68
CA GLU D 24 48.15 -35.02 13.77
C GLU D 24 48.94 -35.41 12.53
N VAL D 25 48.73 -36.62 12.03
CA VAL D 25 49.43 -37.08 10.85
C VAL D 25 49.05 -36.27 9.61
N GLU D 26 47.77 -36.33 9.25
CA GLU D 26 47.27 -35.63 8.07
C GLU D 26 47.67 -34.16 8.07
N LYS D 27 47.81 -33.61 9.27
CA LYS D 27 48.17 -32.20 9.44
C LYS D 27 49.67 -31.93 9.36
N ASN D 28 50.41 -32.56 10.28
CA ASN D 28 51.85 -32.39 10.36
C ASN D 28 52.55 -32.52 9.01
N GLU D 29 51.99 -33.29 8.10
CA GLU D 29 52.62 -33.45 6.80
C GLU D 29 52.48 -32.14 6.03
N ILE D 30 51.36 -31.46 6.22
CA ILE D 30 51.13 -30.19 5.55
C ILE D 30 52.10 -29.17 6.12
N ILE D 31 52.34 -29.24 7.43
CA ILE D 31 53.26 -28.33 8.08
C ILE D 31 54.64 -28.46 7.46
N SER D 32 55.15 -29.68 7.41
CA SER D 32 56.47 -29.90 6.83
C SER D 32 56.50 -29.32 5.41
N LYS D 33 55.48 -29.63 4.62
CA LYS D 33 55.37 -29.12 3.26
C LYS D 33 55.67 -27.63 3.29
N TYR D 34 54.96 -26.93 4.17
CA TYR D 34 55.13 -25.49 4.34
C TYR D 34 56.55 -25.17 4.74
N ARG D 35 57.09 -25.97 5.67
CA ARG D 35 58.43 -25.76 6.15
C ARG D 35 59.47 -25.86 5.03
N GLU D 36 59.22 -26.71 4.05
CA GLU D 36 60.16 -26.84 2.95
C GLU D 36 59.78 -25.95 1.77
N ILE D 37 58.48 -25.66 1.64
CA ILE D 37 58.02 -24.78 0.55
C ILE D 37 58.44 -23.35 0.85
N THR D 38 59.00 -23.13 2.03
CA THR D 38 59.42 -21.80 2.44
C THR D 38 60.78 -21.86 3.12
N ALA D 39 61.52 -22.91 2.82
CA ALA D 39 62.85 -23.12 3.41
C ALA D 39 63.94 -22.30 2.72
N LYS D 40 63.67 -21.88 1.49
CA LYS D 40 64.63 -21.10 0.72
C LYS D 40 65.11 -19.85 1.49
N LYS D 41 66.33 -19.41 1.21
CA LYS D 41 66.89 -18.23 1.86
C LYS D 41 67.39 -17.20 0.85
N SER D 42 66.90 -15.96 0.96
CA SER D 42 67.29 -14.89 0.05
C SER D 42 68.81 -14.82 -0.04
N GLU D 43 69.34 -14.98 -1.26
CA GLU D 43 70.78 -14.93 -1.44
C GLU D 43 71.26 -13.50 -1.23
N ARG D 44 72.44 -13.34 -0.64
CA ARG D 44 72.99 -12.02 -0.38
C ARG D 44 73.18 -11.26 -1.68
N ALA D 45 73.69 -10.05 -1.58
CA ALA D 45 73.96 -9.24 -2.76
C ALA D 45 75.42 -8.81 -2.66
N GLU D 46 76.16 -8.93 -3.75
CA GLU D 46 77.55 -8.53 -3.75
C GLU D 46 77.65 -7.10 -3.23
N LEU D 47 78.56 -6.86 -2.28
CA LEU D 47 78.74 -5.52 -1.72
C LEU D 47 79.83 -4.81 -2.52
N LYS D 48 79.71 -3.50 -2.67
CA LYS D 48 80.73 -2.75 -3.42
C LYS D 48 81.21 -1.51 -2.68
N GLU D 49 82.30 -0.94 -3.19
CA GLU D 49 82.93 0.25 -2.61
C GLU D 49 81.98 1.14 -1.81
N VAL D 50 82.13 1.10 -0.49
CA VAL D 50 81.30 1.93 0.38
C VAL D 50 81.45 3.36 -0.15
N GLU D 51 80.34 3.97 -0.51
CA GLU D 51 80.37 5.31 -1.06
C GLU D 51 79.15 6.13 -0.64
N PRO D 52 79.04 6.46 0.66
CA PRO D 52 77.90 7.24 1.20
C PRO D 52 77.62 8.56 0.46
N ILE D 53 76.89 9.44 1.12
CA ILE D 53 76.51 10.76 0.57
C ILE D 53 77.35 11.22 -0.63
N PRO D 54 76.70 11.43 -1.78
CA PRO D 54 77.35 11.87 -3.03
C PRO D 54 78.30 13.05 -2.83
N LEU D 55 79.38 13.04 -3.60
CA LEU D 55 80.40 14.09 -3.54
C LEU D 55 79.97 15.34 -4.29
N ASP D 56 78.87 15.24 -5.03
CA ASP D 56 78.35 16.36 -5.79
C ASP D 56 77.12 16.92 -5.08
N TRP D 57 77.06 16.72 -3.77
CA TRP D 57 75.94 17.20 -2.96
C TRP D 57 76.22 18.63 -2.52
N PRO D 58 75.33 19.57 -2.89
CA PRO D 58 75.51 20.97 -2.52
C PRO D 58 76.13 21.14 -1.16
N SER D 59 77.33 21.72 -1.15
CA SER D 59 78.05 21.95 0.09
C SER D 59 77.14 22.63 1.11
N ASP D 60 76.24 23.47 0.62
CA ASP D 60 75.32 24.19 1.50
C ASP D 60 73.84 23.84 1.30
N LEU D 61 73.54 22.55 1.16
CA LEU D 61 72.15 22.13 1.02
C LEU D 61 71.86 21.15 2.14
N THR D 62 71.24 21.65 3.20
CA THR D 62 70.92 20.81 4.34
C THR D 62 69.46 20.41 4.24
N LEU D 63 69.24 19.10 4.29
CA LEU D 63 67.91 18.53 4.20
C LEU D 63 67.21 18.65 5.55
N PRO D 64 65.93 19.06 5.54
CA PRO D 64 65.15 19.21 6.78
C PRO D 64 65.19 17.88 7.55
N PRO D 65 65.85 17.86 8.72
CA PRO D 65 66.00 16.70 9.59
C PRO D 65 64.72 15.89 9.84
N LEU D 66 64.90 14.58 10.04
CA LEU D 66 63.79 13.67 10.31
C LEU D 66 63.37 13.81 11.78
N PRO D 67 62.21 13.26 12.14
CA PRO D 67 61.78 13.37 13.54
C PRO D 67 62.64 12.46 14.42
N GLU D 68 62.87 12.87 15.67
CA GLU D 68 63.68 12.08 16.59
C GLU D 68 62.94 10.85 17.09
N SER D 69 61.74 10.61 16.55
CA SER D 69 60.92 9.47 16.95
C SER D 69 59.61 9.48 16.18
N THR D 70 59.02 8.30 16.00
CA THR D 70 57.77 8.21 15.25
C THR D 70 56.69 9.07 15.89
N ASN D 71 56.84 9.36 17.17
CA ASN D 71 55.85 10.18 17.87
C ASN D 71 56.34 11.60 18.14
N ASP D 72 57.38 12.03 17.44
CA ASP D 72 57.91 13.37 17.67
C ASP D 72 56.97 14.48 17.20
N TYR D 73 56.09 14.91 18.09
CA TYR D 73 55.15 15.97 17.78
C TYR D 73 55.80 17.34 17.50
N VAL D 74 57.00 17.57 18.04
CA VAL D 74 57.68 18.85 17.83
C VAL D 74 58.14 18.95 16.39
N TRP D 75 58.72 17.87 15.88
CA TRP D 75 59.18 17.84 14.49
C TRP D 75 57.96 17.93 13.56
N ALA D 76 56.88 17.28 13.97
CA ALA D 76 55.64 17.26 13.21
C ALA D 76 55.00 18.65 13.14
N GLY D 77 55.04 19.37 14.27
CA GLY D 77 54.48 20.71 14.30
C GLY D 77 55.25 21.68 13.43
N LYS D 78 56.56 21.48 13.31
CA LYS D 78 57.43 22.34 12.51
C LYS D 78 57.01 22.43 11.04
N ARG D 79 56.76 21.29 10.40
CA ARG D 79 56.34 21.30 9.00
C ARG D 79 55.05 22.08 8.81
N LYS D 80 54.72 22.39 7.56
CA LYS D 80 53.51 23.15 7.24
C LYS D 80 53.23 23.26 5.74
N GLU D 81 52.25 24.11 5.39
CA GLU D 81 51.88 24.28 3.98
C GLU D 81 51.64 25.76 3.64
N LEU D 90 40.18 26.85 10.59
CA LEU D 90 40.56 27.02 11.99
C LEU D 90 39.36 27.47 12.85
N ILE D 91 38.62 26.50 13.38
CA ILE D 91 37.46 26.82 14.21
C ILE D 91 37.55 26.16 15.58
N ILE D 92 38.09 26.92 16.54
CA ILE D 92 38.25 26.47 17.92
C ILE D 92 36.98 26.84 18.68
N ASP D 93 35.98 25.96 18.68
CA ASP D 93 34.71 26.26 19.33
C ASP D 93 34.61 26.04 20.84
N GLY D 94 35.18 24.96 21.34
CA GLY D 94 35.11 24.70 22.76
C GLY D 94 35.45 23.25 23.02
N LEU D 95 35.39 22.82 24.27
CA LEU D 95 35.74 21.43 24.61
C LEU D 95 34.54 20.61 25.08
N SER D 96 34.28 19.49 24.39
CA SER D 96 33.18 18.57 24.77
C SER D 96 33.71 17.50 25.72
N ILE D 97 33.28 17.56 26.98
CA ILE D 97 33.73 16.62 28.00
C ILE D 97 32.75 15.46 28.28
N VAL D 98 33.13 14.26 27.87
CA VAL D 98 32.32 13.07 28.07
C VAL D 98 32.80 12.41 29.37
N ILE D 99 31.85 12.03 30.22
CA ILE D 99 32.17 11.41 31.49
C ILE D 99 31.47 10.07 31.68
N PRO D 100 32.14 8.97 31.34
CA PRO D 100 31.47 7.68 31.54
C PRO D 100 31.06 7.61 33.02
N THR D 101 29.79 7.28 33.30
CA THR D 101 29.30 7.22 34.67
C THR D 101 28.48 5.96 34.97
N TYR D 102 28.73 5.36 36.13
CA TYR D 102 27.99 4.17 36.54
C TYR D 102 27.92 4.11 38.06
N ASN D 103 26.71 4.27 38.58
CA ASN D 103 26.41 4.22 40.00
C ASN D 103 27.31 4.93 41.02
N ARG D 104 27.95 6.04 40.69
CA ARG D 104 28.76 6.66 41.74
C ARG D 104 28.42 8.13 41.93
N ALA D 105 27.15 8.35 42.26
CA ALA D 105 26.61 9.69 42.46
C ALA D 105 27.49 10.67 43.21
N LYS D 106 27.86 10.36 44.46
CA LYS D 106 28.69 11.28 45.26
C LYS D 106 30.01 11.63 44.59
N ILE D 107 30.73 10.59 44.17
CA ILE D 107 32.00 10.75 43.50
C ILE D 107 31.80 11.59 42.25
N LEU D 108 30.76 11.26 41.49
CA LEU D 108 30.45 12.02 40.30
C LEU D 108 30.25 13.48 40.71
N ALA D 109 29.46 13.66 41.77
CA ALA D 109 29.15 14.97 42.29
C ALA D 109 30.42 15.81 42.43
N ILE D 110 31.41 15.24 43.09
CA ILE D 110 32.69 15.90 43.32
C ILE D 110 33.40 16.29 42.03
N THR D 111 33.38 15.40 41.04
CA THR D 111 34.02 15.67 39.74
C THR D 111 33.34 16.90 39.11
N LEU D 112 32.01 16.86 39.01
CA LEU D 112 31.24 17.95 38.43
C LEU D 112 31.56 19.28 39.11
N ALA D 113 31.72 19.23 40.43
CA ALA D 113 32.04 20.43 41.18
C ALA D 113 33.42 20.92 40.75
N CYS D 114 34.36 20.00 40.63
CA CYS D 114 35.70 20.37 40.22
C CYS D 114 35.71 20.89 38.80
N LEU D 115 34.64 20.63 38.05
CA LEU D 115 34.57 21.14 36.69
C LEU D 115 33.97 22.54 36.72
N CYS D 116 33.25 22.86 37.80
CA CYS D 116 32.66 24.18 37.97
C CYS D 116 33.78 25.20 38.25
N ASN D 117 34.81 24.72 38.92
CA ASN D 117 35.94 25.56 39.31
C ASN D 117 37.09 25.58 38.30
N GLN D 118 36.76 25.45 37.02
CA GLN D 118 37.77 25.46 35.97
C GLN D 118 38.14 26.87 35.52
N LYS D 119 39.43 27.17 35.51
CA LYS D 119 39.91 28.47 35.08
C LYS D 119 40.33 28.41 33.62
N THR D 120 39.50 28.90 32.71
CA THR D 120 39.83 28.87 31.30
C THR D 120 39.10 29.93 30.47
N ILE D 121 39.61 30.18 29.27
CA ILE D 121 39.05 31.16 28.35
C ILE D 121 38.21 30.48 27.29
N TYR D 122 38.39 29.17 27.15
CA TYR D 122 37.66 28.39 26.17
C TYR D 122 36.30 27.93 26.67
N ASP D 123 35.32 27.86 25.76
CA ASP D 123 33.98 27.39 26.12
C ASP D 123 34.03 25.88 26.23
N TYR D 124 33.17 25.31 27.06
CA TYR D 124 33.14 23.86 27.21
C TYR D 124 31.81 23.34 27.73
N GLU D 125 31.43 22.15 27.27
CA GLU D 125 30.19 21.54 27.73
C GLU D 125 30.55 20.25 28.43
N VAL D 126 29.72 19.83 29.36
CA VAL D 126 29.96 18.58 30.07
C VAL D 126 28.83 17.61 29.73
N ILE D 127 29.20 16.37 29.40
CA ILE D 127 28.23 15.36 29.04
C ILE D 127 28.35 14.09 29.89
N VAL D 128 27.45 13.94 30.86
CA VAL D 128 27.44 12.76 31.71
C VAL D 128 26.81 11.66 30.88
N ALA D 129 27.57 10.61 30.63
CA ALA D 129 27.06 9.49 29.84
C ALA D 129 26.84 8.33 30.78
N ASP D 130 25.59 8.18 31.23
CA ASP D 130 25.22 7.14 32.16
C ASP D 130 25.07 5.81 31.46
N ASP D 131 25.79 4.80 31.93
CA ASP D 131 25.75 3.47 31.32
C ASP D 131 24.84 2.53 32.11
N GLY D 132 23.57 2.91 32.21
CA GLY D 132 22.58 2.11 32.90
C GLY D 132 22.69 2.04 34.41
N SER D 133 23.05 3.16 35.03
CA SER D 133 23.17 3.21 36.48
C SER D 133 21.82 2.92 37.10
N LYS D 134 21.80 2.36 38.31
CA LYS D 134 20.55 2.10 39.01
C LYS D 134 20.32 3.29 39.93
N GLU D 135 21.40 3.98 40.26
CA GLU D 135 21.34 5.17 41.11
C GLU D 135 20.84 6.28 40.19
N ASN D 136 20.17 7.28 40.74
CA ASN D 136 19.66 8.36 39.90
C ASN D 136 20.69 9.44 39.60
N ILE D 137 21.39 9.24 38.50
CA ILE D 137 22.42 10.15 38.05
C ILE D 137 21.81 11.45 37.55
N GLU D 138 20.68 11.37 36.85
CA GLU D 138 20.03 12.57 36.34
C GLU D 138 19.87 13.60 37.46
N GLU D 139 19.35 13.13 38.57
CA GLU D 139 19.13 13.93 39.76
C GLU D 139 20.35 14.77 40.11
N ILE D 140 21.52 14.15 40.02
CA ILE D 140 22.77 14.85 40.32
C ILE D 140 23.02 15.87 39.22
N VAL D 141 22.71 15.48 37.99
CA VAL D 141 22.90 16.36 36.84
C VAL D 141 22.10 17.66 36.98
N ARG D 142 20.81 17.54 37.23
CA ARG D 142 19.98 18.73 37.37
C ARG D 142 20.55 19.66 38.43
N GLU D 143 21.01 19.09 39.54
CA GLU D 143 21.58 19.85 40.64
C GLU D 143 22.70 20.76 40.15
N PHE D 144 23.39 20.34 39.10
CA PHE D 144 24.47 21.13 38.54
C PHE D 144 24.06 21.89 37.29
N GLU D 145 22.77 21.81 36.94
CA GLU D 145 22.29 22.50 35.74
C GLU D 145 22.51 24.00 35.78
N SER D 146 22.25 24.61 36.93
CA SER D 146 22.43 26.04 37.08
C SER D 146 23.89 26.48 36.93
N LEU D 147 24.81 25.62 37.33
CA LEU D 147 26.24 25.93 37.29
C LEU D 147 26.96 25.71 35.97
N LEU D 148 27.01 24.45 35.51
CA LEU D 148 27.71 24.10 34.27
C LEU D 148 26.79 23.97 33.06
N ASN D 149 27.39 23.94 31.87
CA ASN D 149 26.64 23.76 30.65
C ASN D 149 26.66 22.23 30.50
N ILE D 150 25.76 21.56 31.21
CA ILE D 150 25.72 20.11 31.25
C ILE D 150 24.58 19.42 30.50
N LYS D 151 24.88 18.28 29.92
CA LYS D 151 23.92 17.46 29.18
C LYS D 151 23.93 16.09 29.84
N TYR D 152 22.85 15.34 29.66
CA TYR D 152 22.74 14.03 30.25
C TYR D 152 22.37 13.04 29.16
N VAL D 153 23.15 11.96 29.08
CA VAL D 153 22.94 10.94 28.09
C VAL D 153 22.95 9.60 28.79
N ARG D 154 22.03 8.73 28.42
CA ARG D 154 21.97 7.42 29.05
C ARG D 154 21.48 6.30 28.13
N GLN D 155 22.03 5.11 28.34
CA GLN D 155 21.62 3.95 27.58
C GLN D 155 21.25 2.95 28.67
N LYS D 156 20.68 1.80 28.32
CA LYS D 156 20.32 0.87 29.38
C LYS D 156 21.51 0.12 29.96
N ASP D 157 21.26 -0.65 31.00
CA ASP D 157 22.29 -1.42 31.67
C ASP D 157 22.38 -2.82 31.07
N TYR D 158 23.20 -2.98 30.04
CA TYR D 158 23.38 -4.28 29.40
C TYR D 158 24.83 -4.76 29.52
N GLY D 159 25.33 -4.75 30.76
CA GLY D 159 26.69 -5.18 31.00
C GLY D 159 27.69 -4.05 31.14
N TYR D 160 28.96 -4.41 31.25
CA TYR D 160 30.04 -3.44 31.38
C TYR D 160 30.28 -2.87 29.97
N GLN D 161 29.48 -1.87 29.62
CA GLN D 161 29.55 -1.25 28.30
C GLN D 161 30.20 0.11 28.31
N LEU D 162 31.42 0.16 28.83
CA LEU D 162 32.21 1.39 28.91
C LEU D 162 32.35 2.04 27.55
N CYS D 163 32.82 1.26 26.59
CA CYS D 163 33.01 1.75 25.22
C CYS D 163 31.72 2.29 24.62
N ALA D 164 30.65 1.51 24.73
CA ALA D 164 29.36 1.93 24.20
C ALA D 164 28.93 3.27 24.79
N VAL D 165 29.28 3.51 26.06
CA VAL D 165 28.90 4.74 26.71
C VAL D 165 29.81 5.89 26.32
N ARG D 166 31.06 5.58 26.04
CA ARG D 166 31.98 6.63 25.61
C ARG D 166 31.54 7.10 24.23
N ASN D 167 31.22 6.15 23.37
CA ASN D 167 30.81 6.44 22.00
C ASN D 167 29.50 7.24 21.85
N LEU D 168 28.53 6.95 22.70
CA LEU D 168 27.25 7.66 22.66
C LEU D 168 27.52 9.12 22.96
N GLY D 169 28.10 9.34 24.13
CA GLY D 169 28.43 10.68 24.59
C GLY D 169 29.30 11.45 23.63
N LEU D 170 30.23 10.75 22.99
CA LEU D 170 31.12 11.40 22.03
C LEU D 170 30.29 11.74 20.80
N ARG D 171 29.29 10.92 20.53
CA ARG D 171 28.39 11.18 19.41
C ARG D 171 27.62 12.45 19.76
N ALA D 172 27.22 12.56 21.02
CA ALA D 172 26.48 13.73 21.51
C ALA D 172 27.32 15.00 21.48
N ALA D 173 28.61 14.87 21.74
CA ALA D 173 29.53 16.01 21.74
C ALA D 173 29.23 16.97 20.58
N LYS D 174 29.06 18.26 20.87
CA LYS D 174 28.76 19.23 19.82
C LYS D 174 29.95 20.00 19.27
N TYR D 175 31.07 20.01 19.99
CA TYR D 175 32.24 20.77 19.54
C TYR D 175 33.20 20.00 18.66
N ASN D 176 34.28 20.66 18.27
CA ASN D 176 35.29 20.02 17.43
C ASN D 176 36.42 19.45 18.26
N TYR D 177 36.27 19.51 19.57
CA TYR D 177 37.28 18.99 20.48
C TYR D 177 36.64 18.24 21.61
N VAL D 178 37.12 17.04 21.85
CA VAL D 178 36.57 16.21 22.89
C VAL D 178 37.64 15.76 23.89
N ALA D 179 37.18 15.33 25.05
CA ALA D 179 38.04 14.81 26.09
C ALA D 179 37.21 13.73 26.79
N ILE D 180 37.88 12.80 27.45
CA ILE D 180 37.18 11.76 28.17
C ILE D 180 37.72 11.74 29.58
N LEU D 181 36.80 11.81 30.53
CA LEU D 181 37.12 11.87 31.93
C LEU D 181 36.15 11.04 32.78
N ASP D 182 36.58 9.87 33.24
CA ASP D 182 35.72 9.04 34.07
C ASP D 182 35.03 9.88 35.15
N CYS D 183 33.95 9.34 35.70
CA CYS D 183 33.17 10.02 36.73
C CYS D 183 33.93 10.17 38.03
N ASP D 184 34.94 9.33 38.23
CA ASP D 184 35.74 9.37 39.44
C ASP D 184 37.10 10.04 39.25
N MET D 185 37.22 10.83 38.18
CA MET D 185 38.45 11.54 37.85
C MET D 185 38.24 13.04 37.98
N ALA D 186 38.43 13.55 39.19
CA ALA D 186 38.24 14.96 39.49
C ALA D 186 39.34 15.83 38.89
N PRO D 187 38.98 16.69 37.93
CA PRO D 187 39.87 17.62 37.22
C PRO D 187 40.34 18.85 37.99
N ASN D 188 41.65 19.08 38.01
CA ASN D 188 42.19 20.25 38.69
C ASN D 188 41.66 21.50 37.98
N PRO D 189 41.83 22.68 38.58
CA PRO D 189 41.36 23.97 38.03
C PRO D 189 41.78 24.35 36.61
N LEU D 190 42.96 23.91 36.19
CA LEU D 190 43.48 24.27 34.88
C LEU D 190 43.47 23.12 33.87
N TRP D 191 42.54 22.18 34.03
CA TRP D 191 42.42 21.02 33.15
C TRP D 191 41.95 21.42 31.74
N VAL D 192 40.83 22.12 31.65
CA VAL D 192 40.30 22.53 30.35
C VAL D 192 41.31 23.41 29.59
N GLN D 193 41.85 24.40 30.27
CA GLN D 193 42.81 25.30 29.64
C GLN D 193 44.02 24.54 29.13
N SER D 194 44.66 23.80 30.02
CA SER D 194 45.86 23.04 29.68
C SER D 194 45.72 22.18 28.43
N TYR D 195 44.52 21.67 28.19
CA TYR D 195 44.29 20.85 27.00
C TYR D 195 44.03 21.75 25.79
N MET D 196 42.99 22.58 25.87
CA MET D 196 42.64 23.45 24.75
C MET D 196 43.77 24.29 24.20
N GLU D 197 44.66 24.80 25.04
CA GLU D 197 45.78 25.61 24.57
C GLU D 197 46.59 24.83 23.55
N LEU D 198 46.89 23.58 23.89
CA LEU D 198 47.66 22.71 23.00
C LEU D 198 46.88 22.27 21.78
N LEU D 199 45.64 21.83 21.98
CA LEU D 199 44.80 21.39 20.87
C LEU D 199 44.65 22.54 19.89
N ALA D 200 44.35 23.72 20.43
CA ALA D 200 44.16 24.91 19.62
C ALA D 200 45.28 25.17 18.64
N VAL D 201 46.51 24.80 19.02
CA VAL D 201 47.67 25.01 18.14
C VAL D 201 47.88 23.86 17.14
N ASP D 202 47.75 22.61 17.58
CA ASP D 202 47.93 21.47 16.69
C ASP D 202 46.84 20.43 16.92
N ASP D 203 45.94 20.29 15.95
CA ASP D 203 44.86 19.34 16.06
C ASP D 203 45.26 17.91 15.71
N ASN D 204 46.52 17.68 15.33
CA ASN D 204 46.92 16.33 14.97
C ASN D 204 47.61 15.59 16.10
N VAL D 205 47.52 16.12 17.30
CA VAL D 205 48.15 15.46 18.43
C VAL D 205 47.19 15.26 19.61
N ALA D 206 47.01 14.00 20.01
CA ALA D 206 46.13 13.66 21.11
C ALA D 206 46.86 13.96 22.42
N LEU D 207 46.12 14.42 23.42
CA LEU D 207 46.69 14.75 24.72
C LEU D 207 46.33 13.74 25.81
N ILE D 208 47.30 13.48 26.68
CA ILE D 208 47.14 12.53 27.76
C ILE D 208 47.42 13.23 29.08
N GLY D 209 46.50 13.08 30.04
CA GLY D 209 46.68 13.71 31.32
C GLY D 209 47.06 12.71 32.39
N PRO D 210 47.94 13.11 33.33
CA PRO D 210 48.37 12.21 34.40
C PRO D 210 47.32 12.24 35.51
N ARG D 211 47.51 11.40 36.52
CA ARG D 211 46.58 11.32 37.63
C ARG D 211 47.28 11.09 38.97
N LYS D 212 46.60 11.50 40.03
CA LYS D 212 47.08 11.32 41.39
C LYS D 212 45.94 10.60 42.10
N TYR D 213 46.30 9.63 42.93
CA TYR D 213 45.29 8.86 43.66
C TYR D 213 45.01 9.48 45.03
N ILE D 214 43.76 9.85 45.28
CA ILE D 214 43.39 10.43 46.56
C ILE D 214 42.09 9.84 47.08
N ASP D 215 41.82 10.08 48.36
CA ASP D 215 40.58 9.60 48.95
C ASP D 215 39.73 10.83 49.14
N THR D 216 38.50 10.74 48.69
CA THR D 216 37.58 11.86 48.76
C THR D 216 36.43 11.55 49.71
N SER D 217 36.50 10.38 50.35
CA SER D 217 35.49 9.90 51.29
C SER D 217 34.97 10.90 52.31
N LYS D 218 35.86 11.44 53.14
CA LYS D 218 35.46 12.38 54.16
C LYS D 218 35.21 13.77 53.56
N HIS D 219 34.43 13.80 52.47
CA HIS D 219 34.11 15.04 51.77
C HIS D 219 32.84 14.89 50.92
N THR D 220 32.34 16.01 50.41
CA THR D 220 31.16 16.06 49.55
C THR D 220 31.41 17.18 48.53
N TYR D 221 30.65 17.17 47.43
CA TYR D 221 30.85 18.16 46.38
C TYR D 221 30.77 19.62 46.82
N LEU D 222 29.98 19.88 47.86
CA LEU D 222 29.82 21.25 48.36
C LEU D 222 31.13 21.75 48.92
N ASP D 223 31.91 20.84 49.49
CA ASP D 223 33.20 21.18 50.07
C ASP D 223 34.11 21.71 48.96
N PHE D 224 33.97 21.13 47.77
CA PHE D 224 34.78 21.52 46.63
C PHE D 224 34.24 22.73 45.91
N LEU D 225 32.95 22.96 46.04
CA LEU D 225 32.36 24.11 45.40
C LEU D 225 32.66 25.37 46.21
N SER D 226 32.95 25.18 47.50
CA SER D 226 33.24 26.31 48.38
C SER D 226 34.74 26.50 48.63
N GLN D 227 35.54 25.54 48.16
CA GLN D 227 36.99 25.58 48.31
C GLN D 227 37.63 25.19 46.97
N LYS D 228 37.56 26.11 46.01
CA LYS D 228 38.07 25.89 44.65
C LYS D 228 39.54 25.45 44.52
N SER D 229 40.20 25.13 45.63
CA SER D 229 41.60 24.71 45.58
C SER D 229 41.86 23.48 46.45
N LEU D 230 40.79 22.99 47.06
CA LEU D 230 40.87 21.84 47.94
C LEU D 230 41.41 20.60 47.23
N ILE D 231 40.87 20.30 46.06
CA ILE D 231 41.27 19.12 45.32
C ILE D 231 42.78 19.05 45.13
N ASN D 232 43.43 20.21 45.18
CA ASN D 232 44.87 20.30 45.02
C ASN D 232 45.61 20.22 46.36
N GLU D 233 44.86 19.95 47.42
CA GLU D 233 45.43 19.85 48.76
C GLU D 233 45.25 18.47 49.35
N ILE D 234 44.06 17.90 49.21
CA ILE D 234 43.78 16.57 49.72
C ILE D 234 44.97 15.67 49.40
N PRO D 235 45.55 15.04 50.44
CA PRO D 235 46.72 14.14 50.32
C PRO D 235 46.51 12.83 49.58
N GLU D 236 47.51 12.47 48.79
CA GLU D 236 47.49 11.25 48.01
C GLU D 236 47.52 10.08 48.99
N ILE D 237 46.69 9.08 48.72
CA ILE D 237 46.60 7.91 49.58
C ILE D 237 47.85 7.04 49.52
N ILE D 238 48.20 6.46 50.67
CA ILE D 238 49.37 5.59 50.80
C ILE D 238 48.89 4.15 50.77
N THR D 239 49.37 3.39 49.78
CA THR D 239 48.95 2.01 49.62
C THR D 239 49.97 1.03 50.21
N ASN D 240 49.51 -0.18 50.50
CA ASN D 240 50.36 -1.23 51.05
C ASN D 240 51.24 -1.76 49.91
N ASN D 241 51.87 -2.91 50.10
CA ASN D 241 52.73 -3.40 49.03
C ASN D 241 53.27 -4.83 49.21
N GLN D 242 54.21 -5.18 48.35
CA GLN D 242 54.89 -6.49 48.29
C GLN D 242 54.66 -7.51 49.40
N VAL D 243 54.42 -8.75 48.98
CA VAL D 243 54.24 -9.89 49.89
C VAL D 243 55.19 -10.94 49.33
N ALA D 244 55.88 -10.55 48.26
CA ALA D 244 56.88 -11.36 47.56
C ALA D 244 58.17 -10.54 47.55
N GLY D 245 58.72 -10.37 48.75
CA GLY D 245 59.93 -9.60 48.95
C GLY D 245 59.86 -9.22 50.41
N LYS D 246 59.02 -8.21 50.69
CA LYS D 246 58.74 -7.72 52.04
C LYS D 246 57.76 -6.55 51.97
N VAL D 247 56.88 -6.44 52.95
CA VAL D 247 55.86 -5.38 52.98
C VAL D 247 56.44 -3.97 53.09
N GLU D 248 55.72 -3.00 52.55
CA GLU D 248 56.14 -1.60 52.57
C GLU D 248 54.98 -0.62 52.52
N GLN D 249 55.30 0.66 52.67
CA GLN D 249 54.30 1.74 52.64
C GLN D 249 54.80 2.88 51.77
N ASN D 250 54.19 3.03 50.59
CA ASN D 250 54.53 4.08 49.64
C ASN D 250 53.27 4.75 49.14
N LYS D 251 53.32 6.08 48.94
CA LYS D 251 52.15 6.78 48.44
C LYS D 251 51.97 6.44 46.96
N SER D 252 50.76 6.08 46.58
CA SER D 252 50.46 5.71 45.20
C SER D 252 50.76 6.82 44.20
N VAL D 253 51.25 6.42 43.03
CA VAL D 253 51.57 7.35 41.94
C VAL D 253 51.27 6.68 40.62
N ASP D 254 51.04 7.49 39.59
CA ASP D 254 50.73 7.00 38.25
C ASP D 254 51.99 6.39 37.61
N TRP D 255 51.94 5.09 37.30
CA TRP D 255 53.08 4.40 36.70
C TRP D 255 53.66 5.07 35.45
N ARG D 256 52.84 5.79 34.73
CA ARG D 256 53.31 6.44 33.52
C ARG D 256 54.03 7.74 33.80
N ILE D 257 53.75 8.35 34.96
CA ILE D 257 54.38 9.61 35.32
C ILE D 257 55.86 9.60 34.95
N GLU D 258 56.51 8.52 35.36
CA GLU D 258 57.94 8.32 35.11
C GLU D 258 58.24 8.31 33.62
N HIS D 259 57.67 7.33 32.92
CA HIS D 259 57.86 7.19 31.48
C HIS D 259 57.69 8.52 30.75
N PHE D 260 56.77 9.34 31.24
CA PHE D 260 56.51 10.64 30.63
C PHE D 260 57.77 11.50 30.71
N LYS D 261 58.38 11.50 31.89
CA LYS D 261 59.59 12.30 32.09
C LYS D 261 60.73 11.75 31.25
N ASN D 262 60.89 10.43 31.27
CA ASN D 262 61.96 9.77 30.52
C ASN D 262 61.82 9.76 28.99
N THR D 263 60.78 10.41 28.47
CA THR D 263 60.58 10.47 27.02
C THR D 263 60.10 11.86 26.60
N ASP D 264 60.44 12.86 27.40
CA ASP D 264 60.04 14.23 27.11
C ASP D 264 58.56 14.20 26.77
N ASN D 265 57.77 13.77 27.76
CA ASN D 265 56.34 13.65 27.61
C ASN D 265 55.98 12.93 26.32
N LEU D 266 56.53 11.71 26.19
CA LEU D 266 56.29 10.82 25.05
C LEU D 266 56.92 11.12 23.69
N ARG D 267 57.45 12.32 23.50
CA ARG D 267 58.03 12.67 22.20
C ARG D 267 59.10 11.69 21.69
N LEU D 268 59.83 11.07 22.61
CA LEU D 268 60.88 10.12 22.25
C LEU D 268 60.36 8.70 22.37
N CYS D 269 59.05 8.57 22.41
CA CYS D 269 58.40 7.27 22.54
C CYS D 269 57.88 6.79 21.19
N ASN D 270 58.07 5.50 20.89
CA ASN D 270 57.61 4.91 19.63
C ASN D 270 56.33 4.09 19.81
N THR D 271 56.00 3.78 21.05
CA THR D 271 54.80 3.01 21.34
C THR D 271 53.92 3.75 22.35
N PRO D 272 53.62 5.05 22.08
CA PRO D 272 52.82 5.96 22.90
C PRO D 272 51.46 5.49 23.39
N PHE D 273 50.73 4.76 22.55
CA PHE D 273 49.41 4.28 22.93
C PHE D 273 49.43 3.44 24.20
N ARG D 274 50.58 2.89 24.54
CA ARG D 274 50.66 2.08 25.75
C ARG D 274 50.41 2.94 26.97
N PHE D 275 50.03 4.19 26.77
CA PHE D 275 49.78 5.08 27.90
C PHE D 275 48.53 5.93 27.71
N PHE D 276 47.75 5.61 26.70
CA PHE D 276 46.53 6.38 26.43
C PHE D 276 45.37 5.93 27.31
N SER D 277 45.56 5.97 28.63
CA SER D 277 44.55 5.58 29.58
C SER D 277 43.27 6.39 29.40
N GLY D 278 42.20 5.68 29.03
CA GLY D 278 40.91 6.30 28.77
C GLY D 278 40.28 7.20 29.83
N GLY D 279 40.73 7.07 31.07
CA GLY D 279 40.15 7.90 32.11
C GLY D 279 40.42 9.38 31.98
N ASN D 280 41.47 9.77 31.25
CA ASN D 280 41.82 11.19 31.15
C ASN D 280 42.62 11.56 29.91
N VAL D 281 41.92 11.89 28.83
CA VAL D 281 42.55 12.27 27.56
C VAL D 281 41.68 13.29 26.80
N ALA D 282 42.25 13.89 25.76
CA ALA D 282 41.53 14.85 24.94
C ALA D 282 42.05 14.68 23.54
N PHE D 283 41.29 15.11 22.55
CA PHE D 283 41.71 14.99 21.17
C PHE D 283 40.71 15.54 20.19
N ALA D 284 41.21 16.10 19.10
CA ALA D 284 40.35 16.66 18.06
C ALA D 284 39.36 15.57 17.67
N LYS D 285 38.11 15.94 17.45
CA LYS D 285 37.08 14.98 17.10
C LYS D 285 37.28 14.33 15.71
N LYS D 286 37.99 15.02 14.82
CA LYS D 286 38.20 14.52 13.46
C LYS D 286 38.83 13.13 13.36
N TRP D 287 39.48 12.70 14.44
CA TRP D 287 40.15 11.40 14.48
C TRP D 287 39.18 10.23 14.60
N LEU D 288 38.00 10.49 15.15
CA LEU D 288 36.99 9.43 15.28
C LEU D 288 36.61 8.95 13.89
N PHE D 289 36.10 9.87 13.07
CA PHE D 289 35.69 9.57 11.72
C PHE D 289 36.89 9.12 10.89
N ARG D 290 38.07 9.13 11.50
CA ARG D 290 39.31 8.79 10.81
C ARG D 290 39.92 7.43 11.17
N ALA D 291 39.90 7.12 12.48
CA ALA D 291 40.49 5.87 12.98
C ALA D 291 39.48 4.91 13.58
N GLY D 292 38.24 5.39 13.75
CA GLY D 292 37.21 4.55 14.32
C GLY D 292 36.88 5.04 15.73
N TRP D 293 35.76 4.57 16.27
CA TRP D 293 35.38 4.97 17.61
C TRP D 293 35.87 3.91 18.58
N PHE D 294 35.30 3.85 19.77
CA PHE D 294 35.73 2.86 20.74
C PHE D 294 35.19 1.49 20.39
N ASP D 295 36.06 0.48 20.51
CA ASP D 295 35.73 -0.92 20.19
C ASP D 295 34.83 -1.48 21.28
N GLU D 296 33.56 -1.65 20.95
CA GLU D 296 32.56 -2.15 21.89
C GLU D 296 32.63 -3.64 22.16
N GLU D 297 33.74 -4.26 21.81
CA GLU D 297 33.91 -5.69 22.04
C GLU D 297 34.64 -5.88 23.38
N PHE D 298 35.20 -4.78 23.89
CA PHE D 298 35.93 -4.76 25.15
C PHE D 298 34.95 -4.69 26.34
N THR D 299 34.55 -5.85 26.82
CA THR D 299 33.61 -5.92 27.93
C THR D 299 34.19 -6.65 29.16
N HIS D 300 34.69 -7.86 28.99
CA HIS D 300 35.28 -8.59 30.11
C HIS D 300 36.80 -8.48 30.08
N TRP D 301 37.30 -7.49 29.35
CA TRP D 301 38.74 -7.27 29.19
C TRP D 301 39.09 -5.78 29.00
N GLY D 302 40.23 -5.37 29.55
CA GLY D 302 40.65 -3.98 29.42
C GLY D 302 41.50 -3.78 28.18
N GLY D 303 41.95 -2.56 27.93
CA GLY D 303 42.77 -2.30 26.76
C GLY D 303 42.07 -1.47 25.70
N GLU D 304 40.81 -1.14 25.98
CA GLU D 304 39.98 -0.34 25.09
C GLU D 304 40.69 0.94 24.68
N ASP D 305 41.42 1.54 25.61
CA ASP D 305 42.14 2.76 25.34
C ASP D 305 43.37 2.51 24.45
N ASN D 306 44.23 1.59 24.87
CA ASN D 306 45.43 1.24 24.12
C ASN D 306 45.07 0.94 22.67
N GLU D 307 44.09 0.05 22.49
CA GLU D 307 43.64 -0.33 21.15
C GLU D 307 43.08 0.86 20.40
N PHE D 308 42.42 1.77 21.11
CA PHE D 308 41.89 2.96 20.44
C PHE D 308 43.07 3.86 20.07
N GLY D 309 44.10 3.88 20.93
CA GLY D 309 45.28 4.69 20.65
C GLY D 309 46.11 4.12 19.51
N TYR D 310 46.24 2.79 19.47
CA TYR D 310 47.01 2.16 18.40
C TYR D 310 46.44 2.53 17.03
N ARG D 311 45.13 2.64 16.92
CA ARG D 311 44.50 2.99 15.65
C ARG D 311 44.82 4.42 15.31
N LEU D 312 44.64 5.31 16.28
CA LEU D 312 44.94 6.72 16.08
C LEU D 312 46.42 6.80 15.66
N TYR D 313 47.24 5.95 16.26
CA TYR D 313 48.66 5.92 15.96
C TYR D 313 48.92 5.54 14.50
N ARG D 314 48.21 4.54 13.99
CA ARG D 314 48.40 4.11 12.60
C ARG D 314 47.88 5.15 11.60
N GLU D 315 46.96 6.00 12.03
CA GLU D 315 46.43 7.02 11.13
C GLU D 315 47.30 8.26 11.05
N GLY D 316 48.33 8.27 11.88
CA GLY D 316 49.26 9.37 11.90
C GLY D 316 49.10 10.32 13.06
N CYS D 317 48.14 10.06 13.94
CA CYS D 317 47.92 10.94 15.07
C CYS D 317 49.07 10.82 16.06
N TYR D 318 49.47 11.95 16.64
CA TYR D 318 50.55 11.96 17.61
C TYR D 318 49.99 11.94 19.05
N PHE D 319 50.87 11.69 20.01
CA PHE D 319 50.49 11.65 21.42
C PHE D 319 51.44 12.50 22.24
N ARG D 320 50.93 13.07 23.33
CA ARG D 320 51.72 13.93 24.21
C ARG D 320 51.06 14.15 25.57
N SER D 321 51.82 13.92 26.64
CA SER D 321 51.32 14.08 28.00
C SER D 321 51.33 15.55 28.47
N VAL D 322 50.29 15.94 29.19
CA VAL D 322 50.14 17.31 29.67
C VAL D 322 50.04 17.40 31.20
N GLU D 323 50.97 18.13 31.80
CA GLU D 323 51.01 18.30 33.26
C GLU D 323 49.77 19.03 33.80
N GLY D 324 49.31 20.04 33.08
CA GLY D 324 48.14 20.79 33.52
C GLY D 324 46.80 20.10 33.38
N ALA D 325 46.81 18.87 32.87
CA ALA D 325 45.58 18.13 32.69
C ALA D 325 45.45 17.09 33.79
N MET D 326 46.15 17.34 34.90
CA MET D 326 46.12 16.43 36.03
C MET D 326 44.69 16.23 36.54
N ALA D 327 44.41 15.04 37.02
CA ALA D 327 43.10 14.73 37.54
C ALA D 327 43.34 13.86 38.75
N TYR D 328 42.48 14.00 39.75
CA TYR D 328 42.62 13.25 40.97
C TYR D 328 41.70 12.06 40.96
N HIS D 329 42.31 10.89 40.86
CA HIS D 329 41.55 9.65 40.83
C HIS D 329 41.03 9.36 42.23
N GLN D 330 39.71 9.39 42.36
CA GLN D 330 39.05 9.12 43.64
C GLN D 330 38.96 7.62 43.84
N GLU D 331 38.66 7.20 45.06
CA GLU D 331 38.57 5.77 45.33
C GLU D 331 37.12 5.34 45.59
N PRO D 332 36.60 4.41 44.78
CA PRO D 332 35.23 3.90 44.89
C PRO D 332 34.93 3.23 46.23
N PRO D 333 33.64 3.15 46.61
CA PRO D 333 33.20 2.54 47.87
C PRO D 333 33.05 1.02 47.80
N GLY D 334 33.73 0.40 46.84
CA GLY D 334 33.67 -1.05 46.68
C GLY D 334 32.89 -1.47 45.45
N THR D 348 46.70 -13.54 29.20
CA THR D 348 45.98 -13.40 27.94
C THR D 348 45.61 -11.92 27.61
N VAL D 349 44.31 -11.61 27.73
CA VAL D 349 43.73 -10.31 27.36
C VAL D 349 44.00 -10.30 25.87
N GLN D 350 43.70 -11.45 25.29
CA GLN D 350 43.89 -11.74 23.88
C GLN D 350 43.07 -10.88 22.94
N LEU D 351 42.50 -9.78 23.42
CA LEU D 351 41.72 -8.95 22.51
C LEU D 351 42.68 -7.97 21.85
N LEU D 352 43.73 -7.60 22.57
CA LEU D 352 44.74 -6.70 22.03
C LEU D 352 45.60 -7.54 21.10
N GLN D 353 45.84 -8.77 21.53
CA GLN D 353 46.62 -9.73 20.76
C GLN D 353 45.97 -9.80 19.39
N GLN D 354 44.66 -10.00 19.39
CA GLN D 354 43.88 -10.07 18.18
C GLN D 354 43.78 -8.75 17.45
N LYS D 355 43.72 -7.65 18.21
CA LYS D 355 43.56 -6.34 17.59
C LYS D 355 44.75 -5.41 17.40
N VAL D 356 45.85 -5.61 18.12
CA VAL D 356 47.00 -4.73 17.95
C VAL D 356 48.27 -5.50 17.58
N PRO D 357 48.56 -5.63 16.28
CA PRO D 357 49.74 -6.36 15.83
C PRO D 357 51.06 -5.63 16.11
N TYR D 358 51.03 -4.30 16.00
CA TYR D 358 52.23 -3.49 16.18
C TYR D 358 53.12 -3.69 17.40
N PHE D 359 52.56 -3.85 18.59
CA PHE D 359 53.44 -3.97 19.75
C PHE D 359 53.19 -5.13 20.71
N TYR D 360 51.94 -5.34 21.07
CA TYR D 360 51.56 -6.39 22.01
C TYR D 360 51.52 -7.78 21.43
N ARG D 361 51.94 -7.95 20.18
CA ARG D 361 51.88 -9.28 19.60
C ARG D 361 53.19 -9.99 19.32
N LYS D 362 53.48 -11.01 20.12
CA LYS D 362 54.68 -11.82 19.96
C LYS D 362 54.28 -12.89 18.94
N LYS D 363 55.15 -13.18 17.97
CA LYS D 363 54.81 -14.18 16.97
C LYS D 363 54.59 -15.56 17.59
N GLU D 364 53.81 -16.37 16.89
CA GLU D 364 53.54 -17.71 17.35
C GLU D 364 53.86 -18.66 16.21
N LYS D 365 54.31 -19.86 16.55
CA LYS D 365 54.66 -20.86 15.56
C LYS D 365 53.45 -21.39 14.80
N ILE D 366 53.68 -21.76 13.54
CA ILE D 366 52.63 -22.28 12.68
C ILE D 366 51.99 -23.51 13.31
N GLU D 367 52.72 -24.11 14.25
CA GLU D 367 52.27 -25.30 14.94
C GLU D 367 50.95 -25.03 15.67
N SER D 368 50.78 -23.79 16.11
CA SER D 368 49.58 -23.37 16.83
C SER D 368 49.09 -21.99 16.40
N ALA D 369 49.76 -21.42 15.40
CA ALA D 369 49.39 -20.10 14.88
C ALA D 369 48.00 -20.12 14.28
N THR D 370 47.28 -19.01 14.45
CA THR D 370 45.91 -18.87 13.95
C THR D 370 45.69 -17.51 13.31
N LEU D 371 44.73 -17.45 12.39
CA LEU D 371 44.42 -16.19 11.72
C LEU D 371 44.05 -15.15 12.76
N LYS D 372 44.63 -13.96 12.61
CA LYS D 372 44.38 -12.87 13.54
C LYS D 372 43.38 -11.85 12.98
N ARG D 373 42.59 -11.28 13.89
CA ARG D 373 41.58 -10.28 13.60
C ARG D 373 42.19 -9.16 12.74
N VAL D 374 43.18 -8.47 13.29
CA VAL D 374 43.90 -7.42 12.57
C VAL D 374 45.30 -7.96 12.30
N PRO D 375 45.61 -8.29 11.04
CA PRO D 375 46.92 -8.85 10.64
C PRO D 375 48.10 -7.94 10.94
N LEU D 376 49.29 -8.52 10.90
CA LEU D 376 50.51 -7.76 11.15
C LEU D 376 51.00 -7.15 9.85
N VAL D 377 51.11 -7.97 8.81
CA VAL D 377 51.60 -7.50 7.52
C VAL D 377 50.54 -7.46 6.41
N SER D 378 50.67 -6.49 5.52
CA SER D 378 49.75 -6.35 4.39
C SER D 378 50.53 -6.08 3.10
N ILE D 379 50.43 -7.00 2.15
CA ILE D 379 51.10 -6.84 0.87
C ILE D 379 50.09 -6.31 -0.13
N TYR D 380 50.31 -5.09 -0.64
CA TYR D 380 49.37 -4.52 -1.60
C TYR D 380 49.87 -4.72 -3.02
N ILE D 381 48.95 -5.07 -3.92
CA ILE D 381 49.31 -5.30 -5.31
C ILE D 381 48.43 -4.51 -6.29
N PRO D 382 49.06 -3.64 -7.10
CA PRO D 382 48.34 -2.83 -8.09
C PRO D 382 48.42 -3.68 -9.36
N ALA D 383 47.34 -4.36 -9.68
CA ALA D 383 47.31 -5.26 -10.83
C ALA D 383 46.49 -4.81 -12.03
N TYR D 384 47.12 -4.87 -13.19
CA TYR D 384 46.46 -4.50 -14.42
C TYR D 384 46.89 -5.47 -15.52
N ASN D 385 45.91 -6.14 -16.12
CA ASN D 385 46.15 -7.11 -17.18
C ASN D 385 47.37 -7.98 -16.85
N CYS D 386 47.27 -8.65 -15.71
CA CYS D 386 48.31 -9.56 -15.20
C CYS D 386 47.66 -10.94 -15.00
N SER D 387 46.79 -11.30 -15.93
CA SER D 387 46.05 -12.55 -15.89
C SER D 387 46.85 -13.84 -15.66
N LYS D 388 48.03 -13.95 -16.28
CA LYS D 388 48.84 -15.15 -16.11
C LYS D 388 50.10 -15.04 -15.27
N TYR D 389 50.07 -14.16 -14.28
CA TYR D 389 51.20 -14.00 -13.39
C TYR D 389 50.61 -13.85 -11.99
N ILE D 390 49.51 -13.11 -11.94
CA ILE D 390 48.79 -12.80 -10.71
C ILE D 390 48.66 -13.89 -9.66
N VAL D 391 48.27 -15.10 -10.05
CA VAL D 391 48.13 -16.18 -9.08
C VAL D 391 49.49 -16.45 -8.46
N ARG D 392 50.50 -16.62 -9.30
CA ARG D 392 51.87 -16.87 -8.85
C ARG D 392 52.31 -15.73 -7.93
N CYS D 393 51.97 -14.51 -8.31
CA CYS D 393 52.32 -13.31 -7.55
C CYS D 393 51.76 -13.35 -6.14
N VAL D 394 50.46 -13.61 -6.03
CA VAL D 394 49.80 -13.66 -4.73
C VAL D 394 50.33 -14.80 -3.87
N GLU D 395 50.49 -15.98 -4.48
CA GLU D 395 50.97 -17.14 -3.73
C GLU D 395 52.36 -16.91 -3.16
N SER D 396 53.16 -16.11 -3.85
CA SER D 396 54.50 -15.80 -3.38
C SER D 396 54.39 -15.02 -2.05
N ALA D 397 53.23 -14.41 -1.82
CA ALA D 397 53.00 -13.65 -0.58
C ALA D 397 52.42 -14.58 0.46
N LEU D 398 51.51 -15.45 0.04
CA LEU D 398 50.87 -16.40 0.94
C LEU D 398 51.86 -17.44 1.46
N ASN D 399 52.85 -17.74 0.64
CA ASN D 399 53.87 -18.71 1.01
C ASN D 399 55.07 -17.95 1.54
N GLN D 400 54.90 -17.30 2.69
CA GLN D 400 55.95 -16.53 3.33
C GLN D 400 56.35 -17.13 4.67
N THR D 401 57.58 -16.88 5.07
CA THR D 401 58.09 -17.36 6.35
C THR D 401 57.17 -16.79 7.39
N ILE D 402 56.96 -15.48 7.33
CA ILE D 402 56.06 -14.80 8.26
C ILE D 402 54.63 -15.15 7.84
N THR D 403 53.89 -15.73 8.77
CA THR D 403 52.51 -16.17 8.55
C THR D 403 51.40 -15.16 8.88
N ASP D 404 51.72 -14.18 9.73
CA ASP D 404 50.78 -13.14 10.16
C ASP D 404 50.69 -12.05 9.06
N LEU D 405 50.01 -12.38 7.96
CA LEU D 405 49.91 -11.45 6.83
C LEU D 405 48.70 -11.68 5.92
N GLU D 406 48.34 -10.64 5.18
CA GLU D 406 47.19 -10.68 4.27
C GLU D 406 47.62 -10.08 2.95
N VAL D 407 46.83 -10.30 1.91
CA VAL D 407 47.16 -9.73 0.60
C VAL D 407 45.96 -8.93 0.08
N CYS D 408 46.22 -7.68 -0.29
CA CYS D 408 45.20 -6.77 -0.78
C CYS D 408 45.50 -6.40 -2.22
N ILE D 409 44.61 -6.74 -3.13
CA ILE D 409 44.81 -6.44 -4.53
C ILE D 409 43.83 -5.39 -5.06
N CYS D 410 44.30 -4.60 -6.01
CA CYS D 410 43.42 -3.61 -6.63
C CYS D 410 43.45 -3.84 -8.13
N ASP D 411 42.33 -4.33 -8.67
CA ASP D 411 42.23 -4.55 -10.10
C ASP D 411 41.91 -3.21 -10.74
N ASP D 412 42.93 -2.59 -11.31
CA ASP D 412 42.78 -1.28 -11.94
C ASP D 412 42.12 -1.26 -13.32
N GLY D 413 40.90 -1.78 -13.42
CA GLY D 413 40.19 -1.82 -14.69
C GLY D 413 40.80 -2.71 -15.74
N SER D 414 41.23 -3.90 -15.34
CA SER D 414 41.85 -4.84 -16.29
C SER D 414 40.93 -5.18 -17.45
N THR D 415 41.50 -5.30 -18.65
CA THR D 415 40.72 -5.64 -19.84
C THR D 415 40.75 -7.15 -20.06
N ASP D 416 41.68 -7.84 -19.41
CA ASP D 416 41.75 -9.29 -19.51
C ASP D 416 41.00 -9.76 -18.27
N ASP D 417 40.77 -11.05 -18.12
CA ASP D 417 40.02 -11.51 -16.96
C ASP D 417 40.79 -11.69 -15.66
N THR D 418 41.57 -10.67 -15.28
CA THR D 418 42.33 -10.72 -14.03
C THR D 418 41.37 -10.82 -12.85
N LEU D 419 40.32 -10.00 -12.89
CA LEU D 419 39.32 -10.00 -11.82
C LEU D 419 38.65 -11.37 -11.70
N ARG D 420 38.37 -11.99 -12.84
CA ARG D 420 37.73 -13.31 -12.85
C ARG D 420 38.62 -14.36 -12.18
N ILE D 421 39.91 -14.32 -12.46
CA ILE D 421 40.84 -15.27 -11.87
C ILE D 421 40.88 -15.02 -10.36
N LEU D 422 40.99 -13.75 -9.97
CA LEU D 422 41.04 -13.36 -8.57
C LEU D 422 39.83 -13.87 -7.83
N GLN D 423 38.70 -13.85 -8.50
CA GLN D 423 37.47 -14.32 -7.88
C GLN D 423 37.47 -15.84 -7.73
N GLU D 424 37.72 -16.55 -8.82
CA GLU D 424 37.71 -18.01 -8.74
C GLU D 424 38.84 -18.55 -7.87
N HIS D 425 39.74 -17.67 -7.43
CA HIS D 425 40.86 -18.09 -6.58
C HIS D 425 40.90 -17.47 -5.18
N TYR D 426 40.39 -16.25 -5.03
CA TYR D 426 40.47 -15.60 -3.73
C TYR D 426 39.19 -14.97 -3.18
N ALA D 427 38.06 -15.24 -3.80
CA ALA D 427 36.80 -14.67 -3.31
C ALA D 427 36.44 -15.21 -1.92
N ASN D 428 37.00 -16.36 -1.56
CA ASN D 428 36.71 -16.98 -0.28
C ASN D 428 37.95 -17.27 0.52
N HIS D 429 39.01 -16.53 0.22
CA HIS D 429 40.28 -16.72 0.91
C HIS D 429 40.33 -15.81 2.12
N PRO D 430 40.49 -16.38 3.32
CA PRO D 430 40.54 -15.57 4.54
C PRO D 430 41.78 -14.69 4.71
N ARG D 431 42.64 -14.63 3.70
CA ARG D 431 43.85 -13.81 3.80
C ARG D 431 44.06 -12.93 2.58
N VAL D 432 43.21 -13.10 1.57
CA VAL D 432 43.31 -12.30 0.38
C VAL D 432 42.01 -11.57 0.11
N ARG D 433 42.14 -10.26 -0.07
CA ARG D 433 41.01 -9.39 -0.35
C ARG D 433 41.44 -8.52 -1.51
N PHE D 434 40.54 -8.29 -2.44
CA PHE D 434 40.85 -7.49 -3.61
C PHE D 434 39.64 -6.67 -4.00
N ILE D 435 39.87 -5.52 -4.61
CA ILE D 435 38.77 -4.70 -5.05
C ILE D 435 39.03 -4.29 -6.48
N SER D 436 37.96 -3.91 -7.18
CA SER D 436 38.09 -3.51 -8.59
C SER D 436 37.63 -2.07 -8.79
N GLN D 437 38.20 -1.42 -9.80
CA GLN D 437 37.87 -0.05 -10.16
C GLN D 437 38.19 0.14 -11.64
N LYS D 438 37.93 1.32 -12.16
CA LYS D 438 38.20 1.59 -13.57
C LYS D 438 39.63 2.13 -13.70
N ASN D 439 40.28 1.77 -14.80
CA ASN D 439 41.65 2.16 -15.08
C ASN D 439 41.96 3.63 -14.74
N LYS D 440 42.78 3.83 -13.72
CA LYS D 440 43.16 5.16 -13.31
C LYS D 440 44.67 5.31 -13.25
N GLY D 441 45.37 4.19 -13.35
CA GLY D 441 46.82 4.23 -13.32
C GLY D 441 47.48 3.60 -12.11
N ILE D 442 48.80 3.48 -12.18
CA ILE D 442 49.60 2.90 -11.09
C ILE D 442 49.31 3.66 -9.81
N GLY D 443 49.55 4.96 -9.84
CA GLY D 443 49.32 5.81 -8.69
C GLY D 443 48.01 5.54 -7.98
N SER D 444 46.91 5.59 -8.73
CA SER D 444 45.59 5.37 -8.16
C SER D 444 45.38 3.92 -7.72
N ALA D 445 45.86 2.99 -8.55
CA ALA D 445 45.73 1.56 -8.26
C ALA D 445 46.37 1.25 -6.93
N SER D 446 47.53 1.84 -6.70
CA SER D 446 48.28 1.65 -5.47
C SER D 446 47.52 2.14 -4.25
N ASN D 447 47.03 3.38 -4.31
CA ASN D 447 46.30 3.95 -3.19
C ASN D 447 45.10 3.11 -2.82
N THR D 448 44.30 2.72 -3.81
CA THR D 448 43.12 1.90 -3.54
C THR D 448 43.45 0.65 -2.71
N ALA D 449 44.51 -0.05 -3.09
CA ALA D 449 44.93 -1.25 -2.39
C ALA D 449 45.41 -0.92 -0.97
N VAL D 450 46.31 0.06 -0.86
CA VAL D 450 46.85 0.46 0.45
C VAL D 450 45.76 0.81 1.46
N ARG D 451 44.64 1.34 0.98
CA ARG D 451 43.54 1.69 1.88
C ARG D 451 42.78 0.44 2.30
N LEU D 452 42.87 -0.61 1.50
CA LEU D 452 42.23 -1.90 1.79
C LEU D 452 43.00 -2.59 2.92
N CYS D 453 44.29 -2.27 3.01
CA CYS D 453 45.14 -2.86 4.01
C CYS D 453 44.71 -2.52 5.43
N ARG D 454 44.89 -3.49 6.33
CA ARG D 454 44.52 -3.30 7.72
C ARG D 454 45.70 -3.57 8.65
N GLY D 455 46.71 -4.30 8.18
CA GLY D 455 47.86 -4.59 9.00
C GLY D 455 48.65 -3.33 9.26
N PHE D 456 49.72 -3.43 10.05
CA PHE D 456 50.54 -2.25 10.33
C PHE D 456 51.68 -2.12 9.33
N TYR D 457 52.37 -3.22 9.04
CA TYR D 457 53.45 -3.19 8.07
C TYR D 457 52.91 -3.53 6.68
N ILE D 458 53.18 -2.61 5.75
CA ILE D 458 52.73 -2.73 4.37
C ILE D 458 53.88 -3.02 3.42
N GLY D 459 53.68 -3.98 2.52
CA GLY D 459 54.69 -4.33 1.54
C GLY D 459 54.20 -4.19 0.11
N GLN D 460 55.08 -3.78 -0.80
CA GLN D 460 54.71 -3.61 -2.20
C GLN D 460 55.14 -4.79 -3.08
N LEU D 461 54.19 -5.29 -3.87
CA LEU D 461 54.43 -6.42 -4.76
C LEU D 461 53.66 -6.20 -6.07
N ASP D 462 54.36 -5.87 -7.14
CA ASP D 462 53.69 -5.65 -8.42
C ASP D 462 53.09 -6.96 -8.95
N SER D 463 52.00 -6.85 -9.71
CA SER D 463 51.29 -8.03 -10.22
C SER D 463 52.03 -9.01 -11.13
N ASP D 464 53.17 -8.58 -11.69
CA ASP D 464 53.93 -9.46 -12.58
C ASP D 464 55.17 -10.07 -11.92
N ASP D 465 55.54 -9.54 -10.75
CA ASP D 465 56.71 -10.03 -10.02
C ASP D 465 56.32 -11.05 -8.95
N PHE D 466 57.29 -11.47 -8.16
CA PHE D 466 57.04 -12.41 -7.07
C PHE D 466 58.17 -12.43 -6.06
N LEU D 467 57.84 -12.78 -4.82
CA LEU D 467 58.79 -12.79 -3.69
C LEU D 467 59.40 -14.12 -3.26
N GLU D 468 60.43 -14.03 -2.43
CA GLU D 468 61.12 -15.17 -1.86
C GLU D 468 60.52 -15.39 -0.47
N PRO D 469 60.33 -16.65 -0.06
CA PRO D 469 59.78 -17.10 1.22
C PRO D 469 60.14 -16.33 2.49
N ASP D 470 61.32 -15.74 2.53
CA ASP D 470 61.76 -15.03 3.71
C ASP D 470 61.84 -13.51 3.55
N ALA D 471 61.30 -12.99 2.46
CA ALA D 471 61.36 -11.55 2.21
C ALA D 471 60.70 -10.72 3.31
N VAL D 472 59.46 -11.07 3.63
CA VAL D 472 58.72 -10.34 4.66
C VAL D 472 59.42 -10.40 6.02
N GLU D 473 59.93 -11.57 6.36
CA GLU D 473 60.62 -11.76 7.62
C GLU D 473 61.86 -10.88 7.76
N LEU D 474 62.79 -11.03 6.82
CA LEU D 474 64.02 -10.25 6.85
C LEU D 474 63.75 -8.77 7.08
N CYS D 475 62.69 -8.24 6.48
CA CYS D 475 62.35 -6.84 6.66
C CYS D 475 61.79 -6.60 8.07
N LEU D 476 61.01 -7.55 8.58
CA LEU D 476 60.45 -7.40 9.93
C LEU D 476 61.56 -7.38 10.98
N ASP D 477 62.61 -8.16 10.74
CA ASP D 477 63.71 -8.22 11.69
C ASP D 477 64.31 -6.84 11.85
N GLU D 478 64.55 -6.18 10.73
CA GLU D 478 65.13 -4.84 10.77
C GLU D 478 64.20 -3.84 11.43
N PHE D 479 62.91 -4.00 11.18
CA PHE D 479 61.89 -3.11 11.75
C PHE D 479 61.84 -3.19 13.27
N ARG D 480 61.99 -4.41 13.78
CA ARG D 480 61.97 -4.69 15.21
C ARG D 480 63.17 -4.10 15.95
N LYS D 481 64.34 -4.17 15.32
CA LYS D 481 65.56 -3.65 15.92
C LYS D 481 65.59 -2.13 16.00
N ASP D 482 64.73 -1.48 15.21
CA ASP D 482 64.65 -0.03 15.20
C ASP D 482 63.22 0.41 14.94
N LEU D 483 62.49 0.67 16.03
CA LEU D 483 61.09 1.08 15.95
C LEU D 483 60.86 2.44 15.34
N SER D 484 61.92 3.22 15.16
CA SER D 484 61.77 4.53 14.57
C SER D 484 61.83 4.43 13.05
N LEU D 485 62.30 3.26 12.59
CA LEU D 485 62.44 2.97 11.17
C LEU D 485 61.11 3.17 10.40
N ALA D 486 61.18 3.90 9.29
CA ALA D 486 60.01 4.18 8.46
C ALA D 486 59.90 3.26 7.26
N CYS D 487 61.06 2.81 6.79
CA CYS D 487 61.12 1.92 5.63
C CYS D 487 62.34 0.99 5.60
N VAL D 488 62.12 -0.26 5.17
CA VAL D 488 63.20 -1.23 5.01
C VAL D 488 63.02 -1.91 3.65
N TYR D 489 64.02 -1.77 2.80
CA TYR D 489 63.96 -2.37 1.47
C TYR D 489 65.16 -3.29 1.23
N THR D 490 64.91 -4.38 0.51
CA THR D 490 65.93 -5.36 0.17
C THR D 490 66.37 -5.04 -1.24
N THR D 491 67.03 -5.99 -1.90
CA THR D 491 67.42 -5.78 -3.28
C THR D 491 66.70 -6.83 -4.08
N ASN D 492 66.97 -6.86 -5.38
CA ASN D 492 66.27 -7.80 -6.23
C ASN D 492 67.14 -8.44 -7.29
N ARG D 493 66.48 -9.18 -8.17
CA ARG D 493 67.12 -9.86 -9.28
C ARG D 493 66.16 -9.76 -10.46
N ASN D 494 66.70 -9.53 -11.64
CA ASN D 494 65.90 -9.39 -12.85
C ASN D 494 65.59 -10.76 -13.44
N ILE D 495 64.30 -11.04 -13.56
CA ILE D 495 63.79 -12.31 -14.08
C ILE D 495 63.13 -12.10 -15.43
N ASP D 496 63.18 -13.14 -16.25
CA ASP D 496 62.58 -13.13 -17.57
C ASP D 496 61.11 -13.54 -17.38
N ARG D 497 60.21 -12.93 -18.14
CA ARG D 497 58.77 -13.23 -18.02
C ARG D 497 58.48 -14.74 -17.96
N GLU D 498 59.40 -15.54 -18.49
CA GLU D 498 59.26 -16.99 -18.49
C GLU D 498 59.72 -17.57 -17.15
N GLY D 499 60.61 -16.85 -16.47
CA GLY D 499 61.11 -17.30 -15.19
C GLY D 499 62.64 -17.38 -15.20
N ASN D 500 63.21 -17.34 -16.39
CA ASN D 500 64.66 -17.41 -16.55
C ASN D 500 65.41 -16.20 -16.01
N LEU D 501 66.35 -16.45 -15.10
CA LEU D 501 67.16 -15.41 -14.51
C LEU D 501 67.89 -14.59 -15.57
N ILE D 502 67.73 -13.27 -15.53
CA ILE D 502 68.37 -12.37 -16.48
C ILE D 502 69.64 -11.74 -15.89
N SER D 503 69.48 -11.14 -14.72
CA SER D 503 70.59 -10.49 -14.02
C SER D 503 70.15 -10.03 -12.63
N ASN D 504 71.12 -9.73 -11.77
CA ASN D 504 70.80 -9.25 -10.43
C ASN D 504 70.40 -7.80 -10.57
N GLY D 505 69.33 -7.40 -9.88
CA GLY D 505 68.89 -6.04 -9.98
C GLY D 505 69.90 -5.08 -9.37
N TYR D 506 69.79 -3.81 -9.76
CA TYR D 506 70.68 -2.78 -9.26
C TYR D 506 70.67 -2.81 -7.73
N ASN D 507 71.84 -2.62 -7.12
CA ASN D 507 71.96 -2.64 -5.66
C ASN D 507 72.95 -1.63 -5.06
N TRP D 508 72.42 -0.65 -4.35
CA TRP D 508 73.22 0.35 -3.69
C TRP D 508 73.19 -0.07 -2.22
N PRO D 509 74.35 -0.50 -1.67
CA PRO D 509 74.58 -0.98 -0.29
C PRO D 509 74.06 -0.22 0.93
N ILE D 510 74.44 1.05 1.08
CA ILE D 510 74.02 1.84 2.24
C ILE D 510 72.98 2.90 1.90
N TYR D 511 71.91 2.95 2.69
CA TYR D 511 70.87 3.92 2.46
C TYR D 511 71.33 5.34 2.80
N SER D 512 70.62 6.32 2.25
CA SER D 512 70.90 7.73 2.48
C SER D 512 69.86 8.60 1.78
N ARG D 513 69.41 9.66 2.46
CA ARG D 513 68.43 10.57 1.88
C ARG D 513 69.10 11.32 0.76
N GLU D 514 70.31 11.78 1.04
CA GLU D 514 71.09 12.52 0.06
C GLU D 514 71.24 11.68 -1.21
N LYS D 515 71.48 10.39 -1.05
CA LYS D 515 71.64 9.51 -2.20
C LYS D 515 70.32 9.28 -2.94
N LEU D 516 69.27 9.02 -2.18
CA LEU D 516 67.95 8.78 -2.73
C LEU D 516 67.45 10.01 -3.49
N THR D 517 67.59 11.18 -2.88
CA THR D 517 67.16 12.41 -3.52
C THR D 517 67.95 12.62 -4.81
N SER D 518 69.18 12.10 -4.85
CA SER D 518 70.01 12.23 -6.04
C SER D 518 69.69 11.13 -7.05
N ALA D 519 69.33 9.96 -6.55
CA ALA D 519 69.00 8.83 -7.42
C ALA D 519 68.05 7.82 -6.77
N MET D 520 67.28 7.12 -7.60
CA MET D 520 66.33 6.14 -7.09
C MET D 520 67.06 4.89 -6.64
N ILE D 521 67.52 4.90 -5.40
CA ILE D 521 68.26 3.76 -4.84
C ILE D 521 67.40 2.78 -4.03
N CYS D 522 66.15 3.15 -3.77
CA CYS D 522 65.24 2.30 -3.01
C CYS D 522 64.72 1.13 -3.85
N HIS D 523 65.56 0.08 -3.94
CA HIS D 523 65.26 -1.12 -4.71
C HIS D 523 64.01 -1.83 -4.25
N HIS D 524 63.69 -2.95 -4.87
CA HIS D 524 62.43 -3.59 -4.46
C HIS D 524 62.79 -4.65 -3.49
N PHE D 525 62.24 -4.94 -2.37
CA PHE D 525 60.90 -5.14 -2.06
C PHE D 525 60.87 -4.15 -1.03
N ARG D 526 59.83 -3.35 -1.00
CA ARG D 526 59.79 -2.31 -0.08
C ARG D 526 58.76 -2.60 0.89
N MET D 527 59.06 -2.39 2.16
CA MET D 527 58.07 -2.55 3.20
C MET D 527 58.12 -1.22 3.88
N PHE D 528 56.99 -0.78 4.40
CA PHE D 528 56.95 0.48 5.10
C PHE D 528 55.82 0.44 6.10
N THR D 529 55.90 1.36 7.03
CA THR D 529 54.91 1.47 8.08
C THR D 529 53.61 2.09 7.58
N ALA D 530 52.50 1.65 8.17
CA ALA D 530 51.19 2.17 7.82
C ALA D 530 51.13 3.63 8.28
N ARG D 531 51.47 3.84 9.55
CA ARG D 531 51.45 5.18 10.13
C ARG D 531 52.22 6.15 9.24
N ALA D 532 53.42 5.74 8.84
CA ALA D 532 54.28 6.55 8.00
C ALA D 532 53.68 6.88 6.66
N TRP D 533 52.92 5.94 6.09
CA TRP D 533 52.31 6.18 4.81
C TRP D 533 51.27 7.29 4.96
N ASN D 534 50.50 7.19 6.05
CA ASN D 534 49.48 8.17 6.32
C ASN D 534 50.09 9.54 6.59
N LEU D 535 51.36 9.55 6.95
CA LEU D 535 52.04 10.81 7.18
C LEU D 535 52.43 11.46 5.85
N THR D 536 52.04 10.83 4.75
CA THR D 536 52.34 11.39 3.43
C THR D 536 51.05 11.68 2.71
N GLU D 537 51.14 12.16 1.47
CA GLU D 537 49.93 12.43 0.70
C GLU D 537 49.63 11.29 -0.27
N GLY D 538 50.15 10.10 0.04
CA GLY D 538 49.90 8.95 -0.80
C GLY D 538 50.60 8.93 -2.15
N PHE D 539 50.23 7.97 -2.99
CA PHE D 539 50.84 7.84 -4.31
C PHE D 539 50.37 8.93 -5.26
N ASN D 540 51.27 9.36 -6.13
CA ASN D 540 50.98 10.39 -7.13
C ASN D 540 50.08 9.79 -8.21
N GLU D 541 48.80 10.17 -8.21
CA GLU D 541 47.86 9.64 -9.19
C GLU D 541 47.86 10.41 -10.51
N SER D 542 48.90 11.21 -10.72
CA SER D 542 49.00 12.02 -11.93
C SER D 542 50.01 11.53 -12.97
N ILE D 543 51.13 10.98 -12.51
CA ILE D 543 52.19 10.50 -13.40
C ILE D 543 52.02 9.05 -13.85
N SER D 544 52.75 8.68 -14.91
CA SER D 544 52.69 7.33 -15.46
C SER D 544 53.93 6.51 -15.14
N ASN D 545 54.84 7.11 -14.38
CA ASN D 545 56.07 6.45 -13.99
C ASN D 545 56.78 7.28 -12.93
N ALA D 546 57.71 6.64 -12.20
CA ALA D 546 58.47 7.26 -11.12
C ALA D 546 57.53 7.42 -9.93
N VAL D 547 56.41 6.70 -10.02
CA VAL D 547 55.38 6.69 -8.98
C VAL D 547 55.93 6.14 -7.68
N ASP D 548 56.73 5.08 -7.81
CA ASP D 548 57.35 4.43 -6.67
C ASP D 548 58.38 5.37 -6.05
N TYR D 549 59.15 6.04 -6.92
CA TYR D 549 60.18 7.00 -6.52
C TYR D 549 59.53 8.15 -5.74
N ASP D 550 58.45 8.69 -6.28
CA ASP D 550 57.72 9.78 -5.62
C ASP D 550 57.23 9.31 -4.25
N MET D 551 56.83 8.04 -4.17
CA MET D 551 56.31 7.50 -2.92
C MET D 551 57.39 7.33 -1.85
N TYR D 552 58.47 6.66 -2.20
CA TYR D 552 59.53 6.44 -1.24
C TYR D 552 60.25 7.74 -0.96
N LEU D 553 60.15 8.66 -1.90
CA LEU D 553 60.80 9.94 -1.70
C LEU D 553 60.00 10.66 -0.62
N LYS D 554 58.70 10.43 -0.58
CA LYS D 554 57.84 11.05 0.43
C LYS D 554 58.09 10.44 1.81
N LEU D 555 58.18 9.11 1.84
CA LEU D 555 58.43 8.40 3.09
C LEU D 555 59.76 8.80 3.69
N SER D 556 60.73 9.09 2.82
CA SER D 556 62.06 9.48 3.27
C SER D 556 62.06 10.82 4.00
N GLU D 557 60.96 11.55 3.89
CA GLU D 557 60.81 12.84 4.55
C GLU D 557 60.20 12.66 5.96
N VAL D 558 59.69 11.47 6.23
CA VAL D 558 59.01 11.15 7.47
C VAL D 558 59.80 10.30 8.49
N GLY D 559 60.72 9.48 8.00
CA GLY D 559 61.49 8.65 8.91
C GLY D 559 62.74 8.07 8.28
N PRO D 560 63.60 7.42 9.06
CA PRO D 560 64.83 6.85 8.50
C PRO D 560 64.50 5.56 7.77
N PHE D 561 65.35 5.19 6.82
CA PHE D 561 65.16 3.97 6.05
C PHE D 561 66.27 2.99 6.42
N LYS D 562 66.05 1.73 6.07
CA LYS D 562 67.02 0.67 6.35
C LYS D 562 67.01 -0.28 5.15
N HIS D 563 68.19 -0.57 4.61
CA HIS D 563 68.30 -1.47 3.47
C HIS D 563 69.03 -2.76 3.79
N ILE D 564 68.51 -3.86 3.25
CA ILE D 564 69.09 -5.19 3.44
C ILE D 564 69.70 -5.58 2.11
N ASN D 565 70.93 -6.06 2.12
CA ASN D 565 71.57 -6.45 0.87
C ASN D 565 71.29 -7.92 0.55
N LYS D 566 70.03 -8.21 0.25
CA LYS D 566 69.59 -9.56 -0.08
C LYS D 566 68.72 -9.53 -1.32
N ILE D 567 68.74 -10.63 -2.06
CA ILE D 567 67.91 -10.73 -3.24
C ILE D 567 66.62 -11.39 -2.76
N CYS D 568 65.63 -10.58 -2.46
CA CYS D 568 64.36 -11.07 -1.96
C CYS D 568 63.20 -10.83 -2.91
N TYR D 569 63.49 -10.34 -4.10
CA TYR D 569 62.45 -10.03 -5.09
C TYR D 569 62.82 -10.55 -6.49
N ASN D 570 61.79 -10.87 -7.27
CA ASN D 570 61.94 -11.40 -8.63
C ASN D 570 61.25 -10.49 -9.64
N ARG D 571 61.95 -9.45 -10.06
CA ARG D 571 61.41 -8.48 -11.00
C ARG D 571 61.36 -9.03 -12.43
N VAL D 572 60.36 -8.63 -13.19
CA VAL D 572 60.24 -9.07 -14.57
C VAL D 572 60.55 -7.90 -15.51
N LEU D 573 61.47 -8.13 -16.44
CA LEU D 573 61.83 -7.10 -17.42
C LEU D 573 61.01 -7.41 -18.66
N HIS D 574 60.57 -6.35 -19.35
CA HIS D 574 59.77 -6.54 -20.55
C HIS D 574 60.48 -5.99 -21.78
N ASP D 584 59.28 8.09 -24.35
CA ASP D 584 60.48 8.20 -23.51
C ASP D 584 60.88 9.65 -23.30
N ILE D 585 59.92 10.55 -23.53
CA ILE D 585 60.14 11.99 -23.36
C ILE D 585 59.82 12.30 -21.89
N GLN D 586 58.72 11.69 -21.42
CA GLN D 586 58.22 11.85 -20.06
C GLN D 586 58.94 10.96 -19.05
N LYS D 587 59.56 9.88 -19.52
CA LYS D 587 60.27 8.97 -18.63
C LYS D 587 61.33 9.71 -17.83
N GLU D 588 62.21 10.44 -18.51
CA GLU D 588 63.25 11.18 -17.80
C GLU D 588 62.63 12.42 -17.16
N ASN D 589 61.54 12.92 -17.75
CA ASN D 589 60.84 14.10 -17.26
C ASN D 589 60.21 13.81 -15.89
N HIS D 590 59.33 12.81 -15.84
CA HIS D 590 58.67 12.45 -14.58
C HIS D 590 59.68 12.11 -13.50
N PHE D 591 60.85 11.64 -13.92
CA PHE D 591 61.91 11.29 -12.99
C PHE D 591 62.39 12.53 -12.25
N LYS D 592 62.86 13.52 -13.00
CA LYS D 592 63.36 14.78 -12.43
C LYS D 592 62.33 15.56 -11.63
N VAL D 593 61.10 15.61 -12.12
CA VAL D 593 60.03 16.35 -11.44
C VAL D 593 59.82 15.83 -10.02
N VAL D 594 60.03 14.52 -9.82
CA VAL D 594 59.83 13.90 -8.52
C VAL D 594 60.74 14.46 -7.41
N ASN D 595 62.02 14.64 -7.71
CA ASN D 595 62.95 15.17 -6.72
C ASN D 595 62.57 16.62 -6.48
N GLU D 596 62.07 17.26 -7.53
CA GLU D 596 61.66 18.65 -7.44
C GLU D 596 60.52 18.73 -6.44
N SER D 597 59.48 17.94 -6.67
CA SER D 597 58.34 17.94 -5.75
C SER D 597 58.84 17.66 -4.34
N LEU D 598 59.91 16.88 -4.25
CA LEU D 598 60.48 16.52 -2.96
C LEU D 598 60.73 17.82 -2.20
N SER D 599 61.00 18.88 -2.95
CA SER D 599 61.23 20.18 -2.34
C SER D 599 59.92 20.82 -1.92
N ARG D 600 59.28 20.11 -0.99
CA ARG D 600 58.04 20.47 -0.31
C ARG D 600 58.61 20.46 1.10
N LEU D 601 59.94 20.36 1.14
CA LEU D 601 60.74 20.38 2.35
C LEU D 601 61.27 21.82 2.46
N GLY D 602 60.82 22.66 1.52
CA GLY D 602 61.21 24.06 1.52
C GLY D 602 62.40 24.47 0.68
N ILE D 603 63.25 23.51 0.33
CA ILE D 603 64.43 23.81 -0.46
C ILE D 603 64.11 24.59 -1.73
N LYS D 604 64.73 25.76 -1.85
CA LYS D 604 64.53 26.64 -3.01
C LYS D 604 65.82 27.15 -3.61
N LYS D 605 66.87 27.28 -2.80
CA LYS D 605 68.14 27.77 -3.32
C LYS D 605 68.71 26.83 -4.38
N TYR D 606 68.26 25.59 -4.37
CA TYR D 606 68.73 24.62 -5.34
C TYR D 606 67.65 23.98 -6.20
N LYS D 607 68.07 23.46 -7.34
CA LYS D 607 67.18 22.81 -8.30
C LYS D 607 67.90 21.53 -8.71
N TYR D 608 67.15 20.54 -9.14
CA TYR D 608 67.75 19.27 -9.56
C TYR D 608 67.52 19.12 -11.06
N SER D 609 68.53 19.50 -11.85
CA SER D 609 68.42 19.46 -13.31
C SER D 609 69.21 18.35 -14.01
N PRO D 610 68.75 17.96 -15.22
CA PRO D 610 69.40 16.93 -16.04
C PRO D 610 70.73 17.47 -16.56
N LEU D 611 71.74 16.61 -16.59
CA LEU D 611 73.05 17.03 -17.08
C LEU D 611 73.12 16.82 -18.60
N THR D 612 72.04 16.29 -19.17
CA THR D 612 71.97 16.02 -20.60
C THR D 612 70.56 16.28 -21.12
N ASN D 613 70.26 15.69 -22.28
CA ASN D 613 68.94 15.80 -22.88
C ASN D 613 68.65 14.45 -23.56
N LEU D 614 69.49 13.47 -23.28
CA LEU D 614 69.32 12.13 -23.83
C LEU D 614 68.05 11.56 -23.20
N ASN D 615 67.11 11.13 -24.04
CA ASN D 615 65.84 10.57 -23.57
C ASN D 615 65.97 9.59 -22.42
N GLU D 616 67.18 9.09 -22.18
CA GLU D 616 67.39 8.13 -21.11
C GLU D 616 68.59 8.40 -20.21
N CYS D 617 69.03 9.66 -20.18
CA CYS D 617 70.16 10.06 -19.35
C CYS D 617 69.68 10.48 -17.96
N ARG D 618 70.06 9.70 -16.95
CA ARG D 618 69.66 10.01 -15.57
C ARG D 618 70.68 10.82 -14.81
N LYS D 619 71.81 11.14 -15.44
CA LYS D 619 72.83 11.95 -14.81
C LYS D 619 72.23 13.32 -14.51
N TYR D 620 72.52 13.82 -13.32
CA TYR D 620 71.97 15.10 -12.88
C TYR D 620 73.01 16.17 -12.54
N THR D 621 72.49 17.34 -12.18
CA THR D 621 73.29 18.49 -11.80
C THR D 621 72.41 19.40 -10.96
N TRP D 622 72.92 19.83 -9.81
CA TRP D 622 72.17 20.71 -8.94
C TRP D 622 72.39 22.16 -9.33
N GLU D 623 71.61 22.63 -10.29
CA GLU D 623 71.75 24.00 -10.75
C GLU D 623 71.45 24.97 -9.61
N LYS D 624 71.98 26.18 -9.71
CA LYS D 624 71.78 27.21 -8.71
C LYS D 624 70.54 28.02 -9.09
N ILE D 625 69.71 28.33 -8.10
CA ILE D 625 68.50 29.10 -8.34
C ILE D 625 68.09 29.91 -7.10
C1' UGA E . -61.44 -11.03 12.79
C2' UGA E . -60.07 -10.98 12.10
O2' UGA E . -59.06 -11.51 12.97
C3' UGA E . -59.70 -9.55 11.69
O3' UGA E . -58.43 -9.49 11.02
C4' UGA E . -60.81 -9.01 10.78
O4' UGA E . -60.50 -7.69 10.35
C5' UGA E . -62.11 -9.00 11.58
O5' UGA E . -62.45 -10.32 12.04
C6' UGA E . -63.20 -8.40 10.71
O'P UGA E . -64.39 -9.15 10.46
O'Q UGA E . -63.10 -7.15 10.19
PB UGA E . -62.49 -10.45 15.24
O1B UGA E . -63.29 -11.75 15.28
O2B UGA E . -63.27 -9.17 15.01
O3B UGA E . -61.32 -10.54 14.12
O3A UGA E . -61.58 -10.23 16.57
PA UGA E . -60.97 -11.34 17.60
O1A UGA E . -61.37 -12.75 17.23
O2A UGA E . -61.23 -10.86 19.01
O5D UGA E . -59.39 -11.18 17.37
C5D UGA E . -58.82 -11.59 16.14
C4D UGA E . -57.58 -12.42 16.40
O4D UGA E . -56.65 -11.62 17.13
C3D UGA E . -57.84 -13.68 17.21
O3D UGA E . -57.29 -14.80 16.49
C2D UGA E . -57.05 -13.51 18.48
O2D UGA E . -56.40 -14.75 18.78
C1D UGA E . -56.02 -12.44 18.11
N1 UGA E . -55.51 -11.58 19.18
C6 UGA E . -56.35 -10.84 19.92
C2 UGA E . -54.17 -11.51 19.35
O2 UGA E . -53.40 -12.20 18.62
N3 UGA E . -53.64 -10.72 20.30
C4 UGA E . -54.44 -9.97 21.09
O4 UGA E . -53.93 -9.23 21.99
C5 UGA E . -55.82 -10.02 20.92
C1' UGA F . -40.38 9.52 -26.55
C2' UGA F . -41.40 9.41 -25.42
O2' UGA F . -41.82 10.69 -25.00
C3' UGA F . -40.70 8.74 -24.26
O3' UGA F . -41.49 8.77 -23.09
C4' UGA F . -40.33 7.33 -24.66
O4' UGA F . -39.65 6.70 -23.57
C5' UGA F . -39.43 7.42 -25.91
O5' UGA F . -40.10 8.17 -26.95
C6' UGA F . -38.96 6.07 -26.39
O'P UGA F . -39.21 5.72 -27.74
O'Q UGA F . -38.29 5.24 -25.60
PB UGA F . -38.17 11.08 -26.72
O1B UGA F . -38.45 12.46 -26.18
O2B UGA F . -38.12 10.74 -28.17
O3B UGA F . -39.18 10.07 -25.98
O3A UGA F . -36.69 10.65 -26.21
PA UGA F . -35.98 11.33 -24.93
O1A UGA F . -36.75 12.57 -24.49
O2A UGA F . -34.50 11.52 -25.21
O5D UGA F . -36.09 10.11 -23.87
C5D UGA F . -37.15 9.93 -22.91
C4D UGA F . -36.60 10.03 -21.49
O4D UGA F . -35.53 9.11 -21.30
C3D UGA F . -36.04 11.41 -21.17
O3D UGA F . -36.54 11.79 -19.90
C2D UGA F . -34.53 11.23 -21.10
O2D UGA F . -33.87 12.15 -20.22
C1D UGA F . -34.41 9.77 -20.68
N1 UGA F . -33.20 9.15 -21.17
C6 UGA F . -32.90 9.17 -22.47
C2 UGA F . -32.39 8.52 -20.32
O2 UGA F . -32.65 8.49 -19.09
N3 UGA F . -31.26 7.92 -20.77
C4 UGA F . -30.92 7.94 -22.07
O4 UGA F . -29.88 7.38 -22.45
C5 UGA F . -31.74 8.57 -22.97
MN MN G . -63.20 -13.59 16.43
MN MN H . -37.61 14.49 -24.81
N1 UDP I . -30.99 -31.92 21.28
C2 UDP I . -32.17 -31.92 20.54
N3 UDP I . -32.92 -33.06 20.47
C4 UDP I . -32.55 -34.17 21.13
C5 UDP I . -31.36 -34.18 21.87
C6 UDP I . -30.61 -33.03 21.93
O2 UDP I . -32.57 -30.93 19.93
O4 UDP I . -33.26 -35.20 21.09
C1' UDP I . -30.19 -30.68 21.33
C2' UDP I . -29.77 -30.22 22.73
O2' UDP I . -30.73 -29.42 23.39
C3' UDP I . -28.52 -29.42 22.44
C4' UDP I . -27.91 -30.16 21.25
O4' UDP I . -28.95 -30.95 20.68
O3' UDP I . -28.88 -28.10 22.00
C5' UDP I . -26.76 -31.08 21.59
O5' UDP I . -27.09 -32.00 22.65
PA UDP I . -25.90 -32.37 23.67
O1A UDP I . -26.21 -33.71 24.28
O2A UDP I . -25.65 -31.15 24.56
O3A UDP I . -24.67 -32.53 22.66
PB UDP I . -23.14 -32.71 23.12
O1B UDP I . -22.88 -31.68 24.20
O2B UDP I . -22.41 -32.47 21.83
O3B UDP I . -23.13 -34.14 23.62
C1' UGA J . -14.42 -22.54 -28.31
C2' UGA J . -13.78 -23.27 -27.14
O2' UGA J . -13.37 -24.58 -27.51
C3' UGA J . -14.87 -23.37 -26.08
O3' UGA J . -14.37 -24.13 -24.98
C4' UGA J . -15.35 -21.97 -25.68
O4' UGA J . -16.51 -22.08 -24.87
C5' UGA J . -15.71 -21.10 -26.90
O5' UGA J . -14.69 -21.20 -27.89
C6' UGA J . -15.89 -19.65 -26.51
O'P UGA J . -15.08 -18.64 -27.14
O'Q UGA J . -16.81 -19.28 -25.60
PB UGA J . -16.06 -23.39 -30.20
O1B UGA J . -15.70 -24.81 -30.53
O2B UGA J . -15.47 -22.24 -30.97
O3B UGA J . -15.64 -23.17 -28.66
O3A UGA J . -17.64 -23.12 -30.18
PA UGA J . -18.80 -24.22 -30.17
O1A UGA J . -18.25 -25.61 -30.30
O2A UGA J . -19.85 -23.79 -31.17
O5D UGA J . -19.48 -23.97 -28.73
C5D UGA J . -18.91 -24.27 -27.46
C4D UGA J . -19.91 -25.14 -26.69
O4D UGA J . -21.09 -24.39 -26.39
C3D UGA J . -20.35 -26.33 -27.51
O3D UGA J . -20.30 -27.49 -26.65
C2D UGA J . -21.77 -25.97 -27.95
O2D UGA J . -22.59 -27.12 -28.11
C1D UGA J . -22.28 -25.04 -26.87
N1 UGA J . -23.20 -24.00 -27.34
C6 UGA J . -22.85 -23.29 -28.45
C2 UGA J . -24.35 -23.69 -26.67
O2 UGA J . -24.71 -24.30 -25.64
N3 UGA J . -25.16 -22.71 -27.11
C4 UGA J . -24.86 -22.00 -28.23
O4 UGA J . -25.64 -21.09 -28.61
C5 UGA J . -23.70 -22.29 -28.92
MN MN K . -24.02 -30.25 25.40
MN MN L . -16.57 -26.84 -30.63
N1 UDP M . 9.00 21.28 22.37
C2 UDP M . 10.32 21.42 22.84
N3 UDP M . 10.64 22.44 23.72
C4 UDP M . 9.67 23.30 24.13
C5 UDP M . 8.37 23.15 23.67
C6 UDP M . 8.05 22.14 22.78
O2 UDP M . 11.23 20.66 22.49
O4 UDP M . 9.90 24.21 24.95
C1' UDP M . 8.65 20.23 21.42
C2' UDP M . 7.60 19.24 21.92
O2' UDP M . 8.25 18.11 22.52
C3' UDP M . 6.88 18.80 20.66
C4' UDP M . 7.23 19.85 19.59
O4' UDP M . 8.12 20.78 20.21
O3' UDP M . 7.40 17.55 20.23
C5' UDP M . 6.00 20.60 19.12
O5' UDP M . 5.38 21.11 20.28
PA UDP M . 3.81 20.93 20.52
O1A UDP M . 3.50 21.54 21.88
O2A UDP M . 3.43 19.50 20.23
O3A UDP M . 3.29 21.92 19.38
PB UDP M . 1.98 21.69 18.49
O1B UDP M . 1.38 20.37 18.88
O2B UDP M . 2.57 21.67 17.10
O3B UDP M . 1.18 22.95 18.77
C1' UGA N . 34.56 31.27 -23.00
C2' UGA N . 33.26 31.52 -22.24
O2' UGA N . 32.95 32.90 -22.19
C3' UGA N . 33.50 31.07 -20.81
O3' UGA N . 32.43 31.45 -19.96
C4' UGA N . 33.72 29.56 -20.81
O4' UGA N . 33.96 29.14 -19.47
C5' UGA N . 34.93 29.28 -21.72
O5' UGA N . 34.70 29.84 -23.04
C6' UGA N . 35.29 27.82 -21.78
O'P UGA N . 35.37 27.18 -23.06
O'Q UGA N . 35.56 27.11 -20.66
PB UGA N . 36.96 32.51 -22.78
O1B UGA N . 36.77 34.00 -22.63
O2B UGA N . 37.33 31.85 -24.06
O3B UGA N . 35.63 31.82 -22.21
O3A UGA N . 38.14 32.06 -21.77
PA UGA N . 38.59 32.93 -20.50
O1A UGA N . 37.94 34.31 -20.56
O2A UGA N . 40.10 32.90 -20.35
O5D UGA N . 37.98 32.00 -19.31
C5D UGA N . 36.69 32.15 -18.70
C4D UGA N . 36.85 32.53 -17.22
O4D UGA N . 37.66 31.55 -16.55
C3D UGA N . 37.52 33.87 -17.01
O3D UGA N . 36.76 34.58 -16.05
C2D UGA N . 38.89 33.55 -16.47
O2D UGA N . 39.43 34.58 -15.61
C1D UGA N . 38.65 32.23 -15.76
N1 UGA N . 39.83 31.37 -15.74
C6 UGA N . 40.47 31.08 -16.87
C2 UGA N . 40.27 30.89 -14.57
O2 UGA N . 39.68 31.16 -13.50
N3 UGA N . 41.35 30.10 -14.54
C4 UGA N . 42.03 29.78 -15.67
O4 UGA N . 43.04 29.03 -15.61
C5 UGA N . 41.60 30.26 -16.87
MN MN O . 1.45 18.54 19.34
MN MN P . 36.56 35.82 -21.45
C1' UGA Q . 40.13 3.57 34.16
C2' UGA Q . 39.75 3.74 32.69
O2' UGA Q . 38.32 3.66 32.58
C3' UGA Q . 40.47 2.71 31.82
O3' UGA Q . 40.22 2.98 30.43
C4' UGA Q . 41.97 2.73 32.08
O4' UGA Q . 42.66 1.69 31.37
C5' UGA Q . 42.26 2.62 33.58
O5' UGA Q . 41.56 3.67 34.28
C6' UGA Q . 43.72 2.60 33.95
O'P UGA Q . 44.23 3.56 34.88
O'Q UGA Q . 44.56 1.69 33.42
PB UGA Q . 39.57 1.83 36.17
O1B UGA Q . 39.70 2.98 37.15
O2B UGA Q . 40.47 0.61 36.27
O3B UGA Q . 39.64 2.30 34.64
O3A UGA Q . 38.07 1.27 36.27
PA UGA Q . 36.77 1.98 36.91
O1A UGA Q . 36.96 3.40 37.38
O2A UGA Q . 36.21 0.97 37.87
O5D UGA Q . 35.82 1.99 35.61
C5D UGA Q . 36.22 2.72 34.45
C4D UGA Q . 35.03 3.48 33.88
O4D UGA Q . 34.10 2.48 33.48
C3D UGA Q . 34.28 4.36 34.87
O3D UGA Q . 34.16 5.70 34.34
C2D UGA Q . 32.93 3.69 35.02
O2D UGA Q . 31.89 4.64 35.19
C1D UGA Q . 32.78 2.93 33.72
N1 UGA Q . 31.83 1.80 33.72
C6 UGA Q . 31.98 0.78 34.62
C2 UGA Q . 30.82 1.78 32.82
O2 UGA Q . 30.69 2.72 32.00
N3 UGA Q . 29.92 0.76 32.80
C4 UGA Q . 30.04 -0.27 33.68
O4 UGA Q . 29.21 -1.21 33.65
C5 UGA Q . 31.08 -0.28 34.62
C1' UGA R . 58.46 0.04 -12.39
C2' UGA R . 58.61 -0.30 -10.90
O2' UGA R . 58.88 -1.68 -10.70
C3' UGA R . 57.33 0.02 -10.16
O3' UGA R . 57.51 -0.28 -8.75
C4' UGA R . 56.90 1.47 -10.38
O4' UGA R . 55.59 1.64 -9.83
C5' UGA R . 56.90 1.87 -11.86
O5' UGA R . 58.10 1.43 -12.52
C6' UGA R . 56.82 3.37 -12.01
O'P UGA R . 57.85 4.06 -12.72
O'Q UGA R . 55.78 4.07 -11.51
PB UGA R . 57.47 -1.50 -14.37
O1B UGA R . 57.57 -2.98 -14.16
O2B UGA R . 58.41 -0.84 -15.34
O3B UGA R . 57.43 -0.75 -12.96
O3A UGA R . 55.99 -1.13 -14.91
PA UGA R . 54.67 -2.03 -14.64
O1A UGA R . 55.05 -3.47 -14.32
O2A UGA R . 53.75 -1.75 -15.79
O5D UGA R . 53.90 -1.32 -13.41
C5D UGA R . 54.01 -1.67 -12.03
C4D UGA R . 52.68 -2.21 -11.47
O4D UGA R . 51.58 -1.33 -11.71
C3D UGA R . 52.32 -3.56 -12.10
O3D UGA R . 51.91 -4.41 -11.03
C2D UGA R . 51.15 -3.22 -13.01
O2D UGA R . 50.27 -4.31 -13.22
C1D UGA R . 50.48 -2.06 -12.29
N1 UGA R . 49.69 -1.18 -13.15
C6 UGA R . 50.11 -0.85 -14.40
C2 UGA R . 48.54 -0.66 -12.68
O2 UGA R . 48.16 -0.94 -11.53
N3 UGA R . 47.80 0.17 -13.44
C4 UGA R . 48.19 0.52 -14.69
O4 UGA R . 47.48 1.29 -15.37
C5 UGA R . 49.36 0.00 -15.20
MN MN S . 38.64 4.44 38.25
MN MN T . 56.57 -4.97 -13.70
#